data_8VJH
#
_entry.id   8VJH
#
_cell.length_a   1.00
_cell.length_b   1.00
_cell.length_c   1.00
_cell.angle_alpha   90.00
_cell.angle_beta   90.00
_cell.angle_gamma   90.00
#
_symmetry.space_group_name_H-M   'P 1'
#
loop_
_entity.id
_entity.type
_entity.pdbx_description
1 polymer 'Minor tail protein'
2 polymer 'Distal tail protein'
3 polymer 'Baseplate hub 1 protein, gp27'
4 polymer 'Tail Tube'
5 polymer 'Tape measure'
6 polymer 'Tail assembly protein 1'
7 non-polymer 'FE (III) ION'
#
loop_
_entity_poly.entity_id
_entity_poly.type
_entity_poly.pdbx_seq_one_letter_code
_entity_poly.pdbx_strand_id
1 'polypeptide(L)'
;MGSKSKKVTVGYKYYMGLFMGLFRGPVNEITEIRVGDRTAWTGSITGNTTIQINKESLFGGTKAEGGIDGPLEVYMGAPT
QTVSQKLKNMLGGRQPEFRGVVTAYFDGLICAMNPYPKQWKFKARRSTAGWTGGVWYPEKCLVKMQGYDGQGNQHEIHAM
NPAHILYECQSNYEWGRGLSRTLIDDTTFRLAADTLFNENFGLCIRWNRQDTLESFMQLILDHIGGAMYVSKVTGKLSLR
LIRKDYDFDTLPIFDTDSGLLSIQEATNASPANLVNEVVVTYHNPVMDEDQQVRSHNLAQIQNQGCLNSNTIEYLGIPTG
KLAMQVAQRDLRAASTNVRRFTVICDRRAWNVQPGDVLKVRDPKQRGLTEVVIRVGTVEDGTLPDGKIKVVALQDQFAFQ
LNTFNQVEPPAGYEPNLTPAIARRIVYEMPYVDLVQQLPDGELNAVGPNDAFINSQAEKPTDMSAAYDMGIMAEGESGFD
VRGNGDFGAFGSLASDIDYLSTQIVLSEMTDMWDDVQPGFVARIAKPVLDGQRTQMEIAEEFVRIDAINGNVITVARGVL
DTIPFRHQKSEMLWVTTYDGGTDWQKYAGNESIDIKILPWTLGGGRFPIEDAPIDHLDMDFRQIRPYPPGNVQHYLASTS
TLQRWYVPSALTYTANAGETPDTYTLTWAHRDRVLQGDKPVPHIDGDIGPEPGTSYTIRVYNQEGTLVRTESGINGTTWN
WPYATAAADMNVEASLFDPVLATLRLTSARNGRESWEYYEMKVSVYKKPPQFVYDASLMQFAAQPYNATSDPNPPTPPMD
GPYVSSLMQFAAQPDGSEDFGPAESMNGPNVALLPHQVTQTSSIITPLDTLLYETPYIQLSRDGRDLNTSKVSAYVARSS
DRTVDSYTLFTKHETDANYTSSGTQPWTPWGMSTVGLGFFTDEVTIDPTSDKDGVPVAPAKVGDLLLIDQELVSITAING
RTYKIGRGVADTIPAQHYSSRPVWLISVGFGYSDMAFGDNEKAMVIIRPDTYGTDIPLSKLYPLQLQMQYRPKRPYPPGL
MMIGGQPFFNTASGLADDFNPYDNLKAKDVVCTYAHRNRVSQSTTARDHFAVGITPEPGVKYRVRIGYAYWSQSGSGFSL
LSQFETEDAGFIMRAADLERWGRQAGYAQDAGGYSTLNVTVNAIRDGMLNWQGYTMTVRVPSFPLPPGQKPGGGDGPWNP
PGGGNTGGTTPPTEPPDRPDPSEPGTTDPSEPTKPDEPEEPQPPVDPEDPDTDPPEPPEPPVDPTNVPGWSLSWDHGWAM
TLPDFRYVPPADEEPE
;
A
2 'polypeptide(L)'
;MALSGLRPAREQFNQAIYDALNGAYQLYVQDAFGQAAANQTYYMAKWMKLKAGTYTAVMYVDDSGTLSIDHAVVATAAIG
TNPNSGEFTVAADGVYRFDCIYSNVPADTPAYMAYQLIRDGQTVEVSRANDFIADIVPIPDKALGPKPPYSDDVRLTYPV
FLPLPNWKDGVTERIEWQTDVMISESGAEQRRPIRLHPRRSFEATFLRWEENRTLLDTTIAGVGQSPLLLPLWHDMTATE
NNAPAGSVDIFGQFRVKDFNVGDVVMFNRGTTWDYETNIIAGLDIDAGHMTLTFGLQSDTPKGTRLYPVRVAQIREAMNG
QQMTDSVSQTQVRFFCTENYDLTPSWSDFPIYTRTGLHIFVLPEDWGSSNEITSDRLTYNFDNQSGPVVVVDPGGQNYGT
VKKSYTIKGRTADRQFRQILFALRGRTKTFHLPLDTNDFILSRDINPADGALVVRRCGYTQYIGGTQETKRDIMVELYDG
TRIPTTIISSRIVGDEEWLFLSQSIPATSRNDVRRIGYIPVARLDVDGIEIKRLTDSAGVSQVSLTFKFFDDRRIATPLP
LS
;
B
3 'polypeptide(L)'
;MSYNIIETSNDNGRPVFMYEFRLLDKYWRYTSADAKVSALGSIWEPMGVSDDGIKQTGEAKTDALNLTLPNSNPVVGLFI
GTPPGSPVTLTIRRMHLDDNDPVVCYVGTVDSINQGENPTVATVTCSTLSATMDRNGLRLSWSRGCPHALYDGQCRVNKE
AFRVDATILTVGAGTVTAAAYATRPDGYFAGGFIEWIDPVYGVERRGIETHTGNTITIFGTVDGLAGGYILKTYPGCPRT
SAACDTIFNNLANFGGIPSLPDRSPFDGNPIF
;
D
4 'polypeptide(L)'
;MNDNYQNNYVVGRGTVYFDRFQDGTNRKTGEMYFGNTPEFTINTDSETLDHYSSDHGMRVMDASVLLEASQGGTFTCDNI
NADNLALWFLGEVSNTTQTQQTDAKEVFNPIMRGRYYQLGTTDDNPTGVRGVTNFQMVKADASIAISVGSGDITSIVGAT
VVNPAGNYEIDLEAGRIYIEPDSTDLSGNVQIAVQYDVDAQKRTLVIGKSNMVYGALRMISDNPVGLNKNYYFPKVSIAP
DGDYALKGDDWQVMSFTFKAMQLNNITQRVYIDIVEAAAAVDPTAQRTIEITPASTTATTGGAGVVCTVTVRDGTGTAVQ
GDAVTFTTVAGATVTPNSATTGATGTATTTVNRAAAGTATVTATLANGKAATTGTITFSAP
;
J,K
5 'polypeptide(L)'
;MANSKDVELRIRARDYSQKPLKAVTSAIEQMAKAQDEQRKAAERGEISTRDLEAAYKKLESAGSQLLKLNSLIEVFKRQN
QAMTEATAKTEGLRQKQADLQKTYDSTEKVTQKQERALARVTRQVEAATRAEANQAERVNRATRDLERYGIETSKVGAAQ
AGIVTSVAQVNRVLERQDEIISTSAAAAAQAKVIRGLQQQADQAMATARGYQTLGRVVQQATGQLGPLGTQIQTIVSPAE
AARRTLSGLENQVHGVTAELARNSKEVENVAQKVRMLNEANKTVSALAQQIDLYRQQVATLRNARTEYQQARQDVIKLAQ
QMRTATTDTGALGIQMQAAQQRLSAAATAMRNTATAARSTQAALRAAQVDTRNLSDAEARLISTSQQSAAALNTLSTATN
RNSQAARDGSKAWSLFRDEGRTTLSFLQRIRGEVLALTTTYVGFQGAISLAGGAIDAYKNRQQAMVKIANVVGNSQAAIN
KEWEYMVGLANTLGIDITTLSQSYTKFAVSAKAVGLSLQDSKFIFESVAKAGRVFHLSQDDMEGVFRALEQMLSKGQVYA
EELRGQLGERLPAAFALFAKGMDMTTAELMKAMENGEVTGEAVINFAREQAKAIDAQLATAQKGVDAMEARARNAMNAFQ
LALADAGFIEAYVQMLNKITDFLNSEDGRAAAVKLGEAFGMLADAVTWCIENVDTLITALSILAGLKVVQFIGGMISGLK
NLLPLFNTLSKIGAGIITVLEGVAARMIAAEGAIGLLGVALKGLTRLIPIVGWALLAYDIGAIMYDQSQTFREAVNAVIR
DFKNLGNQLAAVVDTIPALLYDLAVSVLRPITTMFADTTQAIIKWIADVLKLIPGVGQGLSEWATSIGDDLTKEQRGFLE
STGRIWDNVNKQWVKLNDDMVAKNADATDKIRGQVNQLAADMAAITKGEGFQFTQDPGTGVTKRSREIAGLTKELNKMEE
AAKKADVASRKAEQRKNLSGRLAIIDEEFAPQYARAKSIGGSEGDALTKRLDAVVAARKKAETTLFNSQQRTTGGIKKQE
NALQALINKYNELNAAVGVKEVKIDPNATFDDRLAAKLAAVNTQYDQLIAKSKKLGTGGENLAGQFEDLRKRNLEYATTQ
AKLEELKRIQDQLNAQQETRKNLLDEINAKRQAGIISEDEAVSQTVALYQNMNAGIASSAEQLDVFAQKIKDTMSPEEFS
RIMAQIAAVKAGLVDVTGTFTTMDTTVVQGVLDGMSTALSSIVDEMALVVAGSQSIGDAFSNLGVAVARFFADFLQKIAM
AILQQMALNALASMGGGIGSAAVALGGTVAKHNGGTVGSKTTGGTQMKGGISPAMFANAPRFHDGGLPGLRSDEVPTILQ
KGEQVLSKDDPNNVLNQSRGGGQTAQSPQGLRFVLVDDRSKVPEAMNTPEGEKAVMQILQRNVPTLKNLVG
;
Q
6 'polypeptide(L)' MWWALAMLVASVLINAALAPKPASAKPATIQDFDIPQVKEGTPQSVVFGEVWTADWQVLGFGNFRTKAVKAKQAKK U
#
loop_
_chem_comp.id
_chem_comp.type
_chem_comp.name
_chem_comp.formula
FE non-polymer 'FE (III) ION' 'Fe 3'
#
# COMPACT_ATOMS: atom_id res chain seq x y z
N GLY A 2 80.61 17.23 -47.36
CA GLY A 2 79.55 17.93 -46.58
C GLY A 2 78.84 18.99 -47.39
N SER A 3 77.63 19.33 -46.97
CA SER A 3 76.84 20.35 -47.66
C SER A 3 75.84 20.93 -46.68
N LYS A 4 75.30 22.10 -47.03
CA LYS A 4 74.36 22.77 -46.16
C LYS A 4 73.03 22.01 -46.13
N SER A 5 72.15 22.43 -45.22
CA SER A 5 70.96 21.66 -44.88
C SER A 5 70.01 21.46 -46.05
N LYS A 6 70.26 22.14 -47.18
CA LYS A 6 69.40 21.94 -48.34
C LYS A 6 69.44 20.49 -48.83
N LYS A 7 70.53 19.77 -48.53
CA LYS A 7 70.62 18.34 -48.86
C LYS A 7 71.47 17.68 -47.77
N VAL A 8 70.78 17.22 -46.71
CA VAL A 8 71.43 16.54 -45.60
C VAL A 8 70.40 15.64 -44.95
N THR A 9 70.85 14.70 -44.14
CA THR A 9 69.93 13.90 -43.34
C THR A 9 69.17 14.80 -42.37
N VAL A 10 67.90 14.47 -42.15
CA VAL A 10 67.01 15.29 -41.34
C VAL A 10 66.27 14.40 -40.36
N GLY A 11 65.77 15.02 -39.30
CA GLY A 11 64.72 14.39 -38.53
C GLY A 11 63.52 14.07 -39.40
N TYR A 12 63.02 12.85 -39.28
CA TYR A 12 62.17 12.26 -40.30
C TYR A 12 60.70 12.49 -40.00
N LYS A 13 59.99 12.98 -41.00
CA LYS A 13 58.53 13.06 -40.98
C LYS A 13 57.92 11.66 -41.01
N TYR A 14 56.69 11.56 -40.49
CA TYR A 14 55.83 10.42 -40.78
C TYR A 14 54.78 10.84 -41.80
N TYR A 15 54.28 9.87 -42.56
CA TYR A 15 53.51 10.16 -43.76
C TYR A 15 52.06 9.69 -43.72
N MET A 16 51.70 8.82 -42.78
CA MET A 16 50.38 8.19 -42.77
C MET A 16 49.51 8.79 -41.68
N GLY A 17 48.22 8.86 -41.95
CA GLY A 17 47.25 9.38 -41.01
C GLY A 17 46.65 8.29 -40.14
N LEU A 18 45.48 8.60 -39.56
CA LEU A 18 44.79 7.68 -38.68
C LEU A 18 43.32 8.04 -38.64
N PHE A 19 42.54 7.18 -37.98
CA PHE A 19 41.09 7.31 -37.89
C PHE A 19 40.66 7.02 -36.46
N MET A 20 39.90 7.94 -35.87
CA MET A 20 39.58 7.90 -34.44
C MET A 20 38.06 7.85 -34.26
N GLY A 21 37.60 6.89 -33.46
CA GLY A 21 36.20 6.82 -33.08
C GLY A 21 35.96 7.51 -31.74
N LEU A 22 35.36 8.70 -31.78
CA LEU A 22 35.27 9.51 -30.57
C LEU A 22 34.18 9.02 -29.64
N PHE A 23 32.92 9.04 -30.08
CA PHE A 23 31.81 8.69 -29.22
C PHE A 23 30.51 8.73 -30.03
N ARG A 24 29.45 8.18 -29.43
CA ARG A 24 28.18 8.03 -30.11
C ARG A 24 27.45 9.35 -30.23
N GLY A 25 26.62 9.46 -31.26
CA GLY A 25 25.63 10.50 -31.36
C GLY A 25 26.18 11.79 -31.94
N PRO A 26 25.51 12.31 -32.98
CA PRO A 26 25.83 13.67 -33.43
C PRO A 26 25.70 14.66 -32.28
N VAL A 27 26.66 15.57 -32.19
CA VAL A 27 26.68 16.58 -31.14
C VAL A 27 26.51 17.95 -31.80
N ASN A 28 26.06 18.93 -31.01
CA ASN A 28 25.77 20.25 -31.54
C ASN A 28 27.01 20.89 -32.17
N GLU A 29 28.15 20.80 -31.50
CA GLU A 29 29.38 21.34 -32.07
C GLU A 29 30.59 20.74 -31.38
N ILE A 30 31.66 20.55 -32.16
CA ILE A 30 32.98 20.19 -31.64
C ILE A 30 33.84 21.44 -31.71
N THR A 31 34.47 21.78 -30.58
CA THR A 31 35.12 23.08 -30.44
C THR A 31 36.63 23.04 -30.66
N GLU A 32 37.35 22.21 -29.92
CA GLU A 32 38.79 22.34 -29.82
C GLU A 32 39.46 20.98 -29.84
N ILE A 33 40.65 20.91 -30.41
CA ILE A 33 41.43 19.68 -30.54
C ILE A 33 42.80 19.93 -29.94
N ARG A 34 43.24 19.02 -29.06
CA ARG A 34 44.51 19.15 -28.37
C ARG A 34 45.44 17.99 -28.73
N VAL A 35 46.73 18.25 -28.61
CA VAL A 35 47.76 17.23 -28.80
C VAL A 35 48.78 17.38 -27.68
N GLY A 36 49.01 16.29 -26.94
CA GLY A 36 50.04 16.32 -25.91
C GLY A 36 49.85 17.39 -24.87
N ASP A 37 48.61 17.57 -24.40
CA ASP A 37 48.31 18.55 -23.34
C ASP A 37 48.61 19.98 -23.79
N ARG A 38 48.50 20.24 -25.09
CA ARG A 38 48.70 21.58 -25.63
C ARG A 38 47.54 21.94 -26.55
N THR A 39 47.06 23.16 -26.42
CA THR A 39 45.94 23.65 -27.23
C THR A 39 46.43 23.87 -28.65
N ALA A 40 46.08 22.95 -29.55
CA ALA A 40 46.60 22.97 -30.92
C ALA A 40 45.69 23.76 -31.86
N TRP A 41 44.45 23.31 -32.00
CA TRP A 41 43.51 23.90 -32.96
C TRP A 41 42.16 24.14 -32.29
N THR A 42 41.51 25.23 -32.69
CA THR A 42 40.20 25.60 -32.19
C THR A 42 39.27 25.87 -33.36
N GLY A 43 37.99 25.53 -33.20
CA GLY A 43 37.00 25.79 -34.21
C GLY A 43 35.72 25.00 -34.01
N SER A 44 34.58 25.64 -34.26
CA SER A 44 33.28 25.04 -34.01
C SER A 44 32.84 24.27 -35.26
N ILE A 45 32.82 22.94 -35.16
CA ILE A 45 32.35 22.08 -36.23
C ILE A 45 30.94 21.64 -35.88
N THR A 46 29.96 22.03 -36.72
CA THR A 46 28.56 21.77 -36.44
C THR A 46 27.95 20.71 -37.34
N GLY A 47 28.75 20.01 -38.14
CA GLY A 47 28.21 18.98 -39.00
C GLY A 47 29.32 18.32 -39.79
N ASN A 48 28.93 17.33 -40.59
CA ASN A 48 29.88 16.68 -41.48
C ASN A 48 30.55 17.72 -42.34
N THR A 49 31.86 17.92 -42.14
CA THR A 49 32.56 19.02 -42.78
C THR A 49 34.03 18.63 -42.92
N THR A 50 34.86 19.61 -43.26
CA THR A 50 36.28 19.40 -43.47
C THR A 50 37.05 20.63 -43.05
N ILE A 51 38.21 20.41 -42.43
CA ILE A 51 39.10 21.49 -42.04
C ILE A 51 40.54 20.99 -42.17
N GLN A 52 41.51 21.85 -41.87
CA GLN A 52 42.90 21.44 -41.85
C GLN A 52 43.59 22.06 -40.64
N ILE A 53 44.37 21.26 -39.94
CA ILE A 53 45.23 21.72 -38.86
C ILE A 53 46.59 22.03 -39.46
N ASN A 54 47.06 23.26 -39.29
CA ASN A 54 48.24 23.73 -40.01
C ASN A 54 49.29 24.40 -39.14
N LYS A 55 49.09 24.51 -37.83
CA LYS A 55 50.07 25.16 -36.95
C LYS A 55 51.05 24.10 -36.44
N GLU A 56 51.88 23.60 -37.35
CA GLU A 56 52.90 22.64 -36.96
C GLU A 56 53.88 23.24 -35.96
N SER A 57 53.93 24.57 -35.87
CA SER A 57 54.84 25.25 -34.95
C SER A 57 54.61 24.88 -33.49
N LEU A 58 53.48 24.24 -33.17
CA LEU A 58 53.20 23.94 -31.77
C LEU A 58 54.25 23.01 -31.16
N PHE A 59 54.94 22.21 -31.97
CA PHE A 59 55.97 21.31 -31.46
C PHE A 59 57.32 21.51 -32.12
N GLY A 60 57.37 21.70 -33.44
CA GLY A 60 58.66 21.86 -34.09
C GLY A 60 58.57 21.67 -35.59
N GLY A 61 59.71 21.28 -36.18
CA GLY A 61 59.84 21.18 -37.61
C GLY A 61 61.28 20.93 -38.02
N THR A 62 61.78 21.71 -38.99
CA THR A 62 63.16 21.58 -39.44
C THR A 62 64.16 22.01 -38.38
N LYS A 63 63.70 22.49 -37.22
CA LYS A 63 64.58 22.86 -36.12
C LYS A 63 64.14 22.28 -34.78
N ALA A 64 63.06 21.51 -34.75
CA ALA A 64 62.57 20.93 -33.51
C ALA A 64 61.67 19.74 -33.84
N GLU A 65 61.31 19.00 -32.80
CA GLU A 65 60.58 17.76 -32.97
C GLU A 65 59.08 17.99 -33.07
N GLY A 66 58.41 17.16 -33.87
CA GLY A 66 56.97 17.11 -33.89
C GLY A 66 56.32 18.24 -34.67
N GLY A 67 55.00 18.32 -34.50
CA GLY A 67 54.19 19.35 -35.12
C GLY A 67 53.14 18.77 -36.07
N ILE A 68 51.88 18.76 -35.62
CA ILE A 68 50.82 18.18 -36.43
C ILE A 68 50.51 19.09 -37.60
N ASP A 69 50.02 18.49 -38.69
CA ASP A 69 49.72 19.22 -39.91
C ASP A 69 48.90 18.40 -40.88
N GLY A 70 47.90 19.02 -41.52
CA GLY A 70 47.17 18.39 -42.59
C GLY A 70 45.67 18.59 -42.50
N PRO A 71 44.95 18.11 -43.50
CA PRO A 71 43.48 18.19 -43.48
C PRO A 71 42.88 17.22 -42.47
N LEU A 72 41.64 17.52 -42.08
CA LEU A 72 40.92 16.71 -41.11
C LEU A 72 39.46 16.58 -41.55
N GLU A 73 39.04 15.35 -41.81
CA GLU A 73 37.64 15.05 -42.08
C GLU A 73 36.97 14.58 -40.79
N VAL A 74 35.92 15.29 -40.38
CA VAL A 74 35.17 14.94 -39.18
C VAL A 74 33.75 14.58 -39.62
N TYR A 75 33.37 13.33 -39.39
CA TYR A 75 32.03 12.85 -39.71
C TYR A 75 31.25 12.68 -38.43
N MET A 76 30.09 13.33 -38.35
CA MET A 76 29.34 13.46 -37.12
C MET A 76 28.35 12.32 -36.89
N GLY A 77 28.41 11.26 -37.71
CA GLY A 77 27.50 10.15 -37.55
C GLY A 77 26.05 10.55 -37.73
N ALA A 78 25.75 11.29 -38.79
CA ALA A 78 24.38 11.68 -39.07
C ALA A 78 23.54 10.45 -39.38
N PRO A 79 22.21 10.54 -39.21
CA PRO A 79 21.37 9.35 -39.44
C PRO A 79 21.54 8.75 -40.82
N THR A 80 21.76 9.57 -41.84
CA THR A 80 21.98 9.10 -43.21
C THR A 80 23.38 9.50 -43.67
N GLN A 81 24.35 9.38 -42.78
CA GLN A 81 25.70 9.85 -43.05
C GLN A 81 26.40 9.00 -44.10
N THR A 82 27.25 9.64 -44.89
CA THR A 82 28.16 8.98 -45.80
C THR A 82 29.51 9.66 -45.71
N VAL A 83 30.58 8.89 -45.93
CA VAL A 83 31.93 9.39 -45.80
C VAL A 83 32.63 9.27 -47.15
N SER A 84 33.69 10.07 -47.31
CA SER A 84 34.47 10.04 -48.53
C SER A 84 35.11 8.69 -48.74
N GLN A 85 35.22 8.28 -50.00
CA GLN A 85 35.78 6.97 -50.31
C GLN A 85 37.22 6.83 -49.85
N LYS A 86 37.94 7.95 -49.68
CA LYS A 86 39.35 7.86 -49.31
C LYS A 86 39.52 7.21 -47.96
N LEU A 87 38.63 7.50 -47.00
CA LEU A 87 38.72 6.86 -45.69
C LEU A 87 38.57 5.36 -45.81
N LYS A 88 37.63 4.91 -46.64
CA LYS A 88 37.43 3.47 -46.81
C LYS A 88 38.60 2.82 -47.54
N ASN A 89 39.22 3.52 -48.50
CA ASN A 89 40.43 2.99 -49.12
C ASN A 89 41.54 2.85 -48.09
N MET A 90 41.73 3.86 -47.26
CA MET A 90 42.74 3.78 -46.21
C MET A 90 42.50 2.58 -45.31
N LEU A 91 41.27 2.48 -44.78
CA LEU A 91 40.93 1.31 -43.98
C LEU A 91 40.84 0.05 -44.84
N GLY A 92 40.46 0.21 -46.10
CA GLY A 92 40.50 -0.88 -47.05
C GLY A 92 39.34 -1.84 -46.90
N GLY A 93 39.17 -2.67 -47.93
CA GLY A 93 38.17 -3.71 -47.92
C GLY A 93 36.77 -3.19 -47.65
N ARG A 94 35.83 -4.11 -47.40
CA ARG A 94 34.47 -3.73 -47.06
C ARG A 94 34.48 -2.82 -45.83
N GLN A 95 33.76 -1.71 -45.92
CA GLN A 95 33.73 -0.72 -44.85
C GLN A 95 32.31 -0.19 -44.69
N PRO A 96 31.93 0.22 -43.47
CA PRO A 96 30.63 0.86 -43.29
C PRO A 96 30.69 2.37 -43.47
N GLU A 97 29.57 3.05 -43.30
CA GLU A 97 29.53 4.52 -43.33
C GLU A 97 29.62 5.12 -41.93
N PHE A 98 29.72 4.30 -40.89
CA PHE A 98 29.88 4.79 -39.52
C PHE A 98 28.77 5.77 -39.13
N ARG A 99 27.55 5.48 -39.56
CA ARG A 99 26.43 6.34 -39.21
C ARG A 99 26.14 6.25 -37.71
N GLY A 100 25.89 7.42 -37.10
CA GLY A 100 25.50 7.50 -35.71
C GLY A 100 26.64 7.79 -34.74
N VAL A 101 27.89 7.67 -35.18
CA VAL A 101 29.05 7.83 -34.30
C VAL A 101 29.89 9.00 -34.80
N VAL A 102 30.45 9.76 -33.86
CA VAL A 102 31.36 10.84 -34.19
C VAL A 102 32.71 10.22 -34.53
N THR A 103 33.10 10.30 -35.81
CA THR A 103 34.33 9.69 -36.29
C THR A 103 35.16 10.75 -36.98
N ALA A 104 36.39 10.94 -36.50
CA ALA A 104 37.31 11.91 -37.07
C ALA A 104 38.38 11.21 -37.89
N TYR A 105 38.60 11.72 -39.11
CA TYR A 105 39.58 11.16 -40.04
C TYR A 105 40.63 12.21 -40.31
N PHE A 106 41.85 11.98 -39.81
CA PHE A 106 42.97 12.89 -40.02
C PHE A 106 43.81 12.35 -41.17
N ASP A 107 43.56 12.85 -42.38
CA ASP A 107 44.34 12.45 -43.53
C ASP A 107 45.72 13.10 -43.57
N GLY A 108 46.00 14.04 -42.69
CA GLY A 108 47.28 14.71 -42.67
C GLY A 108 48.43 13.74 -42.56
N LEU A 109 49.46 13.93 -43.39
CA LEU A 109 50.56 12.97 -43.43
C LEU A 109 51.37 12.99 -42.14
N ILE A 110 51.47 14.15 -41.48
CA ILE A 110 52.19 14.28 -40.22
C ILE A 110 51.22 13.91 -39.11
N CYS A 111 51.11 12.61 -38.84
CA CYS A 111 50.56 12.19 -37.55
C CYS A 111 51.55 12.49 -36.44
N ALA A 112 52.83 12.40 -36.74
CA ALA A 112 53.89 12.70 -35.79
C ALA A 112 55.24 12.55 -36.50
N MET A 113 56.28 13.03 -35.84
CA MET A 113 57.65 12.70 -36.21
C MET A 113 57.95 11.28 -35.74
N ASN A 114 59.07 10.70 -36.21
CA ASN A 114 59.38 9.34 -35.80
C ASN A 114 59.38 9.17 -34.29
N PRO A 115 59.88 10.10 -33.48
CA PRO A 115 59.60 10.03 -32.05
C PRO A 115 58.11 9.80 -31.84
N TYR A 116 57.79 8.85 -30.97
CA TYR A 116 56.53 8.14 -31.07
C TYR A 116 55.36 9.11 -30.92
N PRO A 117 54.26 8.89 -31.63
CA PRO A 117 53.21 9.93 -31.72
C PRO A 117 52.65 10.29 -30.35
N LYS A 118 52.25 11.55 -30.23
CA LYS A 118 51.65 12.05 -29.00
C LYS A 118 50.20 11.60 -28.88
N GLN A 119 49.64 11.81 -27.69
CA GLN A 119 48.24 11.51 -27.44
C GLN A 119 47.37 12.74 -27.67
N TRP A 120 46.11 12.49 -27.99
CA TRP A 120 45.18 13.54 -28.40
C TRP A 120 44.03 13.69 -27.41
N LYS A 121 43.35 14.83 -27.52
CA LYS A 121 42.14 15.10 -26.75
C LYS A 121 41.23 15.99 -27.59
N PHE A 122 39.93 15.94 -27.28
CA PHE A 122 38.94 16.70 -28.03
C PHE A 122 37.92 17.27 -27.06
N LYS A 123 37.11 18.19 -27.57
CA LYS A 123 36.12 18.89 -26.75
C LYS A 123 34.88 19.13 -27.58
N ALA A 124 33.72 18.78 -27.02
CA ALA A 124 32.46 18.87 -27.75
C ALA A 124 31.33 19.15 -26.77
N ARG A 125 30.13 19.35 -27.31
CA ARG A 125 28.93 19.55 -26.51
C ARG A 125 27.71 19.32 -27.38
N ARG A 126 26.59 19.00 -26.73
CA ARG A 126 25.35 18.67 -27.43
C ARG A 126 24.16 19.11 -26.60
N SER A 127 23.10 19.53 -27.28
CA SER A 127 21.83 19.81 -26.64
C SER A 127 20.65 19.16 -27.35
N THR A 128 20.68 19.10 -28.69
CA THR A 128 19.52 18.65 -29.46
C THR A 128 19.89 17.57 -30.46
N ALA A 129 21.16 17.50 -30.83
CA ALA A 129 21.59 16.51 -31.81
C ALA A 129 21.57 15.10 -31.22
N GLY A 130 21.38 14.12 -32.09
CA GLY A 130 21.44 12.72 -31.69
C GLY A 130 20.39 12.32 -30.68
N TRP A 131 19.13 12.58 -30.98
CA TRP A 131 18.01 12.20 -30.12
C TRP A 131 17.17 11.16 -30.84
N THR A 132 17.23 9.92 -30.37
CA THR A 132 16.39 8.87 -30.94
C THR A 132 14.93 9.20 -30.68
N GLY A 133 14.14 9.32 -31.74
CA GLY A 133 12.75 9.70 -31.60
C GLY A 133 12.51 11.19 -31.48
N GLY A 134 13.55 12.01 -31.59
CA GLY A 134 13.41 13.45 -31.52
C GLY A 134 13.72 13.99 -30.13
N VAL A 135 13.90 15.31 -30.07
CA VAL A 135 14.23 15.97 -28.82
C VAL A 135 12.97 16.20 -27.99
N TRP A 136 13.17 16.42 -26.69
CA TRP A 136 12.08 16.70 -25.77
C TRP A 136 12.37 18.00 -25.05
N TYR A 137 11.38 18.89 -25.00
CA TYR A 137 11.43 20.15 -24.27
C TYR A 137 12.77 20.85 -24.52
N PRO A 138 13.11 21.14 -25.78
CA PRO A 138 14.46 21.61 -26.10
C PRO A 138 14.76 23.01 -25.60
N GLU A 139 13.75 23.82 -25.29
CA GLU A 139 13.98 25.23 -24.97
C GLU A 139 14.45 25.47 -23.54
N LYS A 140 14.86 24.40 -22.81
CA LYS A 140 15.44 24.58 -21.49
C LYS A 140 16.64 23.66 -21.27
N CYS A 141 17.25 23.15 -22.33
CA CYS A 141 18.36 22.21 -22.20
C CYS A 141 19.72 22.90 -22.15
N LEU A 142 19.81 24.17 -22.54
CA LEU A 142 21.09 24.84 -22.71
C LEU A 142 21.40 25.62 -21.43
N VAL A 143 21.99 24.92 -20.46
CA VAL A 143 22.33 25.51 -19.17
C VAL A 143 23.73 26.09 -19.28
N LYS A 144 23.82 27.32 -19.78
CA LYS A 144 25.08 28.02 -19.82
C LYS A 144 25.39 28.62 -18.45
N MET A 145 26.68 28.69 -18.13
CA MET A 145 27.07 29.28 -16.85
C MET A 145 28.57 29.49 -16.84
N GLN A 146 29.01 30.48 -16.06
CA GLN A 146 30.42 30.83 -15.99
C GLN A 146 31.17 29.78 -15.20
N GLY A 147 32.03 29.03 -15.88
CA GLY A 147 32.80 27.96 -15.25
C GLY A 147 34.27 28.07 -15.55
N TYR A 148 34.78 29.30 -15.56
CA TYR A 148 36.11 29.56 -16.07
C TYR A 148 37.20 28.89 -15.23
N ASP A 149 38.25 28.44 -15.92
CA ASP A 149 39.51 28.07 -15.30
C ASP A 149 40.57 29.03 -15.81
N GLY A 150 41.19 29.76 -14.90
CA GLY A 150 42.07 30.84 -15.27
C GLY A 150 41.31 32.15 -15.32
N GLN A 151 41.64 33.08 -14.41
CA GLN A 151 40.82 34.27 -14.24
C GLN A 151 40.78 35.10 -15.53
N GLY A 152 41.95 35.39 -16.11
CA GLY A 152 41.99 36.13 -17.35
C GLY A 152 41.60 35.30 -18.56
N ASN A 153 41.57 33.97 -18.41
CA ASN A 153 41.20 33.05 -19.47
C ASN A 153 39.73 32.65 -19.38
N GLN A 154 38.89 33.48 -18.78
CA GLN A 154 37.54 33.04 -18.42
C GLN A 154 36.61 33.02 -19.61
N HIS A 155 35.74 32.02 -19.64
CA HIS A 155 34.72 31.87 -20.67
C HIS A 155 33.64 30.93 -20.14
N GLU A 156 32.40 31.24 -20.46
CA GLU A 156 31.28 30.43 -19.98
C GLU A 156 31.23 29.10 -20.74
N ILE A 157 30.67 28.10 -20.07
CA ILE A 157 30.56 26.75 -20.63
C ILE A 157 29.09 26.34 -20.64
N HIS A 158 28.73 25.49 -21.60
CA HIS A 158 27.34 25.20 -21.91
C HIS A 158 26.91 23.89 -21.26
N ALA A 159 26.70 23.94 -19.94
CA ALA A 159 26.26 22.74 -19.22
C ALA A 159 24.87 22.33 -19.67
N MET A 160 24.60 21.02 -19.59
CA MET A 160 23.30 20.47 -19.93
C MET A 160 22.38 20.44 -18.71
N ASN A 161 21.08 20.50 -18.99
CA ASN A 161 20.07 20.37 -17.95
C ASN A 161 20.01 18.92 -17.47
N PRO A 162 20.16 18.66 -16.16
CA PRO A 162 20.01 17.28 -15.69
C PRO A 162 18.65 16.68 -15.98
N ALA A 163 17.60 17.51 -16.03
CA ALA A 163 16.28 16.99 -16.36
C ALA A 163 16.30 16.33 -17.73
N HIS A 164 16.90 16.99 -18.71
CA HIS A 164 17.03 16.38 -20.03
C HIS A 164 17.95 15.17 -20.00
N ILE A 165 18.96 15.18 -19.14
CA ILE A 165 19.83 14.02 -19.00
C ILE A 165 19.00 12.79 -18.60
N LEU A 166 18.19 12.95 -17.56
CA LEU A 166 17.36 11.84 -17.11
C LEU A 166 16.30 11.48 -18.15
N TYR A 167 15.75 12.48 -18.83
CA TYR A 167 14.77 12.18 -19.88
C TYR A 167 15.40 11.32 -20.98
N GLU A 168 16.62 11.65 -21.39
CA GLU A 168 17.33 10.80 -22.34
C GLU A 168 17.55 9.40 -21.76
N CYS A 169 17.93 9.34 -20.48
CA CYS A 169 18.20 8.03 -19.88
C CYS A 169 17.01 7.10 -19.97
N GLN A 170 15.78 7.64 -20.01
CA GLN A 170 14.57 6.84 -20.09
C GLN A 170 13.82 7.01 -21.41
N SER A 171 14.36 7.76 -22.36
CA SER A 171 13.63 8.05 -23.59
C SER A 171 14.45 7.77 -24.85
N ASN A 172 15.39 6.84 -24.79
CA ASN A 172 16.15 6.46 -25.97
C ASN A 172 16.53 4.99 -25.89
N TYR A 173 16.22 4.26 -26.96
CA TYR A 173 16.57 2.83 -27.04
C TYR A 173 18.05 2.62 -27.30
N GLU A 174 18.79 3.66 -27.66
CA GLU A 174 20.18 3.51 -28.04
C GLU A 174 21.07 3.09 -26.88
N TRP A 175 20.58 3.14 -25.64
CA TRP A 175 21.31 2.61 -24.51
C TRP A 175 20.39 2.59 -23.30
N GLY A 176 20.51 1.55 -22.49
CA GLY A 176 19.69 1.42 -21.30
C GLY A 176 18.37 0.73 -21.61
N ARG A 177 17.27 1.30 -21.12
CA ARG A 177 15.94 0.77 -21.33
C ARG A 177 15.20 1.45 -22.47
N GLY A 178 15.34 2.77 -22.60
CA GLY A 178 14.67 3.49 -23.66
C GLY A 178 13.16 3.47 -23.53
N LEU A 179 12.65 3.87 -22.37
CA LEU A 179 11.21 3.85 -22.15
C LEU A 179 10.51 4.76 -23.14
N SER A 180 9.32 4.33 -23.57
CA SER A 180 8.55 5.15 -24.50
C SER A 180 8.16 6.46 -23.84
N ARG A 181 8.00 7.50 -24.67
CA ARG A 181 7.70 8.83 -24.15
C ARG A 181 6.40 8.84 -23.37
N THR A 182 5.37 8.15 -23.89
CA THR A 182 4.06 8.19 -23.25
C THR A 182 4.11 7.67 -21.82
N LEU A 183 5.01 6.74 -21.53
CA LEU A 183 5.11 6.17 -20.19
C LEU A 183 5.98 7.00 -19.26
N ILE A 184 6.50 8.13 -19.73
CA ILE A 184 7.26 9.06 -18.90
C ILE A 184 6.39 10.27 -18.59
N ASP A 185 6.35 10.66 -17.32
CA ASP A 185 5.51 11.77 -16.89
C ASP A 185 6.17 13.08 -17.31
N ASP A 186 5.68 13.65 -18.42
CA ASP A 186 6.30 14.85 -18.97
C ASP A 186 6.21 16.01 -17.99
N THR A 187 5.02 16.27 -17.47
CA THR A 187 4.82 17.43 -16.59
C THR A 187 5.79 17.42 -15.42
N THR A 188 6.14 16.24 -14.92
CA THR A 188 7.10 16.18 -13.82
C THR A 188 8.49 16.62 -14.25
N PHE A 189 8.90 16.31 -15.48
CA PHE A 189 10.20 16.79 -15.95
C PHE A 189 10.15 18.27 -16.28
N ARG A 190 9.00 18.80 -16.70
CA ARG A 190 8.85 20.25 -16.77
C ARG A 190 9.02 20.87 -15.39
N LEU A 191 8.43 20.24 -14.37
CA LEU A 191 8.62 20.70 -13.00
C LEU A 191 10.10 20.73 -12.63
N ALA A 192 10.81 19.65 -12.96
CA ALA A 192 12.24 19.61 -12.66
C ALA A 192 12.98 20.75 -13.34
N ALA A 193 12.72 20.93 -14.65
CA ALA A 193 13.38 22.01 -15.39
C ALA A 193 13.10 23.37 -14.77
N ASP A 194 11.87 23.57 -14.27
CA ASP A 194 11.49 24.85 -13.69
C ASP A 194 12.57 25.38 -12.75
N THR A 195 13.01 24.54 -11.82
CA THR A 195 14.02 24.97 -10.85
C THR A 195 15.44 24.69 -11.32
N LEU A 196 15.65 23.66 -12.15
CA LEU A 196 17.02 23.36 -12.57
C LEU A 196 17.57 24.46 -13.48
N PHE A 197 16.73 25.05 -14.33
CA PHE A 197 17.21 26.11 -15.22
C PHE A 197 17.31 27.44 -14.50
N ASN A 198 16.34 27.76 -13.64
CA ASN A 198 16.34 29.06 -12.97
C ASN A 198 17.58 29.22 -12.11
N GLU A 199 17.92 28.21 -11.32
CA GLU A 199 19.11 28.26 -10.48
C GLU A 199 20.37 27.89 -11.25
N ASN A 200 20.24 27.46 -12.52
CA ASN A 200 21.38 27.23 -13.40
C ASN A 200 22.20 26.01 -12.98
N PHE A 201 21.54 24.98 -12.48
CA PHE A 201 22.21 23.73 -12.10
C PHE A 201 22.31 22.85 -13.33
N GLY A 202 23.49 22.82 -13.95
CA GLY A 202 23.74 21.99 -15.09
C GLY A 202 24.51 20.73 -14.73
N LEU A 203 25.15 20.15 -15.74
CA LEU A 203 26.00 18.98 -15.53
C LEU A 203 26.79 18.73 -16.79
N CYS A 204 27.94 18.08 -16.62
CA CYS A 204 28.83 17.75 -17.73
C CYS A 204 29.37 16.34 -17.54
N ILE A 205 28.51 15.43 -17.11
CA ILE A 205 28.91 14.10 -16.68
C ILE A 205 29.44 13.29 -17.85
N ARG A 206 30.17 12.22 -17.56
CA ARG A 206 30.67 11.30 -18.58
C ARG A 206 30.28 9.89 -18.19
N TRP A 207 30.18 9.02 -19.19
CA TRP A 207 29.67 7.66 -18.99
C TRP A 207 30.57 6.66 -19.70
N ASN A 208 31.87 6.84 -19.59
CA ASN A 208 32.85 5.91 -20.13
C ASN A 208 32.88 4.63 -19.31
N ARG A 209 33.31 3.53 -19.94
CA ARG A 209 33.33 2.23 -19.27
C ARG A 209 31.99 2.00 -18.61
N GLN A 210 30.97 1.84 -19.43
CA GLN A 210 29.58 1.97 -19.00
C GLN A 210 29.23 0.96 -17.91
N ASP A 211 28.36 1.39 -17.00
CA ASP A 211 27.94 0.57 -15.86
C ASP A 211 26.42 0.42 -15.84
N THR A 212 25.88 -0.16 -14.77
CA THR A 212 24.45 -0.36 -14.67
C THR A 212 23.72 0.98 -14.72
N LEU A 213 22.59 0.99 -15.42
CA LEU A 213 21.87 2.24 -15.65
C LEU A 213 21.35 2.84 -14.35
N GLU A 214 20.83 1.99 -13.46
CA GLU A 214 20.32 2.50 -12.19
C GLU A 214 21.41 3.20 -11.40
N SER A 215 22.65 2.73 -11.50
CA SER A 215 23.75 3.41 -10.80
C SER A 215 23.99 4.80 -11.37
N PHE A 216 23.96 4.93 -12.69
CA PHE A 216 24.16 6.24 -13.29
C PHE A 216 23.02 7.19 -12.92
N MET A 217 21.79 6.68 -12.92
CA MET A 217 20.67 7.51 -12.48
C MET A 217 20.81 7.88 -11.01
N GLN A 218 21.31 6.96 -10.19
CA GLN A 218 21.62 7.28 -8.79
C GLN A 218 22.59 8.46 -8.72
N LEU A 219 23.64 8.42 -9.53
CA LEU A 219 24.61 9.50 -9.54
C LEU A 219 23.95 10.82 -9.93
N ILE A 220 23.16 10.82 -11.00
CA ILE A 220 22.53 12.06 -11.47
C ILE A 220 21.55 12.58 -10.43
N LEU A 221 20.73 11.69 -9.86
CA LEU A 221 19.77 12.11 -8.84
C LEU A 221 20.48 12.70 -7.64
N ASP A 222 21.60 12.10 -7.22
CA ASP A 222 22.37 12.66 -6.13
C ASP A 222 22.91 14.04 -6.48
N HIS A 223 23.37 14.21 -7.72
CA HIS A 223 23.83 15.53 -8.14
C HIS A 223 22.71 16.56 -8.01
N ILE A 224 21.53 16.24 -8.54
CA ILE A 224 20.40 17.16 -8.46
C ILE A 224 19.71 17.08 -7.10
N GLY A 225 19.85 15.97 -6.38
CA GLY A 225 19.13 15.80 -5.13
C GLY A 225 17.65 15.68 -5.37
N GLY A 226 17.24 14.64 -6.10
CA GLY A 226 15.85 14.44 -6.43
C GLY A 226 15.47 12.97 -6.27
N ALA A 227 14.21 12.68 -6.59
CA ALA A 227 13.65 11.34 -6.44
C ALA A 227 12.98 10.94 -7.74
N MET A 228 13.45 9.85 -8.34
CA MET A 228 12.75 9.23 -9.45
C MET A 228 11.68 8.29 -8.90
N TYR A 229 10.48 8.40 -9.44
CA TYR A 229 9.33 7.68 -8.90
C TYR A 229 8.29 7.53 -9.99
N VAL A 230 7.30 6.67 -9.71
CA VAL A 230 6.20 6.40 -10.64
C VAL A 230 4.94 7.05 -10.09
N SER A 231 4.24 7.78 -10.96
CA SER A 231 3.00 8.41 -10.56
C SER A 231 2.00 7.36 -10.09
N LYS A 232 1.35 7.64 -8.96
CA LYS A 232 0.40 6.68 -8.41
C LYS A 232 -0.75 6.42 -9.36
N VAL A 233 -1.20 7.46 -10.08
CA VAL A 233 -2.40 7.32 -10.89
C VAL A 233 -2.09 6.74 -12.27
N THR A 234 -1.19 7.40 -13.01
CA THR A 234 -0.93 6.96 -14.38
C THR A 234 -0.07 5.71 -14.42
N GLY A 235 0.92 5.62 -13.54
CA GLY A 235 1.94 4.60 -13.64
C GLY A 235 3.16 5.02 -14.44
N LYS A 236 3.12 6.19 -15.07
CA LYS A 236 4.26 6.67 -15.82
C LYS A 236 5.45 6.91 -14.89
N LEU A 237 6.64 6.70 -15.42
CA LEU A 237 7.84 7.08 -14.70
C LEU A 237 7.89 8.60 -14.53
N SER A 238 8.33 9.05 -13.36
CA SER A 238 8.31 10.46 -13.01
C SER A 238 9.55 10.81 -12.21
N LEU A 239 9.83 12.12 -12.15
CA LEU A 239 10.98 12.64 -11.43
C LEU A 239 10.51 13.67 -10.42
N ARG A 240 11.12 13.67 -9.24
CA ARG A 240 10.86 14.66 -8.21
C ARG A 240 12.17 15.26 -7.74
N LEU A 241 12.11 16.51 -7.31
CA LEU A 241 13.24 17.20 -6.71
C LEU A 241 12.94 17.50 -5.25
N ILE A 242 13.97 17.41 -4.41
CA ILE A 242 13.86 17.71 -3.00
C ILE A 242 14.30 19.15 -2.80
N ARG A 243 13.34 20.04 -2.55
CA ARG A 243 13.60 21.48 -2.55
C ARG A 243 12.82 22.11 -1.41
N LYS A 244 12.75 23.44 -1.42
CA LYS A 244 12.04 24.23 -0.43
C LYS A 244 10.65 24.61 -0.92
N ASP A 245 10.03 23.74 -1.71
CA ASP A 245 8.72 24.02 -2.32
C ASP A 245 7.58 23.73 -1.35
N TYR A 246 7.54 24.51 -0.27
CA TYR A 246 6.44 24.44 0.68
C TYR A 246 6.32 25.79 1.38
N ASP A 247 5.09 26.15 1.72
CA ASP A 247 4.79 27.46 2.28
C ASP A 247 4.54 27.44 3.80
N PHE A 248 4.74 26.30 4.45
CA PHE A 248 4.60 26.13 5.90
C PHE A 248 3.31 26.71 6.45
N ASP A 249 2.30 26.95 5.60
CA ASP A 249 0.98 27.40 6.04
C ASP A 249 -0.12 26.46 5.61
N THR A 250 -0.14 26.06 4.34
CA THR A 250 -1.17 25.16 3.83
C THR A 250 -0.97 23.72 4.29
N LEU A 251 0.15 23.41 4.91
CA LEU A 251 0.46 22.03 5.22
C LEU A 251 -0.56 21.46 6.20
N PRO A 252 -1.00 20.22 6.02
CA PRO A 252 -1.92 19.62 6.99
C PRO A 252 -1.22 19.34 8.31
N ILE A 253 -1.95 19.55 9.40
CA ILE A 253 -1.42 19.38 10.75
C ILE A 253 -1.88 18.01 11.25
N PHE A 254 -0.93 17.20 11.69
CA PHE A 254 -1.20 15.82 12.12
C PHE A 254 -1.00 15.72 13.62
N ASP A 255 -2.08 15.36 14.32
CA ASP A 255 -2.01 14.96 15.72
C ASP A 255 -2.96 13.78 15.90
N THR A 256 -3.02 13.24 17.12
CA THR A 256 -3.81 12.04 17.33
C THR A 256 -5.29 12.26 16.99
N ASP A 257 -5.76 13.50 17.05
CA ASP A 257 -7.16 13.80 16.78
C ASP A 257 -7.45 14.08 15.31
N SER A 258 -6.45 13.95 14.43
CA SER A 258 -6.64 14.29 13.02
C SER A 258 -6.13 13.22 12.06
N GLY A 259 -5.67 12.08 12.56
CA GLY A 259 -5.23 11.00 11.68
C GLY A 259 -4.01 10.24 12.16
N LEU A 260 -3.23 10.86 13.04
CA LEU A 260 -2.04 10.19 13.56
C LEU A 260 -2.45 9.06 14.49
N LEU A 261 -1.86 7.87 14.27
CA LEU A 261 -2.13 6.71 15.11
C LEU A 261 -1.06 6.48 16.16
N SER A 262 0.21 6.66 15.82
CA SER A 262 1.30 6.45 16.76
C SER A 262 2.59 6.90 16.12
N ILE A 263 3.51 7.38 16.94
CA ILE A 263 4.86 7.76 16.51
C ILE A 263 5.75 6.57 16.82
N GLN A 264 6.10 5.80 15.77
CA GLN A 264 6.90 4.60 15.97
C GLN A 264 8.34 4.93 16.35
N GLU A 265 8.77 6.17 16.15
CA GLU A 265 10.12 6.62 16.52
C GLU A 265 9.97 7.73 17.56
N ALA A 266 10.04 7.37 18.83
CA ALA A 266 9.84 8.30 19.93
C ALA A 266 11.11 8.64 20.69
N THR A 267 12.21 7.94 20.45
CA THR A 267 13.45 8.18 21.17
C THR A 267 14.26 9.29 20.51
N ASN A 268 15.24 9.80 21.25
CA ASN A 268 16.25 10.70 20.72
C ASN A 268 17.61 10.09 20.97
N ALA A 269 18.41 9.95 19.91
CA ALA A 269 19.67 9.23 19.95
C ALA A 269 20.86 10.14 20.22
N SER A 270 20.66 11.23 20.96
CA SER A 270 21.71 12.21 21.18
C SER A 270 22.30 12.66 19.86
N PRO A 271 21.47 13.12 18.89
CA PRO A 271 21.97 13.54 17.58
C PRO A 271 22.55 14.95 17.57
N ALA A 272 23.48 15.21 18.47
CA ALA A 272 24.10 16.52 18.57
C ALA A 272 25.46 16.59 17.87
N ASN A 273 26.10 15.45 17.65
CA ASN A 273 27.45 15.40 17.07
C ASN A 273 27.43 14.97 15.61
N LEU A 274 26.45 15.44 14.83
CA LEU A 274 26.35 15.07 13.43
C LEU A 274 27.51 15.65 12.63
N VAL A 275 27.56 15.31 11.33
CA VAL A 275 28.60 15.86 10.46
C VAL A 275 28.58 17.38 10.52
N ASN A 276 29.76 17.98 10.49
CA ASN A 276 29.90 19.43 10.57
C ASN A 276 30.79 20.02 9.49
N GLU A 277 31.35 19.20 8.59
CA GLU A 277 32.20 19.70 7.53
C GLU A 277 32.07 18.77 6.33
N VAL A 278 32.08 19.35 5.13
CA VAL A 278 31.95 18.59 3.90
C VAL A 278 33.00 19.06 2.91
N VAL A 279 33.64 18.11 2.24
CA VAL A 279 34.62 18.38 1.19
C VAL A 279 33.99 17.93 -0.12
N VAL A 280 33.56 18.88 -0.93
CA VAL A 280 32.91 18.58 -2.20
C VAL A 280 33.95 18.56 -3.30
N THR A 281 33.92 17.51 -4.12
CA THR A 281 34.83 17.35 -5.25
C THR A 281 34.01 17.38 -6.53
N TYR A 282 34.36 18.29 -7.43
CA TYR A 282 33.70 18.41 -8.73
C TYR A 282 34.76 18.47 -9.82
N HIS A 283 34.31 18.63 -11.06
CA HIS A 283 35.17 18.51 -12.23
C HIS A 283 34.89 19.68 -13.17
N ASN A 284 35.88 20.54 -13.35
CA ASN A 284 35.74 21.68 -14.24
C ASN A 284 36.09 21.27 -15.67
N PRO A 285 35.16 21.34 -16.62
CA PRO A 285 35.52 20.97 -18.00
C PRO A 285 36.64 21.81 -18.58
N VAL A 286 36.72 23.10 -18.25
CA VAL A 286 37.77 23.94 -18.81
C VAL A 286 39.13 23.43 -18.39
N MET A 287 39.33 23.21 -17.08
CA MET A 287 40.51 22.51 -16.62
C MET A 287 40.46 21.03 -16.96
N ASP A 288 39.26 20.47 -17.11
CA ASP A 288 39.09 19.07 -17.50
C ASP A 288 39.76 18.15 -16.48
N GLU A 289 39.81 18.58 -15.23
CA GLU A 289 40.35 17.79 -14.13
C GLU A 289 39.53 18.11 -12.89
N ASP A 290 39.78 17.35 -11.82
CA ASP A 290 39.00 17.49 -10.60
C ASP A 290 39.30 18.81 -9.88
N GLN A 291 38.30 19.30 -9.16
CA GLN A 291 38.45 20.45 -8.28
C GLN A 291 37.75 20.13 -6.96
N GLN A 292 38.06 20.92 -5.93
CA GLN A 292 37.60 20.63 -4.57
C GLN A 292 37.13 21.92 -3.91
N VAL A 293 36.24 21.76 -2.94
CA VAL A 293 35.68 22.89 -2.19
C VAL A 293 35.49 22.47 -0.74
N ARG A 294 35.94 23.31 0.18
CA ARG A 294 35.70 23.09 1.60
C ARG A 294 34.49 23.90 2.06
N SER A 295 33.80 23.37 3.06
CA SER A 295 32.65 24.07 3.65
C SER A 295 32.57 23.71 5.12
N HIS A 296 32.86 24.67 5.99
CA HIS A 296 32.85 24.46 7.43
C HIS A 296 31.61 25.12 8.01
N ASN A 297 30.81 24.34 8.75
CA ASN A 297 29.69 24.89 9.51
C ASN A 297 30.26 25.42 10.81
N LEU A 298 30.58 26.71 10.83
CA LEU A 298 31.27 27.30 11.97
C LEU A 298 30.53 27.06 13.27
N ALA A 299 29.19 27.02 13.21
CA ALA A 299 28.42 26.85 14.44
C ALA A 299 28.78 25.55 15.14
N GLN A 300 28.90 24.45 14.38
CA GLN A 300 29.20 23.17 14.99
C GLN A 300 30.66 23.07 15.40
N ILE A 301 31.57 23.68 14.63
CA ILE A 301 32.98 23.61 14.97
C ILE A 301 33.26 24.39 16.26
N GLN A 302 32.56 25.51 16.46
CA GLN A 302 32.81 26.36 17.60
C GLN A 302 32.31 25.77 18.92
N ASN A 303 31.55 24.69 18.90
CA ASN A 303 31.00 24.12 20.12
C ASN A 303 31.31 22.65 20.31
N GLN A 304 31.31 21.87 19.23
CA GLN A 304 31.43 20.42 19.36
C GLN A 304 32.87 19.96 19.57
N GLY A 305 33.85 20.73 19.11
CA GLY A 305 35.24 20.37 19.27
C GLY A 305 35.84 19.84 17.96
N CYS A 306 36.44 18.65 18.03
CA CYS A 306 37.08 18.07 16.85
C CYS A 306 36.06 17.91 15.72
N LEU A 307 36.55 17.82 14.49
CA LEU A 307 35.67 17.80 13.33
C LEU A 307 34.98 16.45 13.18
N ASN A 308 33.85 16.48 12.47
CA ASN A 308 33.19 15.28 11.95
C ASN A 308 32.96 15.57 10.47
N SER A 309 33.98 15.30 9.66
CA SER A 309 34.02 15.71 8.27
C SER A 309 33.60 14.57 7.34
N ASN A 310 33.32 14.92 6.10
CA ASN A 310 32.92 13.95 5.09
C ASN A 310 33.33 14.47 3.72
N THR A 311 34.07 13.63 2.97
CA THR A 311 34.42 13.93 1.59
C THR A 311 33.41 13.25 0.69
N ILE A 312 32.71 14.04 -0.13
CA ILE A 312 31.62 13.54 -0.95
C ILE A 312 31.93 13.81 -2.42
N GLU A 313 31.45 12.92 -3.28
CA GLU A 313 31.74 12.98 -4.71
C GLU A 313 30.62 13.72 -5.44
N TYR A 314 31.01 14.73 -6.22
CA TYR A 314 30.07 15.46 -7.07
C TYR A 314 30.70 15.76 -8.41
N LEU A 315 31.35 14.75 -9.00
CA LEU A 315 31.97 14.91 -10.32
C LEU A 315 30.90 15.22 -11.36
N GLY A 316 31.30 16.02 -12.35
CA GLY A 316 30.38 16.41 -13.40
C GLY A 316 29.83 17.81 -13.17
N ILE A 317 29.78 18.23 -11.91
CA ILE A 317 29.44 19.63 -11.64
C ILE A 317 30.56 20.51 -12.19
N PRO A 318 30.30 21.45 -13.09
CA PRO A 318 31.39 22.05 -13.86
C PRO A 318 32.02 23.32 -13.30
N THR A 319 31.51 23.90 -12.21
CA THR A 319 32.00 25.18 -11.74
C THR A 319 32.06 25.21 -10.22
N GLY A 320 32.71 26.25 -9.70
CA GLY A 320 32.81 26.41 -8.26
C GLY A 320 31.56 26.98 -7.62
N LYS A 321 30.80 27.79 -8.36
CA LYS A 321 29.56 28.32 -7.81
C LYS A 321 28.56 27.20 -7.55
N LEU A 322 28.36 26.33 -8.53
CA LEU A 322 27.43 25.23 -8.36
C LEU A 322 27.96 24.19 -7.37
N ALA A 323 29.28 23.98 -7.37
CA ALA A 323 29.89 23.11 -6.37
C ALA A 323 29.60 23.63 -4.97
N MET A 324 29.75 24.94 -4.77
CA MET A 324 29.42 25.55 -3.50
C MET A 324 27.94 25.40 -3.17
N GLN A 325 27.07 25.56 -4.17
CA GLN A 325 25.64 25.40 -3.93
C GLN A 325 25.34 24.00 -3.41
N VAL A 326 25.89 22.97 -4.08
CA VAL A 326 25.62 21.60 -3.65
C VAL A 326 26.25 21.33 -2.29
N ALA A 327 27.45 21.86 -2.05
CA ALA A 327 28.09 21.66 -0.75
C ALA A 327 27.27 22.26 0.37
N GLN A 328 26.78 23.48 0.18
CA GLN A 328 25.94 24.12 1.19
C GLN A 328 24.64 23.34 1.37
N ARG A 329 24.04 22.89 0.28
CA ARG A 329 22.82 22.10 0.39
C ARG A 329 23.05 20.88 1.28
N ASP A 330 24.09 20.11 0.98
CA ASP A 330 24.37 18.90 1.75
C ASP A 330 24.71 19.23 3.20
N LEU A 331 25.54 20.25 3.43
CA LEU A 331 25.97 20.56 4.78
C LEU A 331 24.79 21.01 5.64
N ARG A 332 23.91 21.84 5.08
CA ARG A 332 22.75 22.30 5.85
C ARG A 332 21.73 21.19 6.02
N ALA A 333 21.63 20.28 5.06
CA ALA A 333 20.67 19.19 5.18
C ALA A 333 21.10 18.18 6.25
N ALA A 334 22.37 17.77 6.21
CA ALA A 334 22.82 16.68 7.06
C ALA A 334 23.26 17.14 8.45
N SER A 335 23.48 18.44 8.66
CA SER A 335 24.03 18.94 9.91
C SER A 335 22.98 19.55 10.83
N THR A 336 21.91 20.12 10.28
CA THR A 336 20.97 20.92 11.07
C THR A 336 19.84 20.03 11.58
N ASN A 337 19.94 19.62 12.85
CA ASN A 337 18.84 19.01 13.59
C ASN A 337 18.14 17.91 12.79
N VAL A 338 18.91 16.89 12.43
CA VAL A 338 18.33 15.75 11.73
C VAL A 338 17.54 14.90 12.72
N ARG A 339 16.27 14.66 12.40
CA ARG A 339 15.41 13.82 13.22
C ARG A 339 14.54 12.98 12.29
N ARG A 340 14.53 11.66 12.51
CA ARG A 340 13.77 10.74 11.68
C ARG A 340 12.48 10.39 12.38
N PHE A 341 11.36 10.58 11.69
CA PHE A 341 10.03 10.26 12.21
C PHE A 341 9.47 9.05 11.47
N THR A 342 9.09 8.03 12.22
CA THR A 342 8.35 6.90 11.71
C THR A 342 6.91 7.01 12.24
N VAL A 343 5.96 7.15 11.33
CA VAL A 343 4.60 7.57 11.69
C VAL A 343 3.62 6.49 11.25
N ILE A 344 2.78 6.04 12.18
CA ILE A 344 1.67 5.15 11.87
C ILE A 344 0.46 6.02 11.54
N CYS A 345 -0.10 5.83 10.35
CA CYS A 345 -1.16 6.69 9.87
C CYS A 345 -2.34 5.86 9.38
N ASP A 346 -3.54 6.37 9.64
CA ASP A 346 -4.78 5.79 9.14
C ASP A 346 -4.99 6.29 7.71
N ARG A 347 -6.20 6.14 7.17
CA ARG A 347 -6.48 6.60 5.82
C ARG A 347 -6.65 8.11 5.81
N ARG A 348 -5.66 8.82 6.35
CA ARG A 348 -5.61 10.27 6.35
C ARG A 348 -4.57 10.82 5.38
N ALA A 349 -3.64 9.97 4.92
CA ALA A 349 -2.55 10.37 4.05
C ALA A 349 -2.46 9.44 2.84
N TRP A 350 -3.58 8.86 2.43
CA TRP A 350 -3.55 7.90 1.34
C TRP A 350 -3.01 8.52 0.07
N ASN A 351 -3.27 9.81 -0.15
CA ASN A 351 -2.66 10.51 -1.28
C ASN A 351 -1.20 10.86 -1.04
N VAL A 352 -0.79 11.01 0.22
CA VAL A 352 0.58 11.43 0.50
C VAL A 352 1.55 10.47 -0.19
N GLN A 353 2.52 11.04 -0.87
CA GLN A 353 3.46 10.31 -1.69
C GLN A 353 4.88 10.65 -1.24
N PRO A 354 5.81 9.70 -1.32
CA PRO A 354 7.18 10.00 -0.89
C PRO A 354 7.67 11.33 -1.47
N GLY A 355 8.28 12.14 -0.62
CA GLY A 355 8.72 13.47 -0.98
C GLY A 355 7.74 14.57 -0.60
N ASP A 356 6.52 14.22 -0.23
CA ASP A 356 5.54 15.21 0.18
C ASP A 356 5.98 15.87 1.49
N VAL A 357 5.21 16.86 1.92
CA VAL A 357 5.49 17.60 3.14
C VAL A 357 4.24 17.63 4.00
N LEU A 358 4.43 17.52 5.30
CA LEU A 358 3.33 17.55 6.26
C LEU A 358 3.86 17.98 7.61
N LYS A 359 2.94 18.41 8.48
CA LYS A 359 3.27 18.93 9.79
C LYS A 359 2.68 18.03 10.87
N VAL A 360 3.50 17.61 11.82
CA VAL A 360 3.11 16.67 12.87
C VAL A 360 3.17 17.39 14.20
N ARG A 361 2.30 16.99 15.12
CA ARG A 361 2.20 17.61 16.45
C ARG A 361 1.83 16.57 17.48
N ASP A 362 2.68 16.41 18.50
CA ASP A 362 2.40 15.59 19.67
C ASP A 362 2.77 16.42 20.89
N PRO A 363 1.92 17.40 21.26
CA PRO A 363 2.33 18.38 22.26
C PRO A 363 2.09 17.94 23.70
N LYS A 364 1.18 17.00 23.92
CA LYS A 364 0.74 16.65 25.26
C LYS A 364 1.29 15.32 25.76
N GLN A 365 1.96 14.54 24.92
CA GLN A 365 2.67 13.34 25.36
C GLN A 365 4.17 13.43 25.12
N ARG A 366 4.58 13.73 23.89
CA ARG A 366 6.01 13.82 23.56
C ARG A 366 6.53 15.25 23.58
N GLY A 367 5.65 16.25 23.60
CA GLY A 367 6.07 17.63 23.72
C GLY A 367 6.94 18.13 22.59
N LEU A 368 6.58 17.79 21.35
CA LEU A 368 7.24 18.31 20.16
C LEU A 368 6.36 19.36 19.51
N THR A 369 6.98 20.46 19.09
CA THR A 369 6.26 21.70 18.79
C THR A 369 5.99 21.84 17.29
N GLU A 370 5.00 21.08 16.81
CA GLU A 370 4.33 21.36 15.54
C GLU A 370 5.36 21.55 14.42
N VAL A 371 6.11 20.47 14.16
CA VAL A 371 7.23 20.50 13.24
C VAL A 371 6.77 20.11 11.84
N VAL A 372 7.46 20.64 10.83
CA VAL A 372 7.23 20.29 9.44
C VAL A 372 8.24 19.23 9.04
N ILE A 373 7.78 18.20 8.34
CA ILE A 373 8.61 17.03 8.04
C ILE A 373 8.47 16.68 6.56
N ARG A 374 9.54 16.12 6.00
CA ARG A 374 9.54 15.63 4.63
C ARG A 374 9.18 14.15 4.61
N VAL A 375 8.30 13.77 3.69
CA VAL A 375 7.83 12.40 3.60
C VAL A 375 8.83 11.58 2.78
N GLY A 376 9.18 10.41 3.31
CA GLY A 376 10.06 9.49 2.61
C GLY A 376 9.36 8.22 2.21
N THR A 377 9.89 7.08 2.63
CA THR A 377 9.28 5.80 2.30
C THR A 377 7.87 5.71 2.89
N VAL A 378 6.97 5.11 2.12
CA VAL A 378 5.57 4.93 2.54
C VAL A 378 5.17 3.50 2.23
N GLU A 379 4.47 2.87 3.17
CA GLU A 379 4.04 1.47 3.04
C GLU A 379 2.51 1.45 3.01
N ASP A 380 1.95 1.53 1.80
CA ASP A 380 0.50 1.49 1.66
C ASP A 380 -0.05 0.17 2.17
N GLY A 381 -1.22 0.22 2.82
CA GLY A 381 -1.79 -0.95 3.44
C GLY A 381 -2.69 -1.76 2.53
N THR A 382 -3.07 -2.94 3.01
CA THR A 382 -3.99 -3.82 2.30
C THR A 382 -5.42 -3.48 2.68
N LEU A 383 -6.38 -4.19 2.08
CA LEU A 383 -7.78 -3.95 2.45
C LEU A 383 -8.00 -4.22 3.93
N PRO A 384 -7.40 -5.23 4.56
CA PRO A 384 -7.33 -5.25 6.01
C PRO A 384 -6.19 -4.36 6.51
N ASP A 385 -6.15 -4.18 7.83
CA ASP A 385 -5.07 -3.58 8.63
C ASP A 385 -4.99 -2.07 8.46
N GLY A 386 -5.69 -1.52 7.48
CA GLY A 386 -6.01 -0.11 7.47
C GLY A 386 -4.86 0.85 7.29
N LYS A 387 -3.90 0.79 8.22
CA LYS A 387 -2.96 1.89 8.42
C LYS A 387 -1.83 1.86 7.40
N ILE A 388 -1.21 3.03 7.22
CA ILE A 388 -0.05 3.21 6.36
C ILE A 388 1.11 3.73 7.21
N LYS A 389 2.28 3.11 7.03
CA LYS A 389 3.49 3.54 7.73
C LYS A 389 4.24 4.53 6.86
N VAL A 390 4.51 5.72 7.41
CA VAL A 390 5.17 6.80 6.69
C VAL A 390 6.51 7.06 7.34
N VAL A 391 7.58 6.77 6.61
CA VAL A 391 8.92 7.17 7.04
C VAL A 391 9.13 8.63 6.66
N ALA A 392 9.53 9.44 7.63
CA ALA A 392 9.58 10.88 7.43
C ALA A 392 10.88 11.43 7.98
N LEU A 393 11.35 12.51 7.35
CA LEU A 393 12.66 13.08 7.65
C LEU A 393 12.52 14.59 7.83
N GLN A 394 13.31 15.15 8.74
CA GLN A 394 13.26 16.58 9.01
C GLN A 394 13.53 17.37 7.74
N ASP A 395 13.22 18.67 7.80
CA ASP A 395 13.16 19.49 6.59
C ASP A 395 14.48 19.47 5.83
N GLN A 396 14.38 19.37 4.52
CA GLN A 396 15.51 19.52 3.61
C GLN A 396 15.59 20.96 3.12
N PHE A 397 16.59 21.24 2.28
CA PHE A 397 16.85 22.59 1.83
C PHE A 397 17.24 22.61 0.36
N ALA A 398 17.11 23.79 -0.24
CA ALA A 398 17.51 24.05 -1.60
C ALA A 398 18.90 24.70 -1.63
N PHE A 399 19.31 25.17 -2.80
CA PHE A 399 20.59 25.87 -2.93
C PHE A 399 20.45 27.30 -2.44
N GLN A 400 21.58 27.86 -1.98
CA GLN A 400 21.65 29.26 -1.60
C GLN A 400 23.12 29.62 -1.41
N LEU A 401 23.37 30.91 -1.18
CA LEU A 401 24.72 31.46 -1.17
C LEU A 401 25.17 31.74 0.25
N ASN A 402 26.20 31.01 0.70
CA ASN A 402 26.87 31.31 1.97
C ASN A 402 28.33 31.70 1.77
N THR A 403 29.12 30.86 1.12
CA THR A 403 30.54 31.12 0.94
C THR A 403 30.81 31.80 -0.39
N PHE A 404 32.04 32.30 -0.54
CA PHE A 404 32.48 33.00 -1.75
C PHE A 404 33.65 32.26 -2.39
N ASN A 405 33.63 30.93 -2.37
CA ASN A 405 34.79 30.12 -2.76
C ASN A 405 34.89 30.08 -4.28
N GLN A 406 35.44 31.15 -4.84
CA GLN A 406 35.91 31.17 -6.22
C GLN A 406 37.43 31.27 -6.14
N VAL A 407 38.11 30.13 -6.27
CA VAL A 407 39.55 30.11 -6.11
C VAL A 407 40.21 31.05 -7.11
N GLU A 408 39.71 31.05 -8.35
CA GLU A 408 40.20 31.96 -9.39
C GLU A 408 41.69 31.74 -9.60
N PRO A 409 42.09 30.60 -10.14
CA PRO A 409 43.52 30.30 -10.30
C PRO A 409 44.22 31.39 -11.10
N PRO A 410 45.56 31.46 -11.06
CA PRO A 410 46.31 32.53 -11.70
C PRO A 410 46.57 32.34 -13.19
N ALA A 411 45.53 31.94 -13.92
CA ALA A 411 45.58 31.84 -15.38
C ALA A 411 46.77 31.01 -15.85
N GLY A 412 47.03 29.91 -15.15
CA GLY A 412 48.10 29.01 -15.53
C GLY A 412 49.49 29.43 -15.10
N TYR A 413 49.62 30.53 -14.37
CA TYR A 413 50.90 30.99 -13.85
C TYR A 413 51.91 31.23 -14.98
N GLU A 414 51.55 32.17 -15.84
CA GLU A 414 52.44 32.63 -16.91
C GLU A 414 52.84 31.48 -17.82
N PRO A 415 51.91 30.92 -18.60
CA PRO A 415 52.28 29.84 -19.52
C PRO A 415 52.65 30.33 -20.91
N ASN A 416 52.43 31.61 -21.18
CA ASN A 416 52.66 32.15 -22.51
C ASN A 416 54.14 32.04 -22.88
N LEU A 417 54.40 31.55 -24.09
CA LEU A 417 55.76 31.46 -24.62
C LEU A 417 55.86 31.83 -26.09
N THR A 418 54.88 32.58 -26.62
CA THR A 418 54.85 32.89 -28.03
C THR A 418 55.99 33.85 -28.40
N PRO A 419 56.41 33.85 -29.65
CA PRO A 419 57.49 34.74 -30.08
C PRO A 419 56.99 36.17 -30.26
N ALA A 420 57.97 37.08 -30.35
CA ALA A 420 57.68 38.49 -30.53
C ALA A 420 58.90 39.18 -31.11
N ILE A 421 58.70 40.41 -31.60
CA ILE A 421 59.80 41.16 -32.16
C ILE A 421 60.77 41.58 -31.07
N ALA A 422 61.98 41.97 -31.48
CA ALA A 422 63.01 42.40 -30.56
C ALA A 422 64.03 43.23 -31.30
N ARG A 423 64.86 43.95 -30.54
CA ARG A 423 65.91 44.76 -31.14
C ARG A 423 66.92 43.88 -31.88
N ARG A 424 67.36 44.36 -33.04
CA ARG A 424 68.30 43.61 -33.86
C ARG A 424 69.26 44.59 -34.54
N ILE A 425 70.42 44.06 -34.93
CA ILE A 425 71.44 44.85 -35.61
C ILE A 425 72.19 43.94 -36.58
N VAL A 426 72.54 44.50 -37.73
CA VAL A 426 73.21 43.76 -38.79
C VAL A 426 74.37 44.59 -39.32
N TYR A 427 75.30 43.91 -39.98
CA TYR A 427 76.48 44.55 -40.56
C TYR A 427 77.26 43.50 -41.34
N GLU A 428 78.17 43.99 -42.18
CA GLU A 428 78.99 43.09 -42.99
C GLU A 428 79.96 42.32 -42.12
N MET A 429 80.16 41.05 -42.47
CA MET A 429 81.06 40.19 -41.71
C MET A 429 82.51 40.64 -41.92
N PRO A 430 83.26 40.92 -40.86
CA PRO A 430 84.65 41.35 -41.03
C PRO A 430 85.58 40.15 -41.14
N TYR A 431 86.85 40.46 -41.41
CA TYR A 431 87.86 39.40 -41.55
C TYR A 431 88.03 38.64 -40.25
N VAL A 432 87.91 39.33 -39.11
CA VAL A 432 88.03 38.65 -37.82
C VAL A 432 86.95 37.59 -37.67
N ASP A 433 85.74 37.87 -38.14
CA ASP A 433 84.67 36.88 -38.07
C ASP A 433 85.02 35.64 -38.88
N LEU A 434 85.55 35.82 -40.09
CA LEU A 434 85.95 34.68 -40.89
C LEU A 434 87.07 33.89 -40.22
N VAL A 435 88.04 34.60 -39.62
CA VAL A 435 89.14 33.92 -38.95
C VAL A 435 88.63 33.10 -37.77
N GLN A 436 87.70 33.67 -37.00
CA GLN A 436 87.22 32.97 -35.80
C GLN A 436 86.28 31.82 -36.14
N GLN A 437 85.41 31.98 -37.13
CA GLN A 437 84.38 31.00 -37.42
C GLN A 437 84.69 30.11 -38.62
N LEU A 438 85.69 30.45 -39.43
CA LEU A 438 86.00 29.71 -40.64
C LEU A 438 87.18 28.79 -40.38
N PRO A 439 87.03 27.48 -40.56
CA PRO A 439 88.18 26.58 -40.38
C PRO A 439 89.31 26.95 -41.34
N ASP A 440 90.54 26.84 -40.86
CA ASP A 440 91.70 27.22 -41.65
C ASP A 440 91.86 26.40 -42.91
N GLY A 441 91.29 25.19 -42.97
CA GLY A 441 91.42 24.37 -44.15
C GLY A 441 90.85 25.04 -45.40
N GLU A 442 89.75 25.78 -45.24
CA GLU A 442 89.14 26.51 -46.34
C GLU A 442 89.26 28.02 -46.21
N LEU A 443 89.87 28.52 -45.12
CA LEU A 443 90.05 29.96 -44.98
C LEU A 443 90.85 30.53 -46.14
N ASN A 444 91.92 29.84 -46.53
CA ASN A 444 92.62 30.19 -47.75
C ASN A 444 91.71 29.91 -48.95
N ALA A 445 91.93 30.66 -50.03
CA ALA A 445 91.12 30.62 -51.23
C ALA A 445 89.84 31.45 -51.13
N VAL A 446 89.66 32.18 -50.02
CA VAL A 446 88.55 33.13 -49.90
C VAL A 446 88.99 34.41 -50.60
N GLY A 447 88.66 34.53 -51.89
CA GLY A 447 89.15 35.61 -52.70
C GLY A 447 88.76 36.98 -52.19
N PRO A 448 89.25 38.03 -52.85
CA PRO A 448 88.93 39.39 -52.39
C PRO A 448 87.52 39.84 -52.73
N ASN A 449 86.81 39.14 -53.61
CA ASN A 449 85.47 39.51 -54.01
C ASN A 449 84.39 38.85 -53.16
N ASP A 450 84.75 38.27 -52.02
CA ASP A 450 83.80 37.58 -51.17
C ASP A 450 83.40 38.45 -49.99
N ALA A 451 82.17 38.24 -49.52
CA ALA A 451 81.65 38.96 -48.37
C ALA A 451 80.72 38.04 -47.58
N PHE A 452 80.60 38.31 -46.28
CA PHE A 452 79.78 37.50 -45.40
C PHE A 452 78.85 38.41 -44.60
N ILE A 453 77.65 37.90 -44.33
CA ILE A 453 76.63 38.65 -43.59
C ILE A 453 76.60 38.17 -42.16
N ASN A 454 76.43 39.11 -41.24
CA ASN A 454 76.35 38.80 -39.81
C ASN A 454 75.49 39.84 -39.13
N SER A 455 74.97 39.48 -37.96
CA SER A 455 74.10 40.37 -37.20
C SER A 455 73.91 39.81 -35.79
N GLN A 456 73.28 40.61 -34.94
CA GLN A 456 72.98 40.21 -33.58
C GLN A 456 71.66 40.85 -33.16
N ALA A 457 70.97 40.20 -32.23
CA ALA A 457 69.69 40.70 -31.74
C ALA A 457 69.49 40.21 -30.31
N GLU A 458 68.60 40.91 -29.61
CA GLU A 458 68.30 40.56 -28.22
C GLU A 458 67.15 39.56 -28.15
N LYS A 459 67.19 38.73 -27.12
CA LYS A 459 66.13 37.75 -26.91
C LYS A 459 64.90 38.43 -26.32
N PRO A 460 63.73 38.30 -26.93
CA PRO A 460 62.54 38.98 -26.41
C PRO A 460 61.92 38.29 -25.21
N THR A 461 61.96 36.96 -25.18
CA THR A 461 61.32 36.19 -24.13
C THR A 461 62.26 35.07 -23.68
N ASP A 462 62.09 34.66 -22.42
CA ASP A 462 62.91 33.58 -21.88
C ASP A 462 62.70 32.28 -22.65
N MET A 463 61.46 32.00 -23.05
CA MET A 463 61.16 30.79 -23.80
C MET A 463 61.74 30.79 -25.21
N SER A 464 62.28 31.92 -25.67
CA SER A 464 62.89 31.99 -26.99
C SER A 464 64.20 31.21 -27.01
N ALA A 465 64.43 30.48 -28.09
CA ALA A 465 65.62 29.64 -28.23
C ALA A 465 66.69 30.30 -29.09
N ALA A 466 66.36 30.65 -30.32
CA ALA A 466 67.32 31.25 -31.24
C ALA A 466 66.55 32.10 -32.25
N TYR A 467 67.23 32.55 -33.30
CA TYR A 467 66.63 33.39 -34.32
C TYR A 467 67.07 32.92 -35.69
N ASP A 468 66.10 32.74 -36.58
CA ASP A 468 66.38 32.40 -37.97
C ASP A 468 66.55 33.69 -38.78
N MET A 469 67.37 33.60 -39.83
CA MET A 469 67.70 34.75 -40.66
C MET A 469 67.00 34.59 -42.00
N GLY A 470 66.16 35.57 -42.34
CA GLY A 470 65.52 35.64 -43.63
C GLY A 470 66.22 36.65 -44.50
N ILE A 471 66.68 36.20 -45.66
CA ILE A 471 67.48 37.03 -46.57
C ILE A 471 66.78 37.06 -47.92
N MET A 472 66.66 38.26 -48.49
CA MET A 472 66.10 38.47 -49.83
C MET A 472 67.12 39.31 -50.60
N ALA A 473 68.08 38.65 -51.21
CA ALA A 473 69.14 39.34 -51.94
C ALA A 473 68.65 39.79 -53.31
N GLU A 474 69.55 40.40 -54.07
CA GLU A 474 69.20 40.87 -55.41
C GLU A 474 68.72 39.70 -56.27
N GLY A 475 67.61 39.90 -56.96
CA GLY A 475 67.02 38.86 -57.78
C GLY A 475 66.21 37.82 -57.04
N GLU A 476 66.42 37.67 -55.74
CA GLU A 476 65.67 36.68 -54.98
C GLU A 476 64.22 37.12 -54.82
N SER A 477 63.33 36.12 -54.76
CA SER A 477 61.90 36.35 -54.57
C SER A 477 61.55 35.90 -53.16
N GLY A 478 61.18 36.86 -52.32
CA GLY A 478 60.85 36.56 -50.94
C GLY A 478 62.09 36.38 -50.08
N PHE A 479 61.96 36.61 -48.78
CA PHE A 479 63.08 36.46 -47.85
C PHE A 479 63.28 34.97 -47.58
N ASP A 480 64.28 34.39 -48.23
CA ASP A 480 64.57 32.97 -48.03
C ASP A 480 65.11 32.74 -46.63
N VAL A 481 64.65 31.66 -45.99
CA VAL A 481 65.06 31.32 -44.63
C VAL A 481 66.32 30.46 -44.74
N ARG A 482 67.47 31.04 -44.42
CA ARG A 482 68.73 30.31 -44.46
C ARG A 482 69.67 30.91 -43.42
N GLY A 483 70.28 30.04 -42.62
CA GLY A 483 71.20 30.48 -41.59
C GLY A 483 70.49 30.97 -40.35
N ASN A 484 71.02 30.64 -39.18
CA ASN A 484 70.44 31.05 -37.91
C ASN A 484 71.55 31.45 -36.96
N GLY A 485 71.20 32.28 -35.98
CA GLY A 485 72.17 32.77 -35.02
C GLY A 485 71.62 32.73 -33.61
N ASP A 486 72.54 32.77 -32.66
CA ASP A 486 72.21 32.76 -31.24
C ASP A 486 72.23 34.19 -30.71
N PHE A 487 71.26 34.51 -29.85
CA PHE A 487 71.11 35.87 -29.32
C PHE A 487 72.33 36.21 -28.47
N GLY A 488 73.18 37.10 -28.97
CA GLY A 488 74.33 37.52 -28.20
C GLY A 488 73.97 38.52 -27.12
N ALA A 489 74.89 38.69 -26.17
CA ALA A 489 74.67 39.64 -25.09
C ALA A 489 74.59 41.06 -25.64
N PHE A 490 73.74 41.86 -25.01
CA PHE A 490 73.48 43.23 -25.45
C PHE A 490 73.72 44.20 -24.31
N GLY A 491 74.16 45.41 -24.65
CA GLY A 491 74.40 46.45 -23.67
C GLY A 491 74.01 47.82 -24.19
N SER A 492 73.28 48.58 -23.40
CA SER A 492 72.75 49.88 -23.82
C SER A 492 73.70 50.96 -23.29
N LEU A 493 74.47 51.57 -24.19
CA LEU A 493 75.35 52.66 -23.81
C LEU A 493 74.53 53.83 -23.29
N ALA A 494 74.95 54.38 -22.14
CA ALA A 494 74.22 55.48 -21.53
C ALA A 494 75.12 56.57 -20.94
N SER A 495 76.38 56.65 -21.36
CA SER A 495 77.31 57.62 -20.79
C SER A 495 77.87 58.60 -21.82
N ASP A 496 77.41 58.56 -23.07
CA ASP A 496 77.89 59.46 -24.11
C ASP A 496 79.42 59.43 -24.19
N ILE A 497 79.98 58.22 -24.21
CA ILE A 497 81.42 58.07 -24.22
C ILE A 497 82.02 58.80 -25.42
N ASP A 498 83.25 59.26 -25.26
CA ASP A 498 83.99 59.98 -26.30
C ASP A 498 84.88 59.00 -27.07
N TYR A 499 85.71 59.57 -27.94
CA TYR A 499 86.59 58.76 -28.78
C TYR A 499 87.53 57.88 -27.96
N LEU A 500 88.21 58.49 -26.99
CA LEU A 500 89.22 57.80 -26.21
C LEU A 500 88.69 57.16 -24.94
N SER A 501 87.38 57.21 -24.70
CA SER A 501 86.82 56.66 -23.48
C SER A 501 87.14 55.17 -23.37
N THR A 502 87.51 54.75 -22.17
CA THR A 502 87.83 53.35 -21.90
C THR A 502 86.91 52.72 -20.86
N GLN A 503 86.60 53.43 -19.79
CA GLN A 503 85.68 52.92 -18.77
C GLN A 503 84.27 53.10 -19.30
N ILE A 504 83.68 52.01 -19.79
CA ILE A 504 82.37 52.06 -20.43
C ILE A 504 81.31 51.98 -19.34
N VAL A 505 80.59 53.08 -19.13
CA VAL A 505 79.48 53.14 -18.18
C VAL A 505 78.20 52.95 -18.99
N LEU A 506 77.54 51.81 -18.81
CA LEU A 506 76.33 51.49 -19.55
C LEU A 506 75.35 50.81 -18.60
N SER A 507 74.20 50.42 -19.15
CA SER A 507 73.15 49.75 -18.39
C SER A 507 72.58 48.63 -19.24
N GLU A 508 71.45 48.08 -18.81
CA GLU A 508 70.80 46.96 -19.50
C GLU A 508 71.74 45.76 -19.59
N MET A 509 72.10 45.25 -18.42
CA MET A 509 73.00 44.10 -18.31
C MET A 509 72.20 42.84 -18.65
N THR A 510 72.27 42.45 -19.92
CA THR A 510 71.55 41.26 -20.37
C THR A 510 72.02 40.03 -19.59
N ASP A 511 71.23 38.96 -19.69
CA ASP A 511 71.55 37.74 -18.97
C ASP A 511 72.90 37.18 -19.39
N MET A 512 73.19 37.20 -20.68
CA MET A 512 74.46 36.70 -21.22
C MET A 512 75.54 37.77 -21.27
N TRP A 513 75.26 38.98 -20.78
CA TRP A 513 76.25 40.06 -20.82
C TRP A 513 77.47 39.77 -19.96
N ASP A 514 77.37 38.84 -19.02
CA ASP A 514 78.50 38.49 -18.16
C ASP A 514 79.27 37.27 -18.63
N ASP A 515 78.90 36.69 -19.78
CA ASP A 515 79.57 35.50 -20.29
C ASP A 515 80.83 35.81 -21.08
N VAL A 516 81.14 37.09 -21.32
CA VAL A 516 82.30 37.44 -22.12
C VAL A 516 83.54 37.36 -21.23
N GLN A 517 84.53 36.57 -21.66
CA GLN A 517 85.79 36.48 -20.94
C GLN A 517 86.62 37.72 -21.16
N PRO A 518 87.59 37.99 -20.29
CA PRO A 518 88.42 39.17 -20.44
C PRO A 518 89.13 39.17 -21.80
N GLY A 519 89.23 40.34 -22.40
CA GLY A 519 89.83 40.48 -23.71
C GLY A 519 88.90 40.21 -24.87
N PHE A 520 87.64 39.88 -24.61
CA PHE A 520 86.70 39.62 -25.69
C PHE A 520 86.56 40.85 -26.58
N VAL A 521 85.91 40.65 -27.72
CA VAL A 521 85.73 41.69 -28.73
C VAL A 521 84.25 42.00 -28.85
N ALA A 522 83.90 43.29 -28.80
CA ALA A 522 82.53 43.74 -28.95
C ALA A 522 82.48 44.87 -29.97
N ARG A 523 81.32 45.01 -30.60
CA ARG A 523 81.10 46.00 -31.65
C ARG A 523 80.03 46.99 -31.20
N ILE A 524 80.32 48.27 -31.31
CA ILE A 524 79.37 49.32 -30.96
C ILE A 524 78.68 49.80 -32.23
N ALA A 525 77.53 50.43 -32.06
CA ALA A 525 76.74 50.91 -33.19
C ALA A 525 75.78 51.98 -32.69
N LYS A 526 75.01 52.53 -33.62
CA LYS A 526 74.04 53.58 -33.32
C LYS A 526 72.81 53.34 -34.19
N PRO A 527 71.78 54.16 -34.04
CA PRO A 527 70.57 53.98 -34.87
C PRO A 527 70.92 54.02 -36.35
N VAL A 528 70.27 53.15 -37.12
CA VAL A 528 70.55 52.99 -38.55
C VAL A 528 69.27 53.31 -39.32
N LEU A 529 69.44 54.06 -40.40
CA LEU A 529 68.32 54.44 -41.26
C LEU A 529 68.90 54.98 -42.57
N ASP A 530 68.03 55.49 -43.43
CA ASP A 530 68.46 56.09 -44.68
C ASP A 530 69.51 57.16 -44.41
N GLY A 531 70.66 57.02 -45.04
CA GLY A 531 71.81 57.88 -44.79
C GLY A 531 72.66 57.37 -43.65
N GLN A 532 72.03 56.94 -42.55
CA GLN A 532 72.73 56.34 -41.44
C GLN A 532 73.12 54.89 -41.69
N ARG A 533 72.63 54.29 -42.78
CA ARG A 533 72.99 52.90 -43.08
C ARG A 533 74.45 52.76 -43.45
N THR A 534 75.04 53.78 -44.06
CA THR A 534 76.44 53.71 -44.46
C THR A 534 77.33 53.54 -43.22
N GLN A 535 78.28 52.62 -43.32
CA GLN A 535 79.19 52.33 -42.23
C GLN A 535 80.45 53.19 -42.25
N MET A 536 80.69 53.91 -43.34
CA MET A 536 81.87 54.78 -43.40
C MET A 536 81.79 55.90 -42.37
N GLU A 537 80.61 56.52 -42.25
CA GLU A 537 80.39 57.61 -41.31
C GLU A 537 79.74 57.14 -40.01
N ILE A 538 78.75 56.25 -40.12
CA ILE A 538 78.08 55.73 -38.92
C ILE A 538 79.12 55.18 -37.96
N ALA A 539 78.93 55.44 -36.67
CA ALA A 539 79.87 55.04 -35.64
C ALA A 539 79.70 53.54 -35.37
N GLU A 540 80.45 52.74 -36.13
CA GLU A 540 80.51 51.30 -35.94
C GLU A 540 81.95 50.96 -35.54
N GLU A 541 82.17 50.74 -34.25
CA GLU A 541 83.52 50.56 -33.71
C GLU A 541 83.60 49.23 -32.98
N PHE A 542 84.65 48.48 -33.25
CA PHE A 542 84.91 47.23 -32.53
C PHE A 542 85.79 47.55 -31.33
N VAL A 543 85.33 47.18 -30.14
CA VAL A 543 86.03 47.45 -28.89
C VAL A 543 86.29 46.13 -28.18
N ARG A 544 87.53 45.95 -27.72
CA ARG A 544 87.94 44.74 -27.02
C ARG A 544 87.69 44.93 -25.53
N ILE A 545 86.81 44.12 -24.96
CA ILE A 545 86.45 44.23 -23.55
C ILE A 545 87.59 43.65 -22.71
N ASP A 546 88.07 44.42 -21.75
CA ASP A 546 89.19 43.98 -20.91
C ASP A 546 88.71 43.31 -19.63
N ALA A 547 87.95 44.03 -18.80
CA ALA A 547 87.50 43.49 -17.53
C ALA A 547 86.17 44.15 -17.18
N ILE A 548 85.23 43.34 -16.67
CA ILE A 548 83.92 43.85 -16.28
C ILE A 548 84.01 44.46 -14.89
N ASN A 549 83.21 45.49 -14.66
CA ASN A 549 83.14 46.20 -13.38
C ASN A 549 81.68 46.33 -12.93
N GLY A 550 80.95 45.22 -13.01
CA GLY A 550 79.53 45.27 -12.71
C GLY A 550 78.77 45.78 -13.91
N ASN A 551 77.98 46.83 -13.71
CA ASN A 551 77.29 47.46 -14.83
C ASN A 551 78.29 48.06 -15.82
N VAL A 552 79.34 48.71 -15.30
CA VAL A 552 80.37 49.29 -16.15
C VAL A 552 81.36 48.21 -16.55
N ILE A 553 81.87 48.32 -17.78
CA ILE A 553 82.80 47.34 -18.34
C ILE A 553 83.98 48.10 -18.96
N THR A 554 85.18 47.58 -18.74
CA THR A 554 86.40 48.17 -19.29
C THR A 554 86.75 47.45 -20.59
N VAL A 555 86.96 48.23 -21.65
CA VAL A 555 87.27 47.69 -22.97
C VAL A 555 88.16 48.69 -23.71
N ALA A 556 88.64 48.28 -24.88
CA ALA A 556 89.46 49.11 -25.74
C ALA A 556 88.62 49.70 -26.86
N ARG A 557 89.20 50.67 -27.57
CA ARG A 557 88.52 51.37 -28.65
C ARG A 557 89.27 51.15 -29.96
N GLY A 558 88.53 50.90 -31.03
CA GLY A 558 89.12 50.73 -32.34
C GLY A 558 90.17 49.65 -32.40
N VAL A 559 89.76 48.39 -32.26
CA VAL A 559 90.68 47.27 -32.12
C VAL A 559 91.05 46.66 -33.47
N LEU A 560 90.06 46.27 -34.26
CA LEU A 560 90.30 45.43 -35.43
C LEU A 560 90.07 46.13 -36.76
N ASP A 561 88.87 46.66 -37.00
CA ASP A 561 88.55 47.17 -38.34
C ASP A 561 87.77 48.48 -38.31
N THR A 562 87.88 49.26 -37.24
CA THR A 562 87.18 50.54 -37.16
C THR A 562 87.99 51.48 -36.27
N ILE A 563 88.20 52.70 -36.74
CA ILE A 563 88.88 53.68 -35.89
C ILE A 563 87.98 54.02 -34.71
N PRO A 564 88.52 54.27 -33.52
CA PRO A 564 87.65 54.60 -32.38
C PRO A 564 86.85 55.86 -32.66
N PHE A 565 85.61 55.87 -32.16
CA PHE A 565 84.73 57.02 -32.35
C PHE A 565 83.99 57.36 -31.06
N ARG A 566 83.13 58.37 -31.12
CA ARG A 566 82.33 58.81 -29.98
C ARG A 566 80.92 58.24 -30.09
N HIS A 567 80.19 58.32 -28.98
CA HIS A 567 78.84 57.79 -28.90
C HIS A 567 77.99 58.70 -28.02
N GLN A 568 76.70 58.41 -27.99
CA GLN A 568 75.74 59.13 -27.17
C GLN A 568 74.96 58.14 -26.32
N LYS A 569 74.45 58.63 -25.20
CA LYS A 569 73.71 57.77 -24.29
C LYS A 569 72.52 57.14 -25.01
N SER A 570 72.00 56.06 -24.42
CA SER A 570 70.88 55.30 -24.95
C SER A 570 71.21 54.51 -26.21
N GLU A 571 72.49 54.44 -26.58
CA GLU A 571 72.89 53.69 -27.77
C GLU A 571 72.86 52.19 -27.46
N MET A 572 73.33 51.38 -28.41
CA MET A 572 73.35 49.93 -28.27
C MET A 572 74.78 49.43 -28.41
N LEU A 573 75.15 48.49 -27.55
CA LEU A 573 76.46 47.83 -27.61
C LEU A 573 76.25 46.33 -27.67
N TRP A 574 76.92 45.69 -28.62
CA TRP A 574 76.76 44.26 -28.88
C TRP A 574 78.11 43.58 -28.83
N VAL A 575 78.21 42.51 -28.06
CA VAL A 575 79.39 41.65 -28.04
C VAL A 575 79.18 40.54 -29.07
N THR A 576 80.22 40.28 -29.87
CA THR A 576 80.10 39.32 -30.95
C THR A 576 81.18 38.24 -30.95
N THR A 577 81.94 38.10 -29.87
CA THR A 577 82.98 37.08 -29.82
C THR A 577 82.33 35.70 -29.82
N TYR A 578 82.60 34.93 -30.87
CA TYR A 578 82.10 33.57 -31.05
C TYR A 578 80.59 33.50 -31.20
N ASP A 579 79.91 34.61 -31.48
CA ASP A 579 78.46 34.64 -31.61
C ASP A 579 78.08 35.45 -32.84
N GLY A 580 76.89 35.14 -33.36
CA GLY A 580 76.39 35.81 -34.54
C GLY A 580 75.47 34.89 -35.31
N GLY A 581 75.11 35.33 -36.51
CA GLY A 581 74.27 34.54 -37.39
C GLY A 581 74.43 34.90 -38.85
N THR A 582 74.66 33.90 -39.69
CA THR A 582 74.84 34.14 -41.11
C THR A 582 74.61 32.82 -41.86
N ASP A 583 74.37 32.94 -43.17
CA ASP A 583 74.13 31.78 -44.00
C ASP A 583 75.40 31.19 -44.59
N TRP A 584 76.57 31.81 -44.35
CA TRP A 584 77.83 31.33 -44.89
C TRP A 584 77.83 31.31 -46.42
N GLN A 585 77.24 32.35 -47.01
CA GLN A 585 77.18 32.52 -48.46
C GLN A 585 78.16 33.61 -48.86
N LYS A 586 79.07 33.30 -49.77
CA LYS A 586 80.10 34.23 -50.21
C LYS A 586 79.49 35.25 -51.18
N TYR A 587 78.59 36.07 -50.63
CA TYR A 587 77.96 37.10 -51.43
C TYR A 587 79.00 38.09 -51.93
N ALA A 588 78.94 38.41 -53.22
CA ALA A 588 79.90 39.32 -53.83
C ALA A 588 79.62 40.76 -53.40
N GLY A 589 80.66 41.59 -53.47
CA GLY A 589 80.49 42.99 -53.15
C GLY A 589 79.50 43.66 -54.08
N ASN A 590 78.79 44.66 -53.54
CA ASN A 590 77.74 45.40 -54.23
C ASN A 590 76.43 44.62 -54.33
N GLU A 591 76.39 43.36 -53.88
CA GLU A 591 75.17 42.57 -53.91
C GLU A 591 74.34 42.82 -52.65
N SER A 592 73.88 44.07 -52.52
CA SER A 592 73.08 44.45 -51.37
C SER A 592 71.81 43.61 -51.31
N ILE A 593 71.45 43.19 -50.09
CA ILE A 593 70.29 42.34 -49.86
C ILE A 593 69.51 42.89 -48.67
N ASP A 594 68.24 42.53 -48.62
CA ASP A 594 67.34 42.90 -47.52
C ASP A 594 67.10 41.66 -46.67
N ILE A 595 67.24 41.82 -45.35
CA ILE A 595 67.18 40.69 -44.43
C ILE A 595 66.20 41.00 -43.31
N LYS A 596 65.70 39.94 -42.68
CA LYS A 596 64.81 40.05 -41.54
C LYS A 596 65.08 38.87 -40.62
N ILE A 597 65.41 39.15 -39.36
CA ILE A 597 65.72 38.12 -38.38
C ILE A 597 64.45 37.75 -37.64
N LEU A 598 64.12 36.46 -37.62
CA LEU A 598 62.90 35.97 -37.01
C LEU A 598 63.22 35.11 -35.79
N PRO A 599 62.84 35.53 -34.59
CA PRO A 599 63.02 34.68 -33.41
C PRO A 599 62.07 33.50 -33.45
N TRP A 600 62.41 32.48 -32.67
CA TRP A 600 61.61 31.27 -32.61
C TRP A 600 61.51 30.77 -31.18
N THR A 601 60.43 30.07 -30.88
CA THR A 601 60.18 29.46 -29.59
C THR A 601 59.83 28.00 -29.78
N LEU A 602 59.84 27.24 -28.67
CA LEU A 602 59.56 25.82 -28.75
C LEU A 602 58.10 25.56 -29.11
N GLY A 603 57.18 26.00 -28.26
CA GLY A 603 55.76 25.80 -28.52
C GLY A 603 55.12 26.84 -29.40
N GLY A 604 55.84 27.91 -29.73
CA GLY A 604 55.29 28.96 -30.57
C GLY A 604 55.93 29.03 -31.94
N GLY A 605 57.01 28.28 -32.14
CA GLY A 605 57.67 28.28 -33.43
C GLY A 605 58.29 29.63 -33.74
N ARG A 606 58.46 29.90 -35.03
CA ARG A 606 59.08 31.12 -35.48
C ARG A 606 58.11 32.30 -35.37
N PHE A 607 58.68 33.50 -35.32
CA PHE A 607 57.91 34.74 -35.30
C PHE A 607 57.04 34.81 -36.55
N PRO A 608 56.14 35.80 -36.64
CA PRO A 608 55.30 35.94 -37.85
C PRO A 608 56.05 35.59 -39.12
N ILE A 609 55.41 34.83 -40.00
CA ILE A 609 56.06 34.26 -41.18
C ILE A 609 56.93 35.29 -41.89
N GLU A 610 56.35 36.44 -42.22
CA GLU A 610 57.10 37.49 -42.90
C GLU A 610 56.77 38.88 -42.40
N ASP A 611 56.05 39.02 -41.29
CA ASP A 611 55.62 40.32 -40.80
C ASP A 611 56.70 41.05 -40.00
N ALA A 612 57.87 40.46 -39.84
CA ALA A 612 58.93 41.08 -39.07
C ALA A 612 59.51 42.27 -39.82
N PRO A 613 60.11 43.22 -39.10
CA PRO A 613 60.74 44.37 -39.78
C PRO A 613 61.91 43.94 -40.65
N ILE A 614 62.49 44.89 -41.40
CA ILE A 614 63.58 44.60 -42.33
C ILE A 614 64.64 45.68 -42.18
N ASP A 615 65.80 45.41 -42.77
CA ASP A 615 66.92 46.36 -42.77
C ASP A 615 67.71 46.12 -44.05
N HIS A 616 67.90 47.18 -44.83
CA HIS A 616 68.61 47.06 -46.10
C HIS A 616 70.11 47.18 -45.85
N LEU A 617 70.83 46.09 -46.13
CA LEU A 617 72.29 46.04 -45.96
C LEU A 617 72.94 46.06 -47.33
N ASP A 618 73.90 46.97 -47.51
CA ASP A 618 74.60 47.14 -48.77
C ASP A 618 75.95 46.43 -48.71
N MET A 619 76.35 45.84 -49.84
CA MET A 619 77.62 45.13 -49.95
C MET A 619 78.75 46.01 -50.47
N ASP A 620 78.70 47.31 -50.20
CA ASP A 620 79.71 48.22 -50.73
C ASP A 620 81.12 47.88 -50.28
N PHE A 621 81.27 47.14 -49.18
CA PHE A 621 82.57 46.78 -48.65
C PHE A 621 82.65 45.27 -48.47
N ARG A 622 83.86 44.79 -48.20
CA ARG A 622 84.11 43.37 -47.98
C ARG A 622 85.21 43.23 -46.94
N GLN A 623 85.58 41.98 -46.65
CA GLN A 623 86.60 41.71 -45.65
C GLN A 623 88.02 41.69 -46.21
N ILE A 624 88.18 41.82 -47.53
CA ILE A 624 89.50 41.79 -48.14
C ILE A 624 90.28 43.09 -47.98
N ARG A 625 89.62 44.15 -47.51
CA ARG A 625 90.28 45.43 -47.39
C ARG A 625 91.35 45.40 -46.30
N PRO A 626 92.38 46.21 -46.42
CA PRO A 626 93.44 46.23 -45.41
C PRO A 626 93.01 47.03 -44.17
N TYR A 627 93.74 46.79 -43.08
CA TYR A 627 93.45 47.46 -41.82
C TYR A 627 93.94 48.91 -41.87
N PRO A 628 93.29 49.81 -41.15
CA PRO A 628 93.70 51.22 -41.15
C PRO A 628 94.88 51.43 -40.22
N PRO A 629 95.48 52.62 -40.25
CA PRO A 629 96.64 52.87 -39.37
C PRO A 629 96.24 52.94 -37.91
N GLY A 630 97.24 53.02 -37.02
CA GLY A 630 96.97 53.07 -35.60
C GLY A 630 97.74 54.20 -34.94
N ASN A 631 97.24 54.60 -33.78
CA ASN A 631 97.83 55.68 -32.98
C ASN A 631 98.08 56.93 -33.83
N VAL A 632 97.01 57.37 -34.49
CA VAL A 632 97.09 58.55 -35.34
C VAL A 632 97.34 59.77 -34.45
N GLN A 633 98.51 60.39 -34.60
CA GLN A 633 98.88 61.56 -33.82
C GLN A 633 99.51 62.60 -34.74
N HIS A 634 99.44 63.86 -34.30
CA HIS A 634 99.98 64.95 -35.09
C HIS A 634 100.47 66.06 -34.17
N TYR A 635 101.31 66.94 -34.72
CA TYR A 635 101.86 68.06 -33.97
C TYR A 635 102.35 69.09 -34.98
N LEU A 636 102.67 70.28 -34.45
CA LEU A 636 103.17 71.39 -35.24
C LEU A 636 104.65 71.64 -34.93
N ALA A 637 105.21 72.68 -35.53
CA ALA A 637 106.61 73.00 -35.30
C ALA A 637 106.86 73.35 -33.84
N SER A 638 105.97 74.15 -33.25
CA SER A 638 106.08 74.49 -31.83
C SER A 638 105.42 73.43 -30.95
N THR A 639 104.13 73.17 -31.18
CA THR A 639 103.40 72.12 -30.47
C THR A 639 103.53 70.83 -31.26
N SER A 640 104.72 70.25 -31.22
CA SER A 640 105.05 69.04 -31.95
C SER A 640 105.17 67.81 -31.05
N THR A 641 104.30 67.68 -30.05
CA THR A 641 104.37 66.59 -29.10
C THR A 641 103.20 65.61 -29.25
N LEU A 642 101.97 66.10 -29.18
CA LEU A 642 100.80 65.23 -29.25
C LEU A 642 99.61 66.03 -29.75
N GLN A 643 98.90 65.48 -30.74
CA GLN A 643 97.68 66.09 -31.24
C GLN A 643 96.89 65.02 -31.98
N ARG A 644 95.73 64.67 -31.43
CA ARG A 644 94.91 63.62 -32.01
C ARG A 644 94.14 64.14 -33.22
N TRP A 645 93.66 63.21 -34.04
CA TRP A 645 92.87 63.58 -35.20
C TRP A 645 91.65 64.39 -34.80
N TYR A 646 91.03 64.03 -33.67
CA TYR A 646 89.92 64.80 -33.13
C TYR A 646 90.37 66.11 -32.49
N VAL A 647 91.67 66.36 -32.39
CA VAL A 647 92.19 67.59 -31.82
C VAL A 647 92.86 68.39 -32.93
N PRO A 648 92.20 69.40 -33.49
CA PRO A 648 92.79 70.14 -34.60
C PRO A 648 94.03 70.91 -34.17
N SER A 649 94.90 71.17 -35.16
CA SER A 649 96.11 71.94 -34.95
C SER A 649 96.13 73.09 -35.94
N ALA A 650 96.49 74.28 -35.46
CA ALA A 650 96.50 75.46 -36.29
C ALA A 650 97.78 75.52 -37.14
N LEU A 651 97.67 76.19 -38.28
CA LEU A 651 98.80 76.40 -39.20
C LEU A 651 98.88 77.89 -39.49
N THR A 652 99.62 78.61 -38.65
CA THR A 652 99.76 80.05 -38.77
C THR A 652 100.87 80.40 -39.77
N TYR A 653 100.95 81.69 -40.09
CA TYR A 653 101.99 82.15 -41.02
C TYR A 653 103.39 81.88 -40.51
N THR A 654 103.56 81.74 -39.20
CA THR A 654 104.87 81.46 -38.62
C THR A 654 104.66 80.57 -37.40
N ALA A 655 105.44 79.48 -37.32
CA ALA A 655 105.34 78.60 -36.15
C ALA A 655 105.73 79.34 -34.88
N ASN A 656 106.77 80.16 -34.95
CA ASN A 656 107.19 80.98 -33.82
C ASN A 656 108.04 82.13 -34.34
N ALA A 657 108.21 83.13 -33.49
CA ALA A 657 109.05 84.27 -33.86
C ALA A 657 110.46 83.77 -34.21
N GLY A 658 110.98 84.25 -35.33
CA GLY A 658 112.24 83.73 -35.82
C GLY A 658 112.16 82.35 -36.42
N GLU A 659 110.96 81.84 -36.69
CA GLU A 659 110.76 80.52 -37.25
C GLU A 659 109.92 80.62 -38.51
N THR A 660 110.08 79.63 -39.38
CA THR A 660 109.39 79.61 -40.66
C THR A 660 107.92 79.27 -40.47
N PRO A 661 107.16 79.21 -41.55
CA PRO A 661 105.73 78.89 -41.43
C PRO A 661 105.52 77.54 -40.76
N ASP A 662 104.49 77.48 -39.92
CA ASP A 662 104.21 76.25 -39.18
C ASP A 662 103.86 75.12 -40.14
N THR A 663 104.31 73.92 -39.79
CA THR A 663 104.03 72.72 -40.57
C THR A 663 103.33 71.71 -39.68
N TYR A 664 102.15 71.25 -40.11
CA TYR A 664 101.38 70.28 -39.36
C TYR A 664 101.85 68.88 -39.76
N THR A 665 102.53 68.21 -38.85
CA THR A 665 103.06 66.87 -39.09
C THR A 665 102.16 65.84 -38.41
N LEU A 666 101.70 64.86 -39.19
CA LEU A 666 100.84 63.79 -38.70
C LEU A 666 101.60 62.47 -38.81
N THR A 667 101.32 61.56 -37.87
CA THR A 667 101.97 60.26 -37.82
C THR A 667 100.94 59.16 -37.63
N TRP A 668 101.30 57.95 -38.04
CA TRP A 668 100.42 56.80 -37.94
C TRP A 668 101.29 55.55 -37.78
N ALA A 669 100.64 54.46 -37.37
CA ALA A 669 101.31 53.20 -37.10
C ALA A 669 100.92 52.17 -38.14
N HIS A 670 101.88 51.33 -38.51
CA HIS A 670 101.64 50.30 -39.52
C HIS A 670 101.00 49.07 -38.87
N ARG A 671 99.98 48.53 -39.54
CA ARG A 671 99.25 47.38 -39.04
C ARG A 671 99.06 46.38 -40.18
N ASP A 672 99.12 45.09 -39.85
CA ASP A 672 98.92 44.01 -40.81
C ASP A 672 97.68 43.24 -40.40
N ARG A 673 96.66 43.27 -41.27
CA ARG A 673 95.41 42.58 -40.95
C ARG A 673 95.64 41.09 -40.77
N VAL A 674 96.34 40.46 -41.71
CA VAL A 674 96.65 39.03 -41.60
C VAL A 674 97.51 38.77 -40.38
N LEU A 675 98.54 39.60 -40.18
CA LEU A 675 99.42 39.43 -39.02
C LEU A 675 98.64 39.58 -37.72
N GLN A 676 97.77 40.57 -37.64
CA GLN A 676 96.99 40.78 -36.42
C GLN A 676 96.09 39.57 -36.16
N GLY A 677 95.43 39.06 -37.20
CA GLY A 677 94.59 37.89 -37.02
C GLY A 677 93.50 38.14 -35.98
N ASP A 678 93.33 37.17 -35.09
CA ASP A 678 92.31 37.25 -34.06
C ASP A 678 92.66 38.24 -32.95
N LYS A 679 93.89 38.74 -32.91
CA LYS A 679 94.28 39.68 -31.86
C LYS A 679 93.71 41.05 -32.18
N PRO A 680 92.85 41.60 -31.32
CA PRO A 680 92.29 42.95 -31.57
C PRO A 680 93.15 44.05 -30.96
N VAL A 681 94.27 44.34 -31.62
CA VAL A 681 95.21 45.34 -31.12
C VAL A 681 94.48 46.68 -31.02
N PRO A 682 94.44 47.29 -29.84
CA PRO A 682 93.71 48.55 -29.70
C PRO A 682 94.32 49.63 -30.56
N HIS A 683 93.46 50.56 -31.02
CA HIS A 683 93.94 51.68 -31.81
C HIS A 683 95.04 52.45 -31.08
N ILE A 684 94.97 52.48 -29.75
CA ILE A 684 96.04 53.07 -28.95
C ILE A 684 97.33 52.28 -29.01
N ASP A 685 97.28 51.05 -29.51
CA ASP A 685 98.48 50.24 -29.64
C ASP A 685 99.34 50.74 -30.79
N GLY A 686 100.61 50.35 -30.77
CA GLY A 686 101.56 50.81 -31.76
C GLY A 686 101.39 50.12 -33.10
N ASP A 687 102.49 49.90 -33.80
CA ASP A 687 102.46 49.30 -35.13
C ASP A 687 102.70 47.80 -35.05
N ILE A 688 102.12 47.08 -36.00
CA ILE A 688 102.26 45.63 -36.11
C ILE A 688 102.81 45.21 -37.46
N GLY A 689 103.38 46.14 -38.23
CA GLY A 689 103.90 45.84 -39.54
C GLY A 689 102.83 45.96 -40.61
N PRO A 690 103.08 46.81 -41.60
CA PRO A 690 102.09 47.00 -42.67
C PRO A 690 101.91 45.75 -43.51
N GLU A 691 100.70 45.60 -44.04
CA GLU A 691 100.42 44.49 -44.92
C GLU A 691 101.26 44.62 -46.19
N PRO A 692 101.66 43.52 -46.82
CA PRO A 692 102.52 43.62 -47.99
C PRO A 692 101.89 44.45 -49.09
N GLY A 693 102.60 45.50 -49.50
CA GLY A 693 102.17 46.35 -50.58
C GLY A 693 101.17 47.44 -50.21
N THR A 694 100.75 47.52 -48.95
CA THR A 694 99.78 48.52 -48.54
C THR A 694 100.42 49.90 -48.52
N SER A 695 99.63 50.91 -48.89
CA SER A 695 100.08 52.29 -48.91
C SER A 695 99.01 53.18 -48.29
N TYR A 696 99.46 54.23 -47.61
CA TYR A 696 98.55 55.17 -46.98
C TYR A 696 97.92 56.09 -48.02
N THR A 697 96.71 56.56 -47.72
CA THR A 697 95.96 57.44 -48.60
C THR A 697 95.66 58.74 -47.88
N ILE A 698 95.78 59.85 -48.60
CA ILE A 698 95.56 61.18 -48.05
C ILE A 698 94.59 61.93 -48.94
N ARG A 699 93.56 62.53 -48.33
CA ARG A 699 92.59 63.36 -49.04
C ARG A 699 92.41 64.66 -48.27
N VAL A 700 92.28 65.76 -49.01
CA VAL A 700 92.17 67.10 -48.44
C VAL A 700 90.85 67.70 -48.90
N TYR A 701 90.06 68.16 -47.94
CA TYR A 701 88.79 68.85 -48.22
C TYR A 701 88.88 70.25 -47.66
N ASN A 702 88.59 71.25 -48.50
CA ASN A 702 88.70 72.63 -48.09
C ASN A 702 87.53 73.01 -47.18
N GLN A 703 87.55 74.25 -46.69
CA GLN A 703 86.46 74.73 -45.84
C GLN A 703 85.12 74.70 -46.57
N GLU A 704 85.15 74.81 -47.90
CA GLU A 704 83.95 74.75 -48.71
C GLU A 704 83.57 73.32 -49.08
N GLY A 705 84.28 72.33 -48.57
CA GLY A 705 84.00 70.94 -48.88
C GLY A 705 84.60 70.45 -50.18
N THR A 706 85.37 71.28 -50.88
CA THR A 706 85.97 70.88 -52.14
C THR A 706 87.17 69.97 -51.87
N LEU A 707 87.20 68.81 -52.52
CA LEU A 707 88.31 67.87 -52.39
C LEU A 707 89.49 68.45 -53.18
N VAL A 708 90.28 69.27 -52.50
CA VAL A 708 91.35 70.00 -53.18
C VAL A 708 92.33 69.07 -53.86
N ARG A 709 92.78 68.03 -53.16
CA ARG A 709 93.75 67.10 -53.73
C ARG A 709 93.68 65.78 -52.98
N THR A 710 94.23 64.74 -53.62
CA THR A 710 94.30 63.42 -53.03
C THR A 710 95.72 62.89 -53.22
N GLU A 711 96.21 62.17 -52.22
CA GLU A 711 97.55 61.61 -52.26
C GLU A 711 97.49 60.14 -51.90
N SER A 712 98.40 59.36 -52.49
CA SER A 712 98.47 57.93 -52.25
C SER A 712 99.92 57.49 -52.33
N GLY A 713 100.15 56.18 -52.31
CA GLY A 713 101.50 55.66 -52.37
C GLY A 713 102.37 56.02 -51.19
N ILE A 714 101.78 56.48 -50.09
CA ILE A 714 102.54 56.91 -48.92
C ILE A 714 102.87 55.67 -48.10
N ASN A 715 104.03 55.07 -48.36
CA ASN A 715 104.50 53.95 -47.57
C ASN A 715 104.99 54.36 -46.20
N GLY A 716 105.16 55.66 -45.95
CA GLY A 716 105.63 56.13 -44.66
C GLY A 716 104.52 56.16 -43.62
N THR A 717 104.93 56.37 -42.37
CA THR A 717 104.01 56.39 -41.24
C THR A 717 103.50 57.77 -40.89
N THR A 718 103.96 58.81 -41.58
CA THR A 718 103.55 60.17 -41.26
C THR A 718 103.63 61.05 -42.49
N TRP A 719 102.90 62.16 -42.45
CA TRP A 719 102.91 63.15 -43.52
C TRP A 719 103.04 64.54 -42.91
N ASN A 720 103.57 65.48 -43.69
CA ASN A 720 103.81 66.84 -43.25
C ASN A 720 103.07 67.79 -44.17
N TRP A 721 102.48 68.83 -43.59
CA TRP A 721 101.74 69.83 -44.35
C TRP A 721 102.32 71.21 -44.07
N PRO A 722 103.41 71.59 -44.73
CA PRO A 722 103.97 72.93 -44.51
C PRO A 722 102.99 74.01 -44.91
N TYR A 723 103.07 75.16 -44.23
CA TYR A 723 102.15 76.25 -44.52
C TYR A 723 102.13 76.58 -46.01
N ALA A 724 103.31 76.66 -46.63
CA ALA A 724 103.35 76.90 -48.08
C ALA A 724 102.76 75.74 -48.85
N THR A 725 103.06 74.51 -48.45
CA THR A 725 102.55 73.34 -49.17
C THR A 725 101.03 73.29 -49.13
N ALA A 726 100.44 73.46 -47.95
CA ALA A 726 98.99 73.42 -47.83
C ALA A 726 98.35 74.62 -48.53
N ALA A 727 99.04 75.76 -48.54
CA ALA A 727 98.50 76.97 -49.13
C ALA A 727 98.33 76.84 -50.65
N ALA A 728 98.94 75.81 -51.24
CA ALA A 728 98.81 75.61 -52.68
C ALA A 728 97.37 75.30 -53.06
N ASP A 729 96.81 74.21 -52.53
CA ASP A 729 95.42 73.86 -52.77
C ASP A 729 94.46 74.52 -51.79
N MET A 730 94.83 74.60 -50.51
CA MET A 730 94.06 75.35 -49.52
C MET A 730 94.50 76.82 -49.55
N ASN A 731 94.21 77.47 -50.68
CA ASN A 731 94.68 78.83 -50.93
C ASN A 731 94.21 79.79 -49.86
N VAL A 732 95.16 80.32 -49.07
CA VAL A 732 94.83 81.35 -48.10
C VAL A 732 94.33 82.60 -48.80
N GLU A 733 94.96 82.97 -49.91
CA GLU A 733 94.49 84.11 -50.70
C GLU A 733 93.17 83.81 -51.39
N ALA A 734 92.94 82.55 -51.77
CA ALA A 734 91.68 82.19 -52.43
C ALA A 734 90.50 82.35 -51.47
N SER A 735 90.53 81.64 -50.35
CA SER A 735 89.45 81.75 -49.38
C SER A 735 89.40 83.15 -48.79
N LEU A 736 88.19 83.67 -48.62
CA LEU A 736 88.03 85.01 -48.07
C LEU A 736 88.24 85.05 -46.56
N PHE A 737 87.91 83.97 -45.86
CA PHE A 737 88.04 83.95 -44.40
C PHE A 737 89.50 84.09 -44.00
N ASP A 738 89.73 84.78 -42.88
CA ASP A 738 91.07 84.96 -42.34
C ASP A 738 91.72 83.60 -42.17
N PRO A 739 91.17 82.74 -41.32
CA PRO A 739 91.67 81.37 -41.22
C PRO A 739 90.88 80.44 -42.12
N VAL A 740 91.61 79.50 -42.74
CA VAL A 740 91.02 78.52 -43.65
C VAL A 740 91.02 77.18 -42.93
N LEU A 741 89.85 76.75 -42.47
CA LEU A 741 89.71 75.50 -41.72
C LEU A 741 89.57 74.36 -42.71
N ALA A 742 90.69 73.75 -43.08
CA ALA A 742 90.68 72.64 -44.03
C ALA A 742 90.37 71.33 -43.30
N THR A 743 89.63 70.45 -43.97
CA THR A 743 89.28 69.14 -43.45
C THR A 743 90.23 68.11 -44.06
N LEU A 744 90.98 67.42 -43.21
CA LEU A 744 91.97 66.45 -43.65
C LEU A 744 91.44 65.05 -43.36
N ARG A 745 91.42 64.21 -44.40
CA ARG A 745 90.97 62.83 -44.29
C ARG A 745 92.11 61.90 -44.70
N LEU A 746 92.26 60.80 -43.97
CA LEU A 746 93.32 59.84 -44.20
C LEU A 746 92.76 58.42 -44.19
N THR A 747 93.45 57.52 -44.86
CA THR A 747 93.07 56.11 -44.94
C THR A 747 94.24 55.34 -45.50
N SER A 748 94.03 54.04 -45.75
CA SER A 748 95.05 53.17 -46.32
C SER A 748 94.41 52.31 -47.39
N ALA A 749 95.23 51.86 -48.35
CA ALA A 749 94.73 51.06 -49.45
C ALA A 749 95.79 50.04 -49.85
N ARG A 750 95.32 48.93 -50.43
CA ARG A 750 96.20 47.88 -50.92
C ARG A 750 95.46 47.13 -52.00
N ASN A 751 96.10 46.96 -53.16
CA ASN A 751 95.48 46.30 -54.31
C ASN A 751 94.23 47.06 -54.78
N GLY A 752 94.36 48.39 -54.85
CA GLY A 752 93.28 49.23 -55.34
C GLY A 752 92.34 49.71 -54.26
N ARG A 753 91.57 48.79 -53.68
CA ARG A 753 90.56 49.16 -52.70
C ARG A 753 91.20 49.76 -51.45
N GLU A 754 90.46 50.66 -50.81
CA GLU A 754 90.92 51.32 -49.59
C GLU A 754 90.27 50.67 -48.37
N SER A 755 90.52 51.26 -47.21
CA SER A 755 89.96 50.74 -45.97
C SER A 755 88.46 51.03 -45.91
N TRP A 756 87.79 50.42 -44.92
CA TRP A 756 86.36 50.60 -44.76
C TRP A 756 85.99 51.96 -44.19
N GLU A 757 86.89 52.58 -43.43
CA GLU A 757 86.63 53.91 -42.87
C GLU A 757 87.87 54.78 -43.02
N TYR A 758 87.86 55.96 -42.39
CA TYR A 758 88.99 56.87 -42.46
C TYR A 758 88.93 57.85 -41.30
N TYR A 759 90.09 58.37 -40.94
CA TYR A 759 90.18 59.38 -39.89
C TYR A 759 89.85 60.76 -40.46
N GLU A 760 89.72 61.73 -39.56
CA GLU A 760 89.35 63.09 -39.96
C GLU A 760 90.16 64.06 -39.10
N MET A 761 91.12 64.74 -39.73
CA MET A 761 91.90 65.79 -39.08
C MET A 761 91.46 67.15 -39.59
N LYS A 762 91.71 68.17 -38.78
CA LYS A 762 91.34 69.55 -39.11
C LYS A 762 92.55 70.45 -38.96
N VAL A 763 92.73 71.34 -39.93
CA VAL A 763 93.85 72.27 -39.94
C VAL A 763 93.34 73.64 -40.36
N SER A 764 93.84 74.68 -39.72
CA SER A 764 93.46 76.06 -40.00
C SER A 764 94.66 76.78 -40.61
N VAL A 765 94.47 77.35 -41.80
CA VAL A 765 95.50 78.11 -42.49
C VAL A 765 95.12 79.58 -42.43
N TYR A 766 96.03 80.40 -41.90
CA TYR A 766 95.77 81.81 -41.65
C TYR A 766 96.60 82.67 -42.60
N LYS A 767 96.01 83.78 -43.04
CA LYS A 767 96.70 84.74 -43.87
C LYS A 767 97.59 85.64 -43.01
N LYS A 768 98.12 86.70 -43.63
CA LYS A 768 98.99 87.63 -42.92
C LYS A 768 98.91 88.98 -43.62
N PRO A 769 99.17 90.07 -42.90
CA PRO A 769 99.19 91.39 -43.53
C PRO A 769 100.51 91.63 -44.23
N PRO A 770 100.61 92.69 -45.05
CA PRO A 770 101.85 92.99 -45.77
C PRO A 770 102.98 93.37 -44.81
N LEU B 6 -36.52 -56.62 -12.85
CA LEU B 6 -35.97 -55.29 -12.49
C LEU B 6 -34.74 -55.48 -11.60
N ARG B 7 -33.66 -54.78 -11.93
CA ARG B 7 -32.42 -54.84 -11.17
C ARG B 7 -31.49 -53.76 -11.72
N PRO B 8 -30.45 -53.40 -10.97
CA PRO B 8 -29.47 -52.44 -11.48
C PRO B 8 -28.68 -53.00 -12.65
N ALA B 9 -28.18 -52.09 -13.48
CA ALA B 9 -27.42 -52.48 -14.67
C ALA B 9 -25.97 -52.82 -14.29
N ARG B 10 -25.25 -53.36 -15.28
CA ARG B 10 -23.86 -53.77 -15.11
C ARG B 10 -23.03 -53.20 -16.25
N GLU B 11 -21.72 -53.15 -16.03
CA GLU B 11 -20.81 -52.55 -17.00
C GLU B 11 -19.45 -53.22 -16.90
N GLN B 12 -18.61 -52.96 -17.89
CA GLN B 12 -17.26 -53.51 -17.92
C GLN B 12 -16.31 -52.51 -18.55
N PHE B 13 -15.02 -52.72 -18.31
CA PHE B 13 -13.96 -51.86 -18.82
C PHE B 13 -13.24 -52.56 -19.96
N ASN B 14 -13.34 -52.00 -21.16
CA ASN B 14 -12.53 -52.45 -22.28
C ASN B 14 -11.26 -51.60 -22.38
N GLN B 15 -10.35 -52.02 -23.26
CA GLN B 15 -9.16 -51.24 -23.57
C GLN B 15 -9.11 -50.83 -25.03
N ALA B 16 -9.26 -51.78 -25.96
CA ALA B 16 -9.22 -51.43 -27.37
C ALA B 16 -10.49 -50.71 -27.79
N ILE B 17 -11.65 -51.37 -27.62
CA ILE B 17 -12.92 -50.70 -27.93
C ILE B 17 -13.07 -49.45 -27.08
N TYR B 18 -12.83 -49.56 -25.77
CA TYR B 18 -12.85 -48.40 -24.89
C TYR B 18 -12.13 -47.19 -25.49
N ASP B 19 -10.83 -47.32 -25.77
CA ASP B 19 -10.10 -46.20 -26.33
C ASP B 19 -10.63 -45.83 -27.71
N ALA B 20 -11.30 -46.77 -28.38
CA ALA B 20 -11.77 -46.53 -29.75
C ALA B 20 -12.84 -45.43 -29.80
N LEU B 21 -13.78 -45.42 -28.85
CA LEU B 21 -14.94 -44.51 -28.88
C LEU B 21 -15.02 -43.78 -27.56
N ASN B 22 -14.25 -42.70 -27.44
CA ASN B 22 -14.27 -41.80 -26.28
C ASN B 22 -14.46 -42.55 -24.96
N GLY B 23 -13.78 -43.67 -24.80
CA GLY B 23 -13.79 -44.37 -23.53
C GLY B 23 -15.16 -44.88 -23.10
N ALA B 24 -15.75 -45.76 -23.89
CA ALA B 24 -17.05 -46.34 -23.57
C ALA B 24 -16.87 -47.70 -22.91
N TYR B 25 -17.81 -48.05 -22.04
CA TYR B 25 -17.84 -49.34 -21.37
C TYR B 25 -18.78 -50.30 -22.09
N GLN B 26 -18.67 -51.58 -21.72
CA GLN B 26 -19.69 -52.55 -22.07
C GLN B 26 -20.91 -52.34 -21.17
N LEU B 27 -22.09 -52.61 -21.72
CA LEU B 27 -23.34 -52.47 -20.97
C LEU B 27 -24.16 -53.74 -21.11
N TYR B 28 -24.63 -54.26 -19.97
CA TYR B 28 -25.40 -55.49 -19.96
C TYR B 28 -26.13 -55.58 -18.62
N VAL B 29 -27.12 -56.47 -18.56
CA VAL B 29 -27.95 -56.59 -17.37
C VAL B 29 -27.76 -57.96 -16.73
N GLN B 30 -27.47 -58.96 -17.54
CA GLN B 30 -27.24 -60.30 -17.01
C GLN B 30 -26.03 -60.29 -16.08
N ASP B 31 -26.08 -61.16 -15.05
CA ASP B 31 -25.11 -61.08 -13.98
C ASP B 31 -23.69 -61.16 -14.52
N ALA B 32 -23.42 -62.18 -15.32
CA ALA B 32 -22.12 -62.36 -15.95
C ALA B 32 -22.22 -62.16 -17.46
N PHE B 33 -21.06 -61.96 -18.10
CA PHE B 33 -21.03 -61.56 -19.50
C PHE B 33 -21.57 -62.65 -20.42
N GLY B 34 -21.10 -63.88 -20.24
CA GLY B 34 -21.39 -64.94 -21.18
C GLY B 34 -22.66 -65.73 -20.89
N GLN B 35 -23.78 -65.05 -20.68
CA GLN B 35 -25.03 -65.70 -20.31
C GLN B 35 -26.23 -65.04 -20.99
N ALA B 36 -26.15 -64.90 -22.32
CA ALA B 36 -27.30 -64.50 -23.10
C ALA B 36 -28.34 -65.62 -23.12
N ALA B 37 -29.47 -65.35 -23.77
CA ALA B 37 -30.56 -66.32 -23.88
C ALA B 37 -31.11 -66.29 -25.29
N ALA B 38 -31.92 -67.29 -25.62
CA ALA B 38 -32.43 -67.44 -26.97
C ALA B 38 -33.35 -66.28 -27.31
N ASN B 39 -33.01 -65.54 -28.38
CA ASN B 39 -33.80 -64.43 -28.89
C ASN B 39 -34.34 -63.56 -27.76
N GLN B 40 -33.59 -63.47 -26.68
CA GLN B 40 -34.04 -62.73 -25.50
C GLN B 40 -33.84 -61.23 -25.71
N THR B 41 -34.67 -60.45 -25.03
CA THR B 41 -34.56 -59.01 -25.00
C THR B 41 -34.22 -58.53 -23.59
N TYR B 42 -33.45 -57.46 -23.52
CA TYR B 42 -33.00 -56.88 -22.26
C TYR B 42 -33.21 -55.38 -22.32
N TYR B 43 -33.85 -54.82 -21.29
CA TYR B 43 -34.34 -53.46 -21.33
C TYR B 43 -33.70 -52.62 -20.22
N MET B 44 -33.60 -51.32 -20.49
CA MET B 44 -33.01 -50.36 -19.57
C MET B 44 -33.42 -48.97 -20.01
N ALA B 45 -33.43 -48.03 -19.07
CA ALA B 45 -33.80 -46.66 -19.39
C ALA B 45 -33.24 -45.72 -18.34
N LYS B 46 -32.97 -44.49 -18.76
CA LYS B 46 -32.48 -43.45 -17.86
C LYS B 46 -32.79 -42.09 -18.49
N TRP B 47 -32.69 -41.05 -17.66
CA TRP B 47 -32.88 -39.68 -18.10
C TRP B 47 -31.55 -39.11 -18.57
N MET B 48 -31.55 -38.50 -19.76
CA MET B 48 -30.38 -37.83 -20.30
C MET B 48 -30.74 -36.40 -20.66
N LYS B 49 -29.84 -35.48 -20.35
CA LYS B 49 -30.07 -34.06 -20.61
C LYS B 49 -29.70 -33.74 -22.06
N LEU B 50 -30.61 -33.08 -22.77
CA LEU B 50 -30.40 -32.79 -24.18
C LEU B 50 -30.95 -31.43 -24.55
N LYS B 51 -30.17 -30.70 -25.32
CA LYS B 51 -30.69 -29.61 -26.14
C LYS B 51 -31.32 -30.20 -27.41
N ALA B 52 -31.52 -29.35 -28.41
CA ALA B 52 -32.07 -29.79 -29.69
C ALA B 52 -31.00 -30.23 -30.69
N GLY B 53 -29.84 -30.66 -30.21
CA GLY B 53 -28.72 -30.92 -31.09
C GLY B 53 -28.84 -32.22 -31.87
N THR B 54 -27.76 -32.55 -32.57
CA THR B 54 -27.75 -33.69 -33.48
C THR B 54 -27.56 -35.00 -32.74
N TYR B 55 -26.57 -35.06 -31.85
CA TYR B 55 -26.31 -36.25 -31.03
C TYR B 55 -25.85 -37.43 -31.88
N THR B 56 -24.90 -37.17 -32.78
CA THR B 56 -24.28 -38.25 -33.54
C THR B 56 -23.69 -39.28 -32.59
N ALA B 57 -23.95 -40.56 -32.87
CA ALA B 57 -23.55 -41.62 -31.95
C ALA B 57 -23.32 -42.91 -32.71
N VAL B 58 -22.12 -43.45 -32.58
CA VAL B 58 -21.83 -44.81 -33.01
C VAL B 58 -22.23 -45.77 -31.89
N MET B 59 -22.78 -46.92 -32.26
CA MET B 59 -23.22 -47.89 -31.26
C MET B 59 -23.07 -49.29 -31.83
N TYR B 60 -22.46 -50.17 -31.03
CA TYR B 60 -22.22 -51.55 -31.42
C TYR B 60 -22.86 -52.46 -30.39
N VAL B 61 -23.57 -53.49 -30.85
CA VAL B 61 -24.33 -54.39 -29.99
C VAL B 61 -24.26 -55.79 -30.57
N ASP B 62 -24.58 -56.78 -29.74
CA ASP B 62 -24.70 -58.15 -30.20
C ASP B 62 -26.08 -58.37 -30.81
N ASP B 63 -26.11 -58.77 -32.07
CA ASP B 63 -27.34 -59.19 -32.74
C ASP B 63 -28.38 -58.07 -32.77
N SER B 64 -28.04 -57.00 -33.49
CA SER B 64 -28.99 -55.95 -33.86
C SER B 64 -29.65 -55.30 -32.65
N GLY B 65 -28.89 -55.05 -31.59
CA GLY B 65 -29.38 -54.20 -30.53
C GLY B 65 -29.58 -52.78 -31.00
N THR B 66 -30.44 -52.05 -30.29
CA THR B 66 -30.93 -50.77 -30.76
C THR B 66 -30.82 -49.70 -29.69
N LEU B 67 -30.56 -48.47 -30.15
CA LEU B 67 -30.72 -47.27 -29.35
C LEU B 67 -32.10 -46.67 -29.61
N SER B 68 -32.57 -45.89 -28.64
CA SER B 68 -33.89 -45.28 -28.78
C SER B 68 -33.99 -44.07 -27.86
N ILE B 69 -34.86 -43.14 -28.24
CA ILE B 69 -35.15 -41.96 -27.45
C ILE B 69 -36.65 -41.73 -27.45
N ASP B 70 -37.23 -41.54 -26.26
CA ASP B 70 -38.67 -41.29 -26.12
C ASP B 70 -39.48 -42.34 -26.86
N HIS B 71 -39.07 -43.60 -26.71
CA HIS B 71 -39.68 -44.75 -27.37
C HIS B 71 -39.43 -44.75 -28.87
N ALA B 72 -38.62 -43.83 -29.38
CA ALA B 72 -38.32 -43.73 -30.80
C ALA B 72 -36.94 -44.35 -31.05
N VAL B 73 -36.90 -45.45 -31.81
CA VAL B 73 -35.64 -46.08 -32.14
C VAL B 73 -34.82 -45.17 -33.03
N VAL B 74 -33.53 -45.05 -32.73
CA VAL B 74 -32.65 -44.17 -33.47
C VAL B 74 -31.62 -44.93 -34.30
N ALA B 75 -31.31 -46.18 -33.96
CA ALA B 75 -30.32 -46.94 -34.71
C ALA B 75 -30.28 -48.37 -34.16
N THR B 76 -29.59 -49.23 -34.90
CA THR B 76 -29.33 -50.59 -34.48
C THR B 76 -27.94 -51.00 -34.97
N ALA B 77 -27.32 -51.93 -34.27
CA ALA B 77 -25.93 -52.29 -34.50
C ALA B 77 -25.83 -53.57 -35.33
N ALA B 78 -25.08 -53.51 -36.42
CA ALA B 78 -24.70 -54.73 -37.11
C ALA B 78 -23.77 -55.55 -36.23
N ILE B 79 -23.72 -56.86 -36.48
CA ILE B 79 -22.95 -57.75 -35.62
C ILE B 79 -21.49 -57.34 -35.54
N GLY B 80 -20.99 -56.58 -36.52
CA GLY B 80 -19.65 -56.06 -36.44
C GLY B 80 -19.57 -54.73 -35.71
N THR B 81 -18.37 -54.37 -35.27
CA THR B 81 -18.16 -53.12 -34.56
C THR B 81 -18.02 -51.97 -35.55
N ASN B 82 -18.97 -51.85 -36.46
CA ASN B 82 -18.94 -50.82 -37.49
C ASN B 82 -19.50 -49.51 -36.95
N PRO B 83 -19.18 -48.38 -37.59
CA PRO B 83 -19.91 -47.15 -37.30
C PRO B 83 -21.34 -47.26 -37.80
N ASN B 84 -22.14 -48.05 -37.08
CA ASN B 84 -23.46 -48.44 -37.58
C ASN B 84 -24.31 -47.23 -37.94
N SER B 85 -24.29 -46.19 -37.11
CA SER B 85 -25.17 -45.06 -37.30
C SER B 85 -24.56 -43.83 -36.64
N GLY B 86 -25.12 -42.67 -36.98
CA GLY B 86 -24.63 -41.40 -36.49
C GLY B 86 -25.73 -40.48 -36.00
N GLU B 87 -25.81 -39.30 -36.59
CA GLU B 87 -26.76 -38.28 -36.17
C GLU B 87 -28.17 -38.84 -36.03
N PHE B 88 -28.83 -38.45 -34.94
CA PHE B 88 -30.27 -38.60 -34.79
C PHE B 88 -30.75 -37.40 -33.98
N THR B 89 -31.22 -36.37 -34.68
CA THR B 89 -31.52 -35.09 -34.05
C THR B 89 -32.83 -35.18 -33.26
N VAL B 90 -32.75 -34.92 -31.96
CA VAL B 90 -33.96 -34.83 -31.15
C VAL B 90 -34.79 -33.62 -31.58
N ALA B 91 -34.13 -32.53 -31.96
CA ALA B 91 -34.73 -31.30 -32.49
C ALA B 91 -35.47 -30.49 -31.44
N ALA B 92 -35.42 -30.88 -30.17
CA ALA B 92 -36.08 -30.15 -29.11
C ALA B 92 -35.19 -30.14 -27.87
N ASP B 93 -35.15 -29.00 -27.18
CA ASP B 93 -34.37 -28.89 -25.97
C ASP B 93 -35.12 -29.51 -24.80
N GLY B 94 -34.48 -30.44 -24.11
CA GLY B 94 -35.11 -31.04 -22.94
C GLY B 94 -34.40 -32.32 -22.52
N VAL B 95 -34.95 -32.90 -21.45
CA VAL B 95 -34.46 -34.16 -20.89
C VAL B 95 -35.36 -35.28 -21.40
N TYR B 96 -34.74 -36.37 -21.86
CA TYR B 96 -35.47 -37.46 -22.49
C TYR B 96 -34.95 -38.79 -21.96
N ARG B 97 -35.67 -39.86 -22.32
CA ARG B 97 -35.44 -41.19 -21.78
C ARG B 97 -34.53 -41.96 -22.73
N PHE B 98 -33.30 -42.21 -22.28
CA PHE B 98 -32.36 -43.07 -23.01
C PHE B 98 -32.73 -44.52 -22.71
N ASP B 99 -33.44 -45.17 -23.64
CA ASP B 99 -34.09 -46.45 -23.38
C ASP B 99 -33.67 -47.48 -24.41
N CYS B 100 -32.36 -47.61 -24.59
CA CYS B 100 -31.82 -48.61 -25.50
C CYS B 100 -32.08 -50.03 -25.00
N ILE B 101 -32.13 -50.96 -25.95
CA ILE B 101 -32.48 -52.35 -25.70
C ILE B 101 -31.55 -53.21 -26.54
N TYR B 102 -31.25 -54.42 -26.07
CA TYR B 102 -30.41 -55.33 -26.83
C TYR B 102 -31.01 -56.74 -26.79
N SER B 103 -30.44 -57.63 -27.59
CA SER B 103 -30.91 -59.01 -27.67
C SER B 103 -29.78 -59.92 -28.14
N ASN B 104 -30.00 -61.22 -28.02
CA ASN B 104 -29.08 -62.20 -28.59
C ASN B 104 -29.88 -63.36 -29.18
N VAL B 105 -29.34 -63.95 -30.22
CA VAL B 105 -30.02 -64.98 -31.01
C VAL B 105 -29.92 -66.29 -30.22
N PRO B 106 -30.53 -67.41 -30.70
CA PRO B 106 -30.70 -68.60 -29.83
C PRO B 106 -29.54 -68.89 -28.89
N ALA B 107 -28.30 -68.67 -29.33
CA ALA B 107 -27.15 -69.02 -28.52
C ALA B 107 -27.12 -68.18 -27.24
N ASP B 108 -26.35 -68.67 -26.27
CA ASP B 108 -26.13 -67.97 -25.00
C ASP B 108 -24.79 -67.27 -24.96
N THR B 109 -24.36 -66.73 -26.09
CA THR B 109 -23.07 -66.06 -26.22
C THR B 109 -23.05 -64.82 -25.33
N PRO B 110 -21.91 -64.16 -25.18
CA PRO B 110 -21.89 -62.94 -24.38
C PRO B 110 -22.83 -61.88 -24.92
N ALA B 111 -23.49 -61.16 -24.01
CA ALA B 111 -24.42 -60.10 -24.36
C ALA B 111 -23.76 -58.75 -24.06
N TYR B 112 -23.66 -57.90 -25.07
CA TYR B 112 -22.86 -56.69 -25.02
C TYR B 112 -23.60 -55.53 -25.65
N MET B 113 -23.46 -54.34 -25.03
CA MET B 113 -23.81 -53.07 -25.66
C MET B 113 -22.73 -52.04 -25.36
N ALA B 114 -22.64 -51.05 -26.24
CA ALA B 114 -21.94 -49.79 -25.97
C ALA B 114 -22.38 -48.79 -27.02
N TYR B 115 -22.20 -47.51 -26.69
CA TYR B 115 -22.63 -46.44 -27.58
C TYR B 115 -21.67 -45.26 -27.46
N GLN B 116 -21.75 -44.37 -28.45
CA GLN B 116 -20.74 -43.33 -28.69
C GLN B 116 -21.40 -41.98 -28.92
N LEU B 117 -22.33 -41.60 -28.04
CA LEU B 117 -22.94 -40.28 -28.15
C LEU B 117 -21.88 -39.20 -28.26
N ILE B 118 -21.83 -38.56 -29.43
CA ILE B 118 -20.99 -37.38 -29.62
C ILE B 118 -21.81 -36.33 -30.38
N ARG B 119 -22.37 -35.38 -29.63
CA ARG B 119 -23.18 -34.34 -30.24
C ARG B 119 -22.30 -33.42 -31.07
N ASP B 120 -22.64 -33.29 -32.36
CA ASP B 120 -21.87 -32.44 -33.27
C ASP B 120 -20.38 -32.68 -33.16
N GLY B 121 -19.99 -33.88 -32.75
CA GLY B 121 -18.61 -34.20 -32.46
C GLY B 121 -18.18 -33.94 -31.03
N GLN B 122 -19.12 -33.74 -30.11
CA GLN B 122 -18.82 -33.46 -28.71
C GLN B 122 -19.37 -34.58 -27.84
N THR B 123 -18.50 -35.18 -27.04
CA THR B 123 -18.87 -36.35 -26.26
C THR B 123 -19.85 -35.98 -25.16
N VAL B 124 -20.88 -36.81 -25.00
CA VAL B 124 -21.89 -36.63 -23.97
C VAL B 124 -22.48 -37.99 -23.63
N GLU B 125 -22.65 -38.22 -22.32
CA GLU B 125 -23.35 -39.42 -21.83
C GLU B 125 -22.79 -40.68 -22.47
N VAL B 126 -21.49 -40.69 -22.74
CA VAL B 126 -20.91 -41.71 -23.60
C VAL B 126 -21.16 -43.11 -23.03
N SER B 127 -20.96 -43.30 -21.73
CA SER B 127 -21.10 -44.61 -21.11
C SER B 127 -21.07 -44.44 -19.59
N ARG B 128 -21.03 -45.56 -18.88
CA ARG B 128 -21.04 -45.58 -17.41
C ARG B 128 -22.37 -45.02 -16.90
N ALA B 129 -23.45 -45.63 -17.35
CA ALA B 129 -24.80 -45.19 -16.98
C ALA B 129 -25.32 -46.06 -15.83
N ASN B 130 -24.72 -45.86 -14.66
CA ASN B 130 -25.21 -46.52 -13.46
C ASN B 130 -26.60 -46.05 -13.08
N ASP B 131 -27.07 -44.93 -13.64
CA ASP B 131 -28.44 -44.49 -13.41
C ASP B 131 -29.46 -45.43 -14.05
N PHE B 132 -29.02 -46.34 -14.91
CA PHE B 132 -29.92 -47.32 -15.51
C PHE B 132 -30.69 -48.10 -14.45
N ILE B 133 -31.84 -48.62 -14.83
CA ILE B 133 -32.52 -49.69 -14.09
C ILE B 133 -32.82 -50.79 -15.09
N ALA B 134 -32.34 -52.00 -14.80
CA ALA B 134 -32.32 -53.09 -15.76
C ALA B 134 -33.44 -54.08 -15.47
N ASP B 135 -34.18 -54.46 -16.50
CA ASP B 135 -35.24 -55.46 -16.39
C ASP B 135 -35.33 -56.21 -17.70
N ILE B 136 -35.88 -57.44 -17.63
CA ILE B 136 -36.07 -58.26 -18.82
C ILE B 136 -37.25 -57.80 -19.66
N VAL B 137 -37.97 -56.78 -19.23
CA VAL B 137 -39.10 -56.24 -19.99
C VAL B 137 -39.02 -54.72 -19.97
N PRO B 138 -39.62 -54.06 -20.96
CA PRO B 138 -39.60 -52.60 -20.95
C PRO B 138 -40.45 -52.05 -19.82
N ILE B 139 -40.10 -50.85 -19.36
CA ILE B 139 -40.74 -50.26 -18.19
C ILE B 139 -41.21 -48.85 -18.53
N PRO B 140 -42.23 -48.34 -17.86
CA PRO B 140 -42.71 -46.98 -18.13
C PRO B 140 -41.83 -45.94 -17.44
N ASP B 141 -42.15 -44.68 -17.69
CA ASP B 141 -41.35 -43.59 -17.13
C ASP B 141 -41.41 -43.59 -15.61
N LYS B 142 -42.61 -43.78 -15.05
CA LYS B 142 -42.76 -43.74 -13.60
C LYS B 142 -42.07 -44.91 -12.92
N ALA B 143 -41.81 -46.00 -13.63
CA ALA B 143 -40.89 -47.01 -13.11
C ALA B 143 -39.44 -46.54 -13.20
N LEU B 144 -39.12 -45.75 -14.21
CA LEU B 144 -37.76 -45.23 -14.35
C LEU B 144 -37.41 -44.30 -13.19
N GLY B 145 -38.31 -43.38 -12.86
CA GLY B 145 -38.08 -42.42 -11.80
C GLY B 145 -38.44 -41.03 -12.26
N PRO B 146 -38.63 -40.11 -11.31
CA PRO B 146 -39.01 -38.74 -11.68
C PRO B 146 -37.99 -38.12 -12.61
N LYS B 147 -38.47 -37.41 -13.62
CA LYS B 147 -37.57 -36.74 -14.55
C LYS B 147 -36.88 -35.57 -13.83
N PRO B 148 -35.56 -35.47 -13.88
CA PRO B 148 -34.87 -34.43 -13.13
C PRO B 148 -35.07 -33.07 -13.76
N PRO B 149 -34.89 -31.99 -13.00
CA PRO B 149 -35.06 -30.65 -13.58
C PRO B 149 -33.99 -30.37 -14.61
N TYR B 150 -34.31 -29.47 -15.55
CA TYR B 150 -33.34 -29.13 -16.58
C TYR B 150 -32.12 -28.43 -16.00
N SER B 151 -32.21 -27.89 -14.79
CA SER B 151 -31.06 -27.32 -14.08
C SER B 151 -30.17 -26.50 -15.00
N ASP B 152 -30.80 -25.57 -15.73
CA ASP B 152 -30.00 -24.62 -16.49
C ASP B 152 -29.06 -23.86 -15.58
N ASP B 153 -29.49 -23.56 -14.35
CA ASP B 153 -28.60 -23.00 -13.35
C ASP B 153 -27.73 -24.12 -12.78
N VAL B 154 -26.43 -23.82 -12.63
CA VAL B 154 -25.51 -24.81 -12.11
C VAL B 154 -25.76 -25.07 -10.63
N ARG B 155 -26.50 -24.20 -9.95
CA ARG B 155 -26.69 -24.36 -8.51
C ARG B 155 -27.36 -25.68 -8.18
N LEU B 156 -28.36 -26.08 -8.95
CA LEU B 156 -29.12 -27.29 -8.64
C LEU B 156 -28.28 -28.56 -8.75
N THR B 157 -27.10 -28.49 -9.38
CA THR B 157 -26.31 -29.69 -9.56
C THR B 157 -25.65 -30.17 -8.27
N TYR B 158 -25.51 -29.29 -7.27
CA TYR B 158 -24.83 -29.68 -6.05
C TYR B 158 -25.67 -30.69 -5.27
N PRO B 159 -25.03 -31.57 -4.50
CA PRO B 159 -25.79 -32.54 -3.70
C PRO B 159 -26.55 -31.87 -2.57
N VAL B 160 -27.62 -32.52 -2.15
CA VAL B 160 -28.53 -32.00 -1.13
C VAL B 160 -28.24 -32.70 0.18
N PHE B 161 -28.16 -31.93 1.27
CA PHE B 161 -27.84 -32.45 2.60
C PHE B 161 -29.16 -32.68 3.33
N LEU B 162 -29.73 -33.86 3.15
CA LEU B 162 -31.03 -34.22 3.68
C LEU B 162 -31.02 -34.48 5.18
N PRO B 163 -29.97 -35.05 5.75
CA PRO B 163 -29.99 -35.36 7.20
C PRO B 163 -30.35 -34.13 8.02
N LEU B 164 -31.24 -34.33 8.97
CA LEU B 164 -31.84 -33.27 9.77
C LEU B 164 -31.06 -33.04 11.04
N PRO B 165 -31.21 -31.88 11.67
CA PRO B 165 -30.52 -31.60 12.93
C PRO B 165 -31.29 -32.08 14.14
N ASN B 166 -30.56 -32.16 15.26
CA ASN B 166 -31.15 -32.50 16.56
C ASN B 166 -31.54 -31.20 17.25
N TRP B 167 -32.85 -30.94 17.35
CA TRP B 167 -33.33 -29.66 17.83
C TRP B 167 -33.16 -29.49 19.33
N LYS B 168 -33.13 -30.58 20.09
CA LYS B 168 -33.09 -30.48 21.55
C LYS B 168 -31.73 -30.06 22.07
N ASP B 169 -30.78 -29.68 21.21
CA ASP B 169 -29.51 -29.12 21.65
C ASP B 169 -29.27 -27.71 21.13
N GLY B 170 -30.15 -27.19 20.30
CA GLY B 170 -30.00 -25.83 19.79
C GLY B 170 -29.24 -25.78 18.50
N VAL B 171 -29.57 -24.79 17.67
CA VAL B 171 -28.94 -24.56 16.38
C VAL B 171 -28.14 -23.27 16.46
N THR B 172 -26.88 -23.33 16.03
CA THR B 172 -25.96 -22.21 16.11
C THR B 172 -25.70 -21.66 14.72
N GLU B 173 -25.93 -20.37 14.54
CA GLU B 173 -25.64 -19.68 13.30
C GLU B 173 -24.85 -18.42 13.60
N ARG B 174 -23.88 -18.12 12.73
CA ARG B 174 -23.02 -16.96 12.88
C ARG B 174 -23.03 -16.16 11.60
N ILE B 175 -23.25 -14.85 11.72
CA ILE B 175 -23.16 -13.93 10.59
C ILE B 175 -21.90 -13.10 10.81
N GLU B 176 -20.91 -13.26 9.93
CA GLU B 176 -19.58 -12.70 10.16
C GLU B 176 -19.36 -11.54 9.20
N TRP B 177 -19.03 -10.38 9.75
CA TRP B 177 -18.46 -9.31 8.96
C TRP B 177 -16.94 -9.34 9.09
N GLN B 178 -16.28 -8.39 8.45
CA GLN B 178 -14.89 -8.07 8.73
C GLN B 178 -14.77 -6.56 8.79
N THR B 179 -14.42 -6.03 9.96
CA THR B 179 -14.44 -4.58 10.20
C THR B 179 -13.21 -4.21 11.00
N ASP B 180 -12.18 -3.72 10.32
CA ASP B 180 -10.95 -3.32 10.98
C ASP B 180 -11.11 -1.97 11.64
N VAL B 181 -10.63 -1.87 12.88
CA VAL B 181 -10.67 -0.64 13.66
C VAL B 181 -9.25 -0.32 14.08
N MET B 182 -8.79 0.89 13.74
CA MET B 182 -7.48 1.38 14.15
C MET B 182 -7.67 2.40 15.26
N ILE B 183 -7.04 2.16 16.40
CA ILE B 183 -7.16 3.03 17.57
C ILE B 183 -5.78 3.59 17.87
N SER B 184 -5.68 4.91 17.88
CA SER B 184 -4.39 5.57 18.10
C SER B 184 -3.95 5.39 19.56
N GLU B 185 -2.80 5.98 19.88
CA GLU B 185 -2.33 5.97 21.26
C GLU B 185 -3.32 6.67 22.18
N SER B 186 -3.94 7.74 21.70
CA SER B 186 -4.84 8.55 22.50
C SER B 186 -6.27 8.06 22.47
N GLY B 187 -6.53 6.93 21.82
CA GLY B 187 -7.87 6.38 21.75
C GLY B 187 -8.67 6.83 20.55
N ALA B 188 -8.17 7.77 19.76
CA ALA B 188 -8.85 8.16 18.53
C ALA B 188 -8.99 6.94 17.62
N GLU B 189 -10.19 6.73 17.11
CA GLU B 189 -10.54 5.49 16.42
C GLU B 189 -10.77 5.73 14.93
N GLN B 190 -10.49 4.70 14.14
CA GLN B 190 -10.78 4.66 12.72
C GLN B 190 -11.64 3.43 12.43
N ARG B 191 -12.43 3.50 11.37
CA ARG B 191 -13.42 2.49 11.06
C ARG B 191 -13.35 2.10 9.59
N ARG B 192 -13.40 0.80 9.33
CA ARG B 192 -13.32 0.29 7.97
C ARG B 192 -14.06 -1.05 7.87
N PRO B 193 -15.29 -1.08 7.38
CA PRO B 193 -15.93 -2.37 7.08
C PRO B 193 -15.26 -3.02 5.88
N ILE B 194 -14.87 -4.27 6.02
CA ILE B 194 -14.06 -4.95 5.02
C ILE B 194 -14.93 -5.82 4.12
N ARG B 195 -16.00 -6.38 4.69
CA ARG B 195 -16.93 -7.20 3.93
C ARG B 195 -18.20 -6.40 3.66
N LEU B 196 -18.51 -6.21 2.37
CA LEU B 196 -19.75 -5.55 2.01
C LEU B 196 -20.96 -6.33 2.54
N HIS B 197 -21.03 -7.61 2.22
CA HIS B 197 -22.06 -8.50 2.71
C HIS B 197 -21.43 -9.56 3.59
N PRO B 198 -21.88 -9.73 4.84
CA PRO B 198 -21.20 -10.67 5.73
C PRO B 198 -21.25 -12.09 5.20
N ARG B 199 -20.17 -12.82 5.42
CA ARG B 199 -20.15 -14.24 5.11
C ARG B 199 -20.86 -15.01 6.21
N ARG B 200 -21.65 -16.00 5.81
CA ARG B 200 -22.59 -16.67 6.68
C ARG B 200 -22.14 -18.10 6.96
N SER B 201 -22.32 -18.55 8.20
CA SER B 201 -21.99 -19.91 8.59
C SER B 201 -23.11 -20.48 9.45
N PHE B 202 -23.30 -21.79 9.37
CA PHE B 202 -24.33 -22.47 10.13
C PHE B 202 -23.74 -23.69 10.82
N GLU B 203 -24.34 -24.06 11.95
CA GLU B 203 -23.92 -25.21 12.73
C GLU B 203 -25.14 -25.88 13.35
N ALA B 204 -25.06 -27.19 13.51
CA ALA B 204 -26.11 -27.93 14.18
C ALA B 204 -25.56 -29.27 14.64
N THR B 205 -26.16 -29.80 15.70
CA THR B 205 -25.79 -31.12 16.23
C THR B 205 -26.67 -32.17 15.56
N PHE B 206 -26.04 -33.14 14.90
CA PHE B 206 -26.74 -34.19 14.19
C PHE B 206 -26.65 -35.48 15.00
N LEU B 207 -27.80 -36.10 15.25
CA LEU B 207 -27.88 -37.36 15.99
C LEU B 207 -28.75 -38.30 15.19
N ARG B 208 -28.11 -39.26 14.50
CA ARG B 208 -28.82 -40.12 13.57
C ARG B 208 -28.41 -41.57 13.81
N TRP B 209 -29.22 -42.48 13.27
CA TRP B 209 -29.06 -43.91 13.50
C TRP B 209 -29.95 -44.64 12.50
N GLU B 210 -29.71 -45.95 12.38
CA GLU B 210 -30.62 -46.87 11.68
C GLU B 210 -30.97 -46.32 10.29
N GLU B 211 -29.96 -46.29 9.44
CA GLU B 211 -30.01 -45.92 8.04
C GLU B 211 -30.10 -44.41 7.85
N ASN B 212 -30.27 -43.63 8.90
CA ASN B 212 -30.08 -42.18 8.81
C ASN B 212 -28.64 -41.80 9.10
N ARG B 213 -28.01 -42.50 10.06
CA ARG B 213 -26.58 -42.33 10.25
C ARG B 213 -25.81 -42.70 9.00
N THR B 214 -26.21 -43.79 8.34
CA THR B 214 -25.54 -44.19 7.11
C THR B 214 -25.69 -43.13 6.03
N LEU B 215 -26.89 -42.56 5.90
CA LEU B 215 -27.10 -41.49 4.93
C LEU B 215 -26.19 -40.31 5.23
N LEU B 216 -26.17 -39.86 6.48
CA LEU B 216 -25.32 -38.73 6.83
C LEU B 216 -23.85 -39.03 6.56
N ASP B 217 -23.39 -40.22 6.96
CA ASP B 217 -21.99 -40.56 6.78
C ASP B 217 -21.61 -40.60 5.31
N THR B 218 -22.41 -41.29 4.49
CA THR B 218 -22.10 -41.38 3.07
C THR B 218 -22.11 -40.00 2.42
N THR B 219 -23.15 -39.20 2.69
CA THR B 219 -23.24 -37.89 2.05
C THR B 219 -22.09 -36.99 2.47
N ILE B 220 -21.75 -36.98 3.77
CA ILE B 220 -20.71 -36.07 4.23
C ILE B 220 -19.35 -36.52 3.73
N ALA B 221 -19.10 -37.83 3.71
CA ALA B 221 -17.84 -38.32 3.16
C ALA B 221 -17.73 -37.98 1.67
N GLY B 222 -18.83 -38.08 0.94
CA GLY B 222 -18.80 -37.74 -0.47
C GLY B 222 -18.53 -36.26 -0.69
N VAL B 223 -19.21 -35.40 0.08
CA VAL B 223 -19.04 -33.96 -0.11
C VAL B 223 -17.66 -33.53 0.37
N GLY B 224 -17.38 -33.68 1.65
CA GLY B 224 -16.07 -33.39 2.18
C GLY B 224 -15.78 -31.91 2.27
N GLN B 225 -15.58 -31.27 1.11
CA GLN B 225 -15.30 -29.84 1.06
C GLN B 225 -15.98 -29.13 -0.11
N SER B 226 -16.80 -29.81 -0.89
CA SER B 226 -17.39 -29.24 -2.09
C SER B 226 -18.65 -28.47 -1.76
N PRO B 227 -19.13 -27.64 -2.67
CA PRO B 227 -20.41 -26.96 -2.46
C PRO B 227 -21.54 -27.96 -2.30
N LEU B 228 -22.52 -27.61 -1.46
CA LEU B 228 -23.66 -28.47 -1.21
C LEU B 228 -24.89 -27.62 -0.97
N LEU B 229 -26.05 -28.19 -1.26
CA LEU B 229 -27.33 -27.51 -1.08
C LEU B 229 -27.78 -27.72 0.36
N LEU B 230 -27.69 -26.66 1.17
CA LEU B 230 -27.98 -26.76 2.59
C LEU B 230 -29.40 -26.27 2.84
N PRO B 231 -30.34 -27.12 3.23
CA PRO B 231 -31.70 -26.64 3.54
C PRO B 231 -31.70 -25.88 4.86
N LEU B 232 -32.29 -24.68 4.85
CA LEU B 232 -32.34 -23.85 6.05
C LEU B 232 -33.48 -24.35 6.92
N TRP B 233 -33.19 -25.44 7.65
CA TRP B 233 -34.16 -25.95 8.60
C TRP B 233 -34.58 -24.90 9.61
N HIS B 234 -33.67 -24.01 10.00
CA HIS B 234 -34.02 -22.96 10.95
C HIS B 234 -35.11 -22.06 10.39
N ASP B 235 -35.23 -21.99 9.07
CA ASP B 235 -36.29 -21.23 8.40
C ASP B 235 -37.28 -22.18 7.73
N MET B 236 -37.68 -23.24 8.43
CA MET B 236 -38.66 -24.17 7.91
C MET B 236 -40.00 -23.47 7.70
N THR B 237 -40.80 -24.03 6.79
CA THR B 237 -42.15 -23.55 6.56
C THR B 237 -42.89 -24.60 5.75
N ALA B 238 -44.17 -24.34 5.45
CA ALA B 238 -45.01 -25.32 4.78
C ALA B 238 -45.95 -24.62 3.84
N THR B 239 -46.50 -25.40 2.90
CA THR B 239 -47.42 -24.86 1.90
C THR B 239 -48.75 -24.48 2.54
N GLU B 240 -49.46 -23.56 1.86
CA GLU B 240 -50.79 -23.16 2.28
C GLU B 240 -51.89 -23.72 1.38
N ASN B 241 -51.56 -24.14 0.16
CA ASN B 241 -52.52 -24.74 -0.76
C ASN B 241 -52.06 -26.16 -1.10
N ASN B 242 -52.89 -26.85 -1.88
CA ASN B 242 -52.57 -28.17 -2.39
C ASN B 242 -52.18 -28.05 -3.85
N ALA B 243 -51.01 -28.57 -4.21
CA ALA B 243 -50.47 -28.46 -5.54
C ALA B 243 -50.45 -29.83 -6.22
N PRO B 244 -51.01 -29.95 -7.42
CA PRO B 244 -50.99 -31.24 -8.12
C PRO B 244 -49.65 -31.48 -8.82
N ALA B 245 -49.54 -32.65 -9.44
CA ALA B 245 -48.32 -33.00 -10.16
C ALA B 245 -48.07 -32.01 -11.29
N GLY B 246 -46.81 -31.61 -11.44
CA GLY B 246 -46.41 -30.72 -12.50
C GLY B 246 -46.78 -29.27 -12.29
N SER B 247 -47.35 -28.90 -11.15
CA SER B 247 -47.69 -27.52 -10.90
C SER B 247 -46.44 -26.66 -10.87
N VAL B 248 -46.64 -25.35 -11.06
CA VAL B 248 -45.52 -24.43 -11.25
C VAL B 248 -45.56 -23.28 -10.25
N ASP B 249 -46.45 -23.35 -9.27
CA ASP B 249 -46.54 -22.29 -8.28
C ASP B 249 -47.31 -22.79 -7.07
N ILE B 250 -47.00 -22.20 -5.92
CA ILE B 250 -47.58 -22.61 -4.64
C ILE B 250 -47.81 -21.37 -3.77
N PHE B 251 -48.88 -21.42 -2.97
CA PHE B 251 -49.12 -20.46 -1.92
C PHE B 251 -48.57 -20.99 -0.61
N GLY B 252 -48.02 -20.09 0.21
CA GLY B 252 -47.48 -20.51 1.49
C GLY B 252 -47.10 -19.31 2.33
N GLN B 253 -46.58 -19.61 3.52
CA GLN B 253 -46.22 -18.60 4.51
C GLN B 253 -44.74 -18.30 4.39
N PHE B 254 -44.41 -17.20 3.72
CA PHE B 254 -43.04 -16.78 3.50
C PHE B 254 -42.82 -15.30 3.83
N ARG B 255 -43.56 -14.78 4.82
CA ARG B 255 -43.54 -13.34 5.10
C ARG B 255 -42.15 -12.83 5.41
N VAL B 256 -41.44 -13.50 6.32
CA VAL B 256 -40.22 -12.95 6.89
C VAL B 256 -39.04 -13.92 6.81
N LYS B 257 -39.31 -15.20 6.62
CA LYS B 257 -38.23 -16.16 6.54
C LYS B 257 -37.47 -16.02 5.22
N ASP B 258 -36.26 -16.58 5.20
CA ASP B 258 -35.26 -16.27 4.19
C ASP B 258 -35.67 -16.88 2.84
N PHE B 259 -36.59 -16.19 2.17
CA PHE B 259 -36.98 -16.51 0.81
C PHE B 259 -36.79 -15.27 -0.05
N ASN B 260 -36.13 -15.45 -1.19
CA ASN B 260 -35.79 -14.33 -2.07
C ASN B 260 -36.00 -14.74 -3.52
N VAL B 261 -36.10 -13.74 -4.39
CA VAL B 261 -36.27 -14.00 -5.81
C VAL B 261 -35.10 -14.85 -6.30
N GLY B 262 -35.41 -15.93 -7.01
CA GLY B 262 -34.38 -16.79 -7.54
C GLY B 262 -33.74 -17.72 -6.54
N ASP B 263 -34.30 -17.84 -5.33
CA ASP B 263 -33.70 -18.68 -4.31
C ASP B 263 -33.92 -20.16 -4.64
N VAL B 264 -33.02 -20.99 -4.11
CA VAL B 264 -33.15 -22.44 -4.23
C VAL B 264 -34.05 -22.93 -3.11
N VAL B 265 -35.15 -23.57 -3.46
CA VAL B 265 -36.15 -24.03 -2.49
C VAL B 265 -36.25 -25.55 -2.57
N MET B 266 -36.35 -26.19 -1.42
CA MET B 266 -36.39 -27.64 -1.33
C MET B 266 -37.75 -28.09 -0.82
N PHE B 267 -38.21 -29.22 -1.34
CA PHE B 267 -39.47 -29.84 -0.97
C PHE B 267 -39.20 -31.20 -0.35
N ASN B 268 -39.82 -31.46 0.80
CA ASN B 268 -39.69 -32.74 1.49
C ASN B 268 -41.05 -33.44 1.46
N ARG B 269 -41.13 -34.55 0.72
CA ARG B 269 -42.36 -35.30 0.58
C ARG B 269 -42.48 -36.42 1.60
N GLY B 270 -41.72 -36.37 2.67
CA GLY B 270 -41.79 -37.41 3.69
C GLY B 270 -40.79 -38.53 3.45
N THR B 271 -40.39 -39.18 4.53
CA THR B 271 -39.46 -40.29 4.49
C THR B 271 -38.02 -39.82 4.24
N THR B 272 -37.84 -38.53 3.95
CA THR B 272 -36.52 -37.92 3.86
C THR B 272 -35.74 -38.41 2.64
N TRP B 273 -36.29 -39.32 1.85
CA TRP B 273 -35.65 -39.78 0.64
C TRP B 273 -36.31 -39.27 -0.62
N ASP B 274 -37.62 -39.01 -0.59
CA ASP B 274 -38.34 -38.41 -1.71
C ASP B 274 -38.30 -36.91 -1.51
N TYR B 275 -37.35 -36.24 -2.19
CA TYR B 275 -37.10 -34.82 -2.02
C TYR B 275 -37.11 -34.14 -3.38
N GLU B 276 -36.86 -32.83 -3.37
CA GLU B 276 -36.78 -32.06 -4.60
C GLU B 276 -36.11 -30.74 -4.32
N THR B 277 -35.43 -30.20 -5.34
CA THR B 277 -34.85 -28.88 -5.29
C THR B 277 -35.29 -28.11 -6.53
N ASN B 278 -35.79 -26.89 -6.34
CA ASN B 278 -36.32 -26.10 -7.44
C ASN B 278 -35.94 -24.64 -7.24
N ILE B 279 -36.03 -23.88 -8.32
CA ILE B 279 -35.69 -22.46 -8.33
C ILE B 279 -36.98 -21.67 -8.51
N ILE B 280 -37.18 -20.67 -7.65
CA ILE B 280 -38.34 -19.79 -7.73
C ILE B 280 -37.93 -18.55 -8.52
N ALA B 281 -38.46 -18.42 -9.74
CA ALA B 281 -38.13 -17.27 -10.57
C ALA B 281 -38.56 -15.97 -9.89
N GLY B 282 -39.68 -16.00 -9.18
CA GLY B 282 -40.16 -14.84 -8.46
C GLY B 282 -41.15 -15.27 -7.40
N LEU B 283 -41.49 -14.33 -6.53
CA LEU B 283 -42.39 -14.62 -5.42
C LEU B 283 -43.08 -13.34 -4.98
N ASP B 284 -44.21 -13.52 -4.30
CA ASP B 284 -44.95 -12.43 -3.68
C ASP B 284 -44.71 -12.48 -2.18
N ILE B 285 -44.34 -11.34 -1.59
CA ILE B 285 -44.01 -11.34 -0.16
C ILE B 285 -45.24 -11.15 0.70
N ASP B 286 -46.32 -10.59 0.16
CA ASP B 286 -47.57 -10.39 0.90
C ASP B 286 -48.65 -11.40 0.54
N ALA B 287 -49.06 -11.48 -0.72
CA ALA B 287 -49.96 -12.52 -1.20
C ALA B 287 -49.13 -13.79 -1.35
N GLY B 288 -48.82 -14.40 -0.21
CA GLY B 288 -47.80 -15.43 -0.15
C GLY B 288 -47.91 -16.42 -1.28
N HIS B 289 -46.91 -16.42 -2.17
CA HIS B 289 -46.97 -17.17 -3.41
C HIS B 289 -45.63 -17.11 -4.11
N MET B 290 -45.31 -18.17 -4.84
CA MET B 290 -44.08 -18.23 -5.62
C MET B 290 -44.37 -18.97 -6.92
N THR B 291 -43.67 -18.58 -7.98
CA THR B 291 -43.72 -19.30 -9.24
C THR B 291 -42.45 -20.13 -9.38
N LEU B 292 -42.62 -21.42 -9.65
CA LEU B 292 -41.50 -22.32 -9.80
C LEU B 292 -40.98 -22.27 -11.22
N THR B 293 -39.66 -22.15 -11.36
CA THR B 293 -39.04 -22.17 -12.67
C THR B 293 -39.41 -23.44 -13.41
N PHE B 294 -39.51 -24.54 -12.68
CA PHE B 294 -39.75 -25.87 -13.20
C PHE B 294 -40.98 -26.44 -12.53
N GLY B 295 -41.86 -27.07 -13.31
CA GLY B 295 -42.98 -27.77 -12.71
C GLY B 295 -42.48 -28.74 -11.67
N LEU B 296 -43.04 -28.68 -10.46
CA LEU B 296 -42.52 -29.47 -9.36
C LEU B 296 -42.36 -30.94 -9.77
N GLN B 297 -41.42 -31.62 -9.12
CA GLN B 297 -40.86 -32.87 -9.64
C GLN B 297 -41.94 -33.91 -9.91
N SER B 298 -42.63 -34.36 -8.86
CA SER B 298 -43.67 -35.38 -9.00
C SER B 298 -45.03 -34.88 -8.54
N ASP B 299 -45.13 -34.38 -7.32
CA ASP B 299 -46.39 -33.91 -6.77
C ASP B 299 -46.10 -33.24 -5.43
N THR B 300 -46.98 -32.33 -5.04
CA THR B 300 -46.80 -31.56 -3.80
C THR B 300 -48.16 -31.28 -3.18
N PRO B 301 -48.69 -32.23 -2.40
CA PRO B 301 -49.96 -31.97 -1.72
C PRO B 301 -49.79 -30.95 -0.61
N LYS B 302 -50.93 -30.46 -0.12
CA LYS B 302 -50.93 -29.47 0.95
C LYS B 302 -50.05 -29.93 2.11
N GLY B 303 -49.41 -28.96 2.76
CA GLY B 303 -48.63 -29.20 3.96
C GLY B 303 -47.21 -29.65 3.72
N THR B 304 -46.76 -29.75 2.48
CA THR B 304 -45.39 -30.16 2.22
C THR B 304 -44.41 -29.20 2.86
N ARG B 305 -43.41 -29.74 3.54
CA ARG B 305 -42.40 -28.91 4.19
C ARG B 305 -41.56 -28.19 3.14
N LEU B 306 -41.37 -26.90 3.32
CA LEU B 306 -40.59 -26.06 2.43
C LEU B 306 -39.36 -25.54 3.16
N TYR B 307 -38.19 -25.75 2.57
CA TYR B 307 -36.95 -25.22 3.11
C TYR B 307 -36.32 -24.26 2.12
N PRO B 308 -35.94 -23.05 2.53
CA PRO B 308 -35.05 -22.25 1.70
C PRO B 308 -33.62 -22.80 1.79
N VAL B 309 -32.96 -22.86 0.64
CA VAL B 309 -31.68 -23.55 0.52
C VAL B 309 -30.59 -22.54 0.21
N ARG B 310 -29.37 -22.89 0.63
CA ARG B 310 -28.20 -22.04 0.47
C ARG B 310 -27.06 -22.85 -0.09
N VAL B 311 -26.31 -22.26 -1.02
CA VAL B 311 -25.14 -22.91 -1.59
C VAL B 311 -23.98 -22.73 -0.60
N ALA B 312 -23.82 -23.70 0.29
CA ALA B 312 -22.85 -23.61 1.36
C ALA B 312 -21.64 -24.49 1.06
N GLN B 313 -20.69 -24.49 1.98
CA GLN B 313 -19.52 -25.35 1.89
C GLN B 313 -19.02 -25.67 3.29
N ILE B 314 -18.63 -26.91 3.51
CA ILE B 314 -18.09 -27.35 4.79
C ILE B 314 -16.59 -27.05 4.76
N ARG B 315 -16.19 -25.98 5.43
CA ARG B 315 -14.80 -25.51 5.41
C ARG B 315 -14.03 -25.96 6.65
N GLU B 316 -14.34 -27.14 7.19
CA GLU B 316 -13.65 -27.66 8.34
C GLU B 316 -13.78 -29.18 8.34
N ALA B 317 -12.89 -29.83 9.08
CA ALA B 317 -12.96 -31.28 9.23
C ALA B 317 -14.09 -31.66 10.18
N MET B 318 -14.47 -32.94 10.12
CA MET B 318 -15.59 -33.47 10.89
C MET B 318 -15.07 -34.45 11.92
N ASN B 319 -15.51 -34.29 13.16
CA ASN B 319 -15.06 -35.17 14.24
C ASN B 319 -15.81 -36.49 14.20
N GLY B 320 -15.07 -37.57 14.42
CA GLY B 320 -15.67 -38.89 14.52
C GLY B 320 -16.09 -39.21 15.94
N GLN B 321 -17.36 -38.99 16.25
CA GLN B 321 -17.92 -39.26 17.57
C GLN B 321 -19.10 -40.20 17.45
N GLN B 322 -19.27 -41.08 18.42
CA GLN B 322 -20.23 -42.15 18.32
C GLN B 322 -20.75 -42.51 19.70
N MET B 323 -21.94 -43.10 19.73
CA MET B 323 -22.55 -43.61 20.95
C MET B 323 -22.59 -45.12 20.99
N THR B 324 -23.05 -45.76 19.93
CA THR B 324 -23.11 -47.21 19.85
C THR B 324 -22.71 -47.64 18.44
N ASP B 325 -22.80 -48.94 18.17
CA ASP B 325 -22.41 -49.45 16.86
C ASP B 325 -23.33 -48.99 15.73
N SER B 326 -24.49 -48.40 16.07
CA SER B 326 -25.43 -47.92 15.07
C SER B 326 -25.75 -46.46 15.28
N VAL B 327 -25.77 -46.02 16.53
CA VAL B 327 -26.09 -44.63 16.85
C VAL B 327 -24.81 -43.80 16.78
N SER B 328 -24.98 -42.51 16.48
CA SER B 328 -23.86 -41.59 16.39
C SER B 328 -24.38 -40.17 16.55
N GLN B 329 -23.47 -39.27 16.88
CA GLN B 329 -23.80 -37.85 16.91
C GLN B 329 -22.54 -37.06 16.61
N THR B 330 -22.72 -35.82 16.16
CA THR B 330 -21.60 -34.99 15.71
C THR B 330 -22.12 -33.61 15.38
N GLN B 331 -21.20 -32.64 15.34
CA GLN B 331 -21.51 -31.24 15.10
C GLN B 331 -20.86 -30.82 13.79
N VAL B 332 -21.68 -30.56 12.77
CA VAL B 332 -21.22 -30.21 11.43
C VAL B 332 -21.54 -28.76 11.15
N ARG B 333 -20.55 -28.03 10.63
CA ARG B 333 -20.69 -26.61 10.30
C ARG B 333 -20.66 -26.42 8.79
N PHE B 334 -21.28 -25.33 8.34
CA PHE B 334 -21.36 -25.01 6.93
C PHE B 334 -21.14 -23.52 6.74
N PHE B 335 -20.77 -23.13 5.52
CA PHE B 335 -20.50 -21.74 5.18
C PHE B 335 -21.19 -21.41 3.87
N CYS B 336 -22.11 -20.45 3.91
CA CYS B 336 -22.80 -20.02 2.70
C CYS B 336 -21.82 -19.39 1.72
N THR B 337 -21.90 -19.79 0.45
CA THR B 337 -21.06 -19.21 -0.59
C THR B 337 -21.63 -17.93 -1.17
N GLU B 338 -22.93 -17.71 -1.02
CA GLU B 338 -23.57 -16.52 -1.56
C GLU B 338 -23.70 -15.45 -0.48
N ASN B 339 -23.70 -14.20 -0.90
CA ASN B 339 -23.83 -13.09 0.03
C ASN B 339 -25.18 -13.13 0.74
N TYR B 340 -25.18 -12.76 2.02
CA TYR B 340 -26.41 -12.60 2.78
C TYR B 340 -26.91 -11.18 2.59
N ASP B 341 -27.82 -10.98 1.65
CA ASP B 341 -28.29 -9.65 1.27
C ASP B 341 -29.56 -9.32 2.07
N LEU B 342 -29.51 -8.22 2.81
CA LEU B 342 -30.66 -7.77 3.59
C LEU B 342 -30.56 -6.26 3.76
N THR B 343 -31.70 -5.59 3.64
CA THR B 343 -31.72 -4.13 3.67
C THR B 343 -31.61 -3.63 5.11
N PRO B 344 -30.63 -2.79 5.43
CA PRO B 344 -30.58 -2.21 6.78
C PRO B 344 -31.69 -1.21 7.02
N SER B 345 -31.98 -0.98 8.29
CA SER B 345 -32.95 0.04 8.68
C SER B 345 -32.89 0.22 10.20
N TRP B 346 -33.00 1.48 10.63
CA TRP B 346 -33.11 1.81 12.05
C TRP B 346 -34.58 2.00 12.37
N SER B 347 -35.28 0.89 12.52
CA SER B 347 -36.74 0.90 12.63
C SER B 347 -37.16 1.44 13.99
N ASP B 348 -37.76 2.63 14.00
CA ASP B 348 -38.48 3.24 15.10
C ASP B 348 -37.55 3.76 16.19
N PHE B 349 -36.26 3.51 16.14
CA PHE B 349 -35.41 3.94 17.24
C PHE B 349 -35.20 5.44 17.19
N PRO B 350 -35.18 6.11 18.34
CA PRO B 350 -35.00 7.57 18.34
C PRO B 350 -33.67 7.98 17.70
N ILE B 351 -33.72 9.06 16.91
CA ILE B 351 -32.54 9.66 16.34
C ILE B 351 -32.24 10.91 17.16
N TYR B 352 -31.24 10.81 18.04
CA TYR B 352 -30.90 11.93 18.90
C TYR B 352 -30.52 13.14 18.04
N THR B 353 -31.20 14.25 18.28
CA THR B 353 -30.97 15.45 17.47
C THR B 353 -29.56 15.99 17.66
N ARG B 354 -29.06 15.98 18.91
CA ARG B 354 -27.80 16.61 19.22
C ARG B 354 -26.58 15.78 18.82
N THR B 355 -26.78 14.54 18.37
CA THR B 355 -25.66 13.68 18.01
C THR B 355 -25.81 13.00 16.66
N GLY B 356 -27.02 12.87 16.12
CA GLY B 356 -27.18 12.20 14.85
C GLY B 356 -26.98 10.71 14.91
N LEU B 357 -27.14 10.10 16.09
CA LEU B 357 -26.99 8.67 16.28
C LEU B 357 -28.27 8.09 16.85
N HIS B 358 -28.43 6.78 16.68
CA HIS B 358 -29.65 6.10 17.08
C HIS B 358 -29.52 5.51 18.47
N ILE B 359 -30.54 5.76 19.30
CA ILE B 359 -30.62 5.10 20.59
C ILE B 359 -30.79 3.60 20.37
N PHE B 360 -30.21 2.80 21.25
CA PHE B 360 -30.30 1.34 21.17
C PHE B 360 -31.37 0.89 22.16
N VAL B 361 -32.62 1.04 21.74
CA VAL B 361 -33.79 0.89 22.61
C VAL B 361 -34.14 -0.58 22.82
N LEU B 362 -33.30 -1.49 22.35
CA LEU B 362 -33.66 -2.90 22.34
C LEU B 362 -34.06 -3.35 23.74
N PRO B 363 -35.18 -4.07 23.91
CA PRO B 363 -35.60 -4.52 25.25
C PRO B 363 -34.78 -5.72 25.73
N GLU B 364 -33.48 -5.49 25.93
CA GLU B 364 -32.58 -6.57 26.29
C GLU B 364 -32.94 -7.15 27.65
N ASP B 365 -32.70 -8.45 27.80
CA ASP B 365 -33.21 -9.22 28.92
C ASP B 365 -32.26 -9.11 30.11
N TRP B 366 -32.49 -9.96 31.12
CA TRP B 366 -31.74 -9.94 32.36
C TRP B 366 -31.05 -11.28 32.60
N GLY B 367 -30.35 -11.80 31.59
CA GLY B 367 -29.57 -13.02 31.76
C GLY B 367 -28.68 -12.96 32.98
N SER B 368 -28.08 -14.09 33.35
CA SER B 368 -27.43 -14.24 34.65
C SER B 368 -26.72 -12.98 35.11
N SER B 369 -25.84 -12.43 34.29
CA SER B 369 -25.11 -11.22 34.67
C SER B 369 -24.47 -10.60 33.44
N ASN B 370 -24.24 -9.29 33.49
CA ASN B 370 -23.53 -8.58 32.45
C ASN B 370 -22.07 -8.38 32.82
N GLU B 371 -21.28 -7.96 31.84
CA GLU B 371 -19.84 -7.81 31.98
C GLU B 371 -19.45 -6.34 32.05
N ILE B 372 -18.40 -6.07 32.81
CA ILE B 372 -18.08 -4.75 33.33
C ILE B 372 -16.60 -4.50 33.09
N THR B 373 -16.25 -3.35 32.50
CA THR B 373 -14.86 -3.05 32.22
C THR B 373 -14.65 -1.54 32.15
N SER B 374 -13.38 -1.14 32.28
CA SER B 374 -12.99 0.26 32.13
C SER B 374 -11.48 0.31 31.98
N ASP B 375 -11.00 0.94 30.91
CA ASP B 375 -9.59 0.88 30.54
C ASP B 375 -9.17 2.17 29.85
N ARG B 376 -7.85 2.34 29.66
CA ARG B 376 -7.32 3.49 28.93
C ARG B 376 -6.32 3.05 27.87
N LEU B 377 -5.84 1.81 27.93
CA LEU B 377 -4.91 1.25 26.93
C LEU B 377 -3.64 2.05 26.75
N THR B 378 -2.71 1.92 27.68
CA THR B 378 -1.41 2.58 27.56
C THR B 378 -0.63 2.33 28.80
N TYR B 379 0.69 2.20 28.65
CA TYR B 379 1.51 1.83 29.78
C TYR B 379 2.89 2.39 29.60
N ASN B 380 3.75 2.20 30.58
CA ASN B 380 5.08 2.78 30.53
C ASN B 380 6.11 1.69 30.26
N PHE B 381 7.38 2.09 30.20
CA PHE B 381 8.45 1.11 30.27
C PHE B 381 8.37 0.42 31.63
N ASP B 382 8.01 -0.86 31.63
CA ASP B 382 7.92 -1.61 32.87
C ASP B 382 9.33 -1.91 33.35
N ASN B 383 9.88 -1.05 34.20
CA ASN B 383 11.27 -1.15 34.59
C ASN B 383 11.55 -2.48 35.28
N GLN B 384 12.73 -3.04 35.02
CA GLN B 384 13.14 -4.27 35.70
C GLN B 384 12.94 -4.17 37.20
N SER B 385 13.06 -2.97 37.75
CA SER B 385 12.78 -2.72 39.16
C SER B 385 12.58 -1.23 39.34
N GLY B 386 11.99 -0.85 40.46
CA GLY B 386 11.76 0.54 40.79
C GLY B 386 10.39 1.03 40.38
N PRO B 387 10.21 2.34 40.35
CA PRO B 387 8.88 2.90 40.11
C PRO B 387 8.49 2.85 38.63
N VAL B 388 7.20 3.05 38.39
CA VAL B 388 6.64 3.12 37.05
C VAL B 388 5.68 4.29 37.00
N VAL B 389 5.63 4.95 35.84
CA VAL B 389 4.79 6.13 35.63
C VAL B 389 3.93 5.87 34.40
N VAL B 390 2.70 5.40 34.63
CA VAL B 390 1.73 5.19 33.55
C VAL B 390 1.17 6.54 33.12
N VAL B 391 1.04 6.73 31.81
CA VAL B 391 0.60 7.99 31.23
C VAL B 391 -0.76 7.80 30.59
N ASP B 392 -1.72 8.62 30.97
CA ASP B 392 -3.02 8.62 30.31
C ASP B 392 -2.90 9.33 28.97
N PRO B 393 -3.20 8.65 27.85
CA PRO B 393 -2.95 9.27 26.55
C PRO B 393 -3.95 10.37 26.18
N GLY B 394 -5.23 10.12 26.45
CA GLY B 394 -6.28 11.02 25.99
C GLY B 394 -7.13 11.56 27.11
N GLY B 395 -6.92 11.06 28.32
CA GLY B 395 -7.70 11.54 29.45
C GLY B 395 -9.18 11.32 29.30
N GLN B 396 -9.59 10.28 28.57
CA GLN B 396 -10.99 9.97 28.36
C GLN B 396 -11.24 8.50 28.65
N ASN B 397 -12.40 8.21 29.22
CA ASN B 397 -12.73 6.85 29.67
C ASN B 397 -13.52 6.12 28.60
N TYR B 398 -13.22 4.83 28.46
CA TYR B 398 -14.00 3.93 27.63
C TYR B 398 -14.10 2.59 28.34
N GLY B 399 -14.97 1.72 27.84
CA GLY B 399 -15.13 0.41 28.43
C GLY B 399 -16.05 -0.42 27.58
N THR B 400 -16.27 -1.66 28.04
CA THR B 400 -17.07 -2.64 27.32
C THR B 400 -18.10 -3.24 28.26
N VAL B 401 -19.33 -3.37 27.78
CA VAL B 401 -20.40 -4.03 28.51
C VAL B 401 -21.09 -5.01 27.58
N LYS B 402 -21.17 -6.28 28.00
CA LYS B 402 -21.86 -7.33 27.27
C LYS B 402 -23.17 -7.64 27.98
N LYS B 403 -24.27 -7.63 27.24
CA LYS B 403 -25.59 -7.88 27.81
C LYS B 403 -26.42 -8.63 26.79
N SER B 404 -27.09 -9.68 27.26
CA SER B 404 -27.75 -10.60 26.35
C SER B 404 -29.07 -10.02 25.84
N TYR B 405 -29.51 -10.55 24.70
CA TYR B 405 -30.80 -10.21 24.13
C TYR B 405 -31.46 -11.49 23.63
N THR B 406 -32.77 -11.61 23.85
CA THR B 406 -33.54 -12.79 23.48
C THR B 406 -34.62 -12.37 22.49
N ILE B 407 -34.43 -12.71 21.22
CA ILE B 407 -35.44 -12.42 20.21
C ILE B 407 -36.60 -13.41 20.33
N LYS B 408 -37.78 -12.96 19.95
CA LYS B 408 -38.96 -13.82 19.93
C LYS B 408 -39.78 -13.47 18.71
N GLY B 409 -39.91 -14.41 17.79
CA GLY B 409 -40.76 -14.25 16.64
C GLY B 409 -39.97 -14.09 15.36
N ARG B 410 -40.66 -14.35 14.25
CA ARG B 410 -40.03 -14.23 12.93
C ARG B 410 -39.86 -12.76 12.55
N THR B 411 -40.88 -11.94 12.78
CA THR B 411 -40.77 -10.51 12.51
C THR B 411 -39.73 -9.86 13.42
N ALA B 412 -39.65 -10.31 14.67
CA ALA B 412 -38.60 -9.82 15.55
C ALA B 412 -37.22 -10.20 15.02
N ASP B 413 -37.10 -11.40 14.45
CA ASP B 413 -35.83 -11.79 13.84
C ASP B 413 -35.49 -10.87 12.67
N ARG B 414 -36.47 -10.54 11.83
CA ARG B 414 -36.21 -9.60 10.74
C ARG B 414 -35.79 -8.23 11.28
N GLN B 415 -36.46 -7.77 12.34
CA GLN B 415 -36.10 -6.47 12.89
C GLN B 415 -34.67 -6.47 13.39
N PHE B 416 -34.27 -7.54 14.06
CA PHE B 416 -32.90 -7.61 14.56
C PHE B 416 -31.90 -7.74 13.42
N ARG B 417 -32.24 -8.46 12.35
CA ARG B 417 -31.35 -8.52 11.20
C ARG B 417 -31.21 -7.15 10.55
N GLN B 418 -32.31 -6.41 10.41
CA GLN B 418 -32.23 -5.07 9.84
C GLN B 418 -31.36 -4.17 10.70
N ILE B 419 -31.50 -4.26 12.03
CA ILE B 419 -30.63 -3.50 12.91
C ILE B 419 -29.18 -3.90 12.70
N LEU B 420 -28.87 -5.18 12.96
CA LEU B 420 -27.51 -5.69 12.84
C LEU B 420 -26.92 -5.46 11.46
N PHE B 421 -27.73 -5.13 10.47
CA PHE B 421 -27.19 -4.67 9.19
C PHE B 421 -27.07 -3.15 9.13
N ALA B 422 -27.80 -2.41 9.96
CA ALA B 422 -27.56 -0.98 10.08
C ALA B 422 -26.15 -0.71 10.61
N LEU B 423 -25.80 -1.33 11.73
CA LEU B 423 -24.40 -1.47 12.10
C LEU B 423 -23.82 -2.70 11.40
N ARG B 424 -22.50 -2.76 11.32
CA ARG B 424 -21.82 -3.82 10.62
C ARG B 424 -20.57 -4.19 11.41
N GLY B 425 -20.65 -5.26 12.19
CA GLY B 425 -19.51 -5.67 12.98
C GLY B 425 -19.06 -4.57 13.90
N ARG B 426 -17.94 -3.94 13.58
CA ARG B 426 -17.39 -2.83 14.34
C ARG B 426 -17.45 -1.53 13.52
N THR B 427 -18.56 -1.33 12.81
CA THR B 427 -18.63 -0.28 11.79
C THR B 427 -19.14 1.05 12.34
N LYS B 428 -20.38 1.07 12.83
CA LYS B 428 -21.08 2.33 13.10
C LYS B 428 -21.28 2.53 14.60
N THR B 429 -21.48 3.79 14.97
CA THR B 429 -21.76 4.17 16.35
C THR B 429 -23.27 4.23 16.59
N PHE B 430 -23.65 4.08 17.85
CA PHE B 430 -25.05 4.09 18.24
C PHE B 430 -25.11 4.14 19.76
N HIS B 431 -26.05 4.93 20.27
CA HIS B 431 -26.16 5.15 21.71
C HIS B 431 -26.71 3.90 22.37
N LEU B 432 -26.09 3.51 23.48
CA LEU B 432 -26.43 2.26 24.18
C LEU B 432 -26.98 2.56 25.56
N PRO B 433 -28.29 2.40 25.81
CA PRO B 433 -28.80 2.48 27.18
C PRO B 433 -28.50 1.19 27.93
N LEU B 434 -27.53 1.25 28.83
CA LEU B 434 -27.10 0.07 29.56
C LEU B 434 -28.06 -0.31 30.69
N ASP B 435 -29.15 0.42 30.86
CA ASP B 435 -30.19 0.06 31.83
C ASP B 435 -29.62 -0.01 33.24
N THR B 436 -28.91 1.04 33.63
CA THR B 436 -28.36 1.18 34.97
C THR B 436 -29.05 2.36 35.65
N ASN B 437 -29.86 2.09 36.66
CA ASN B 437 -30.49 3.16 37.42
C ASN B 437 -29.42 4.07 38.02
N ASP B 438 -29.58 5.37 37.79
CA ASP B 438 -28.60 6.35 38.22
C ASP B 438 -29.30 7.70 38.38
N PHE B 439 -28.62 8.61 39.07
CA PHE B 439 -29.10 9.98 39.22
C PHE B 439 -30.52 9.99 39.77
N ILE B 440 -30.71 9.34 40.92
CA ILE B 440 -32.00 9.37 41.59
C ILE B 440 -32.36 10.83 41.82
N LEU B 441 -33.45 11.28 41.20
CA LEU B 441 -33.81 12.70 41.21
C LEU B 441 -34.27 13.09 42.60
N SER B 442 -33.37 13.73 43.36
CA SER B 442 -33.74 14.20 44.70
C SER B 442 -34.81 15.26 44.63
N ARG B 443 -34.71 16.18 43.67
CA ARG B 443 -35.67 17.26 43.49
C ARG B 443 -36.49 17.02 42.23
N ASP B 444 -37.55 17.81 42.09
CA ASP B 444 -38.41 17.72 40.93
C ASP B 444 -37.73 18.31 39.69
N ILE B 445 -38.24 17.92 38.53
CA ILE B 445 -37.70 18.40 37.26
C ILE B 445 -38.39 19.71 36.92
N ASN B 446 -37.66 20.82 37.02
CA ASN B 446 -38.17 22.13 36.67
C ASN B 446 -37.48 22.63 35.41
N PRO B 447 -38.17 22.73 34.27
CA PRO B 447 -37.51 23.23 33.06
C PRO B 447 -37.03 24.67 33.19
N ALA B 448 -37.57 25.45 34.13
CA ALA B 448 -37.21 26.86 34.22
C ALA B 448 -35.72 27.03 34.49
N ASP B 449 -35.17 26.26 35.42
CA ASP B 449 -33.75 26.33 35.71
C ASP B 449 -32.91 25.57 34.69
N GLY B 450 -33.52 24.71 33.88
CA GLY B 450 -32.78 23.99 32.86
C GLY B 450 -31.71 23.08 33.41
N ALA B 451 -31.86 22.60 34.64
CA ALA B 451 -30.87 21.74 35.26
C ALA B 451 -31.56 20.68 36.11
N LEU B 452 -31.12 19.44 35.96
CA LEU B 452 -31.58 18.37 36.83
C LEU B 452 -30.90 18.46 38.19
N VAL B 453 -31.62 18.07 39.23
CA VAL B 453 -31.08 17.96 40.58
C VAL B 453 -31.15 16.50 40.97
N VAL B 454 -30.00 15.93 41.32
CA VAL B 454 -29.88 14.48 41.53
C VAL B 454 -29.28 14.24 42.90
N ARG B 455 -29.53 13.05 43.43
CA ARG B 455 -28.92 12.64 44.68
C ARG B 455 -27.40 12.66 44.54
N ARG B 456 -26.73 13.19 45.56
CA ARG B 456 -25.27 13.29 45.51
C ARG B 456 -24.65 11.90 45.42
N CYS B 457 -24.09 11.59 44.26
CA CYS B 457 -23.42 10.30 44.04
C CYS B 457 -21.99 10.48 43.54
N GLY B 458 -21.45 11.69 43.59
CA GLY B 458 -20.08 11.93 43.20
C GLY B 458 -19.87 12.22 41.74
N TYR B 459 -20.92 12.50 40.97
CA TYR B 459 -20.76 12.79 39.56
C TYR B 459 -19.80 13.96 39.37
N THR B 460 -20.20 15.15 39.82
CA THR B 460 -19.38 16.33 39.58
C THR B 460 -18.02 16.20 40.24
N GLN B 461 -17.97 15.66 41.46
CA GLN B 461 -16.71 15.59 42.19
C GLN B 461 -15.83 14.45 41.69
N TYR B 462 -16.30 13.21 41.81
CA TYR B 462 -15.46 12.06 41.49
C TYR B 462 -15.27 11.92 39.98
N ILE B 463 -16.33 12.06 39.20
CA ILE B 463 -16.28 11.84 37.76
C ILE B 463 -16.13 13.14 36.98
N GLY B 464 -16.87 14.18 37.36
CA GLY B 464 -16.86 15.42 36.62
C GLY B 464 -17.56 15.27 35.28
N GLY B 465 -17.98 16.39 34.70
CA GLY B 465 -18.70 16.35 33.44
C GLY B 465 -17.83 16.25 32.22
N THR B 466 -16.51 16.26 32.37
CA THR B 466 -15.58 16.21 31.24
C THR B 466 -15.25 14.77 30.87
N GLN B 467 -16.31 14.00 30.60
CA GLN B 467 -16.15 12.64 30.11
C GLN B 467 -17.33 12.34 29.19
N GLU B 468 -17.06 12.22 27.89
CA GLU B 468 -18.14 12.03 26.92
C GLU B 468 -18.90 10.75 27.19
N THR B 469 -18.20 9.69 27.59
CA THR B 469 -18.87 8.42 27.86
C THR B 469 -19.76 8.46 29.09
N LYS B 470 -19.83 9.60 29.80
CA LYS B 470 -20.68 9.74 30.97
C LYS B 470 -21.55 10.98 30.88
N ARG B 471 -21.72 11.56 29.69
CA ARG B 471 -22.50 12.76 29.50
C ARG B 471 -23.89 12.51 28.92
N ASP B 472 -24.05 11.44 28.16
CA ASP B 472 -25.32 11.15 27.48
C ASP B 472 -26.17 10.25 28.36
N ILE B 473 -27.37 10.73 28.70
CA ILE B 473 -28.27 10.03 29.60
C ILE B 473 -29.66 9.94 28.97
N MET B 474 -30.40 8.91 29.35
CA MET B 474 -31.77 8.71 28.90
C MET B 474 -32.69 8.78 30.11
N VAL B 475 -33.63 9.72 30.08
CA VAL B 475 -34.64 9.85 31.13
C VAL B 475 -35.87 9.10 30.62
N GLU B 476 -35.93 7.81 30.93
CA GLU B 476 -37.05 6.97 30.51
C GLU B 476 -38.23 7.31 31.39
N LEU B 477 -39.01 8.30 30.97
CA LEU B 477 -40.19 8.71 31.72
C LEU B 477 -41.08 7.49 31.97
N TYR B 478 -41.84 7.54 33.06
CA TYR B 478 -42.56 6.35 33.51
C TYR B 478 -43.57 5.86 32.49
N ASP B 479 -43.97 6.71 31.53
CA ASP B 479 -44.89 6.31 30.49
C ASP B 479 -44.19 5.59 29.33
N GLY B 480 -42.87 5.42 29.40
CA GLY B 480 -42.12 4.79 28.34
C GLY B 480 -41.47 5.75 27.36
N THR B 481 -41.80 7.04 27.44
CA THR B 481 -41.20 8.02 26.55
C THR B 481 -39.70 8.09 26.81
N ARG B 482 -38.92 8.16 25.74
CA ARG B 482 -37.47 8.24 25.82
C ARG B 482 -37.04 9.69 25.64
N ILE B 483 -36.48 10.27 26.69
CA ILE B 483 -36.06 11.66 26.68
C ILE B 483 -34.53 11.72 26.72
N PRO B 484 -33.85 11.54 25.58
CA PRO B 484 -32.39 11.67 25.58
C PRO B 484 -31.97 13.12 25.81
N THR B 485 -30.86 13.28 26.53
CA THR B 485 -30.32 14.61 26.81
C THR B 485 -28.84 14.47 27.11
N THR B 486 -28.12 15.59 27.07
CA THR B 486 -26.69 15.62 27.23
C THR B 486 -26.28 16.54 28.37
N ILE B 487 -25.27 16.14 29.12
CA ILE B 487 -24.78 16.91 30.25
C ILE B 487 -23.74 17.91 29.75
N ILE B 488 -23.86 19.16 30.21
CA ILE B 488 -22.93 20.21 29.81
C ILE B 488 -22.25 20.90 30.98
N SER B 489 -22.83 20.91 32.17
CA SER B 489 -22.23 21.57 33.33
C SER B 489 -22.98 21.12 34.56
N SER B 490 -22.47 21.52 35.72
CA SER B 490 -23.05 21.07 36.98
C SER B 490 -22.75 22.07 38.09
N ARG B 491 -23.64 22.10 39.07
CA ARG B 491 -23.42 22.74 40.36
C ARG B 491 -23.63 21.70 41.45
N ILE B 492 -22.80 21.75 42.49
CA ILE B 492 -22.81 20.76 43.56
C ILE B 492 -23.08 21.50 44.87
N VAL B 493 -24.10 21.07 45.58
CA VAL B 493 -24.51 21.75 46.81
C VAL B 493 -25.27 20.77 47.69
N GLY B 494 -25.02 20.85 49.00
CA GLY B 494 -25.73 20.02 49.94
C GLY B 494 -25.56 18.54 49.65
N ASP B 495 -26.64 17.80 49.83
CA ASP B 495 -26.68 16.38 49.52
C ASP B 495 -27.15 16.11 48.09
N GLU B 496 -27.35 17.16 47.30
CA GLU B 496 -27.81 17.04 45.92
C GLU B 496 -26.72 17.50 44.96
N GLU B 497 -26.91 17.19 43.69
CA GLU B 497 -26.04 17.65 42.63
C GLU B 497 -26.88 18.18 41.48
N TRP B 498 -26.48 19.32 40.94
CA TRP B 498 -27.19 19.98 39.85
C TRP B 498 -26.49 19.68 38.54
N LEU B 499 -27.27 19.29 37.53
CA LEU B 499 -26.74 18.94 36.21
C LEU B 499 -27.42 19.81 35.16
N PHE B 500 -26.65 20.72 34.55
CA PHE B 500 -27.15 21.48 33.42
C PHE B 500 -27.14 20.63 32.16
N LEU B 501 -28.16 20.81 31.33
CA LEU B 501 -28.30 20.05 30.09
C LEU B 501 -28.50 21.01 28.92
N SER B 502 -28.10 20.56 27.74
CA SER B 502 -28.15 21.39 26.55
C SER B 502 -29.55 21.57 25.99
N GLN B 503 -30.53 20.80 26.45
CA GLN B 503 -31.88 20.87 25.92
C GLN B 503 -32.89 20.82 27.05
N SER B 504 -34.09 21.31 26.77
CA SER B 504 -35.15 21.33 27.76
C SER B 504 -35.74 19.94 27.95
N ILE B 505 -36.48 19.78 29.05
CA ILE B 505 -37.14 18.53 29.37
C ILE B 505 -38.56 18.88 29.81
N PRO B 506 -39.58 18.09 29.46
CA PRO B 506 -40.94 18.42 29.89
C PRO B 506 -41.04 18.47 31.41
N ALA B 507 -41.79 19.45 31.90
CA ALA B 507 -41.96 19.61 33.34
C ALA B 507 -42.62 18.37 33.94
N THR B 508 -41.96 17.75 34.90
CA THR B 508 -42.47 16.55 35.53
C THR B 508 -42.00 16.49 36.98
N SER B 509 -42.74 15.75 37.79
CA SER B 509 -42.35 15.55 39.17
C SER B 509 -41.18 14.58 39.25
N ARG B 510 -40.43 14.67 40.35
CA ARG B 510 -39.31 13.75 40.54
C ARG B 510 -39.74 12.30 40.47
N ASN B 511 -40.96 12.01 40.91
CA ASN B 511 -41.49 10.64 40.89
C ASN B 511 -42.30 10.39 39.62
N ASP B 512 -41.64 10.64 38.48
CA ASP B 512 -42.26 10.46 37.17
C ASP B 512 -41.31 9.75 36.20
N VAL B 513 -40.38 8.96 36.72
CA VAL B 513 -39.33 8.38 35.90
C VAL B 513 -39.07 6.94 36.35
N ARG B 514 -38.54 6.14 35.42
CA ARG B 514 -38.10 4.78 35.70
C ARG B 514 -36.62 4.77 36.09
N ARG B 515 -35.77 5.28 35.21
CA ARG B 515 -34.33 5.31 35.44
C ARG B 515 -33.73 6.41 34.57
N ILE B 516 -32.49 6.77 34.89
CA ILE B 516 -31.77 7.82 34.17
C ILE B 516 -30.56 7.20 33.48
N GLY B 517 -30.68 5.95 33.05
CA GLY B 517 -29.58 5.20 32.49
C GLY B 517 -28.77 5.96 31.47
N TYR B 518 -27.46 5.72 31.47
CA TYR B 518 -26.57 6.38 30.51
C TYR B 518 -26.77 5.83 29.11
N ILE B 519 -26.51 6.67 28.12
CA ILE B 519 -26.58 6.28 26.71
C ILE B 519 -25.32 6.78 26.02
N PRO B 520 -24.15 6.28 26.35
CA PRO B 520 -22.91 6.79 25.76
C PRO B 520 -22.72 6.28 24.33
N VAL B 521 -21.80 6.93 23.62
CA VAL B 521 -21.44 6.49 22.28
C VAL B 521 -20.87 5.08 22.37
N ALA B 522 -21.50 4.14 21.68
CA ALA B 522 -21.15 2.74 21.79
C ALA B 522 -20.88 2.15 20.41
N ARG B 523 -20.10 1.08 20.40
CA ARG B 523 -19.70 0.41 19.17
C ARG B 523 -19.58 -1.08 19.45
N LEU B 524 -20.27 -1.89 18.64
CA LEU B 524 -20.31 -3.33 18.88
C LEU B 524 -18.91 -3.91 18.83
N ASP B 525 -18.59 -4.76 19.80
CA ASP B 525 -17.20 -5.20 19.99
C ASP B 525 -16.82 -6.31 19.00
N VAL B 526 -17.48 -7.46 19.08
CA VAL B 526 -17.02 -8.62 18.34
C VAL B 526 -17.42 -8.49 16.87
N ASP B 527 -16.67 -9.19 16.02
CA ASP B 527 -16.89 -9.10 14.58
C ASP B 527 -18.00 -10.03 14.12
N GLY B 528 -17.98 -11.29 14.58
CA GLY B 528 -18.98 -12.26 14.21
C GLY B 528 -19.95 -12.49 15.35
N ILE B 529 -21.24 -12.48 15.02
CA ILE B 529 -22.30 -12.54 16.00
C ILE B 529 -22.79 -13.99 16.11
N GLU B 530 -22.74 -14.54 17.31
CA GLU B 530 -23.23 -15.90 17.56
C GLU B 530 -24.69 -15.82 18.00
N ILE B 531 -25.58 -16.40 17.20
CA ILE B 531 -27.01 -16.43 17.49
C ILE B 531 -27.40 -17.89 17.72
N LYS B 532 -28.01 -18.16 18.86
CA LYS B 532 -28.40 -19.50 19.26
C LYS B 532 -29.88 -19.69 18.91
N ARG B 533 -30.14 -20.43 17.83
CA ARG B 533 -31.50 -20.71 17.39
C ARG B 533 -31.95 -22.00 18.05
N LEU B 534 -32.51 -21.89 19.26
CA LEU B 534 -33.07 -23.06 19.93
C LEU B 534 -34.27 -23.62 19.19
N THR B 535 -34.87 -22.82 18.30
CA THR B 535 -35.97 -23.27 17.47
C THR B 535 -35.91 -22.49 16.17
N ASP B 536 -36.89 -22.72 15.29
CA ASP B 536 -36.94 -22.00 14.03
C ASP B 536 -37.15 -20.52 14.28
N SER B 537 -37.16 -19.70 13.23
CA SER B 537 -37.25 -18.26 13.40
C SER B 537 -38.46 -17.84 14.24
N ALA B 538 -39.44 -18.72 14.40
CA ALA B 538 -40.66 -18.34 15.10
C ALA B 538 -40.44 -18.06 16.58
N GLY B 539 -39.31 -18.48 17.15
CA GLY B 539 -39.11 -18.43 18.60
C GLY B 539 -37.71 -18.07 19.00
N VAL B 540 -37.17 -18.82 19.95
CA VAL B 540 -35.97 -18.48 20.70
C VAL B 540 -34.78 -18.27 19.77
N SER B 541 -34.23 -17.06 19.75
CA SER B 541 -33.09 -16.70 18.91
C SER B 541 -32.13 -15.77 19.67
N GLN B 542 -31.82 -16.12 20.92
CA GLN B 542 -31.09 -15.19 21.77
C GLN B 542 -29.68 -14.93 21.25
N VAL B 543 -29.12 -13.79 21.65
CA VAL B 543 -27.80 -13.35 21.21
C VAL B 543 -27.12 -12.65 22.38
N SER B 544 -25.79 -12.56 22.31
CA SER B 544 -24.95 -12.10 23.41
C SER B 544 -24.02 -10.97 22.97
N LEU B 545 -24.60 -9.92 22.35
CA LEU B 545 -23.81 -8.79 21.90
C LEU B 545 -22.92 -8.20 22.98
N THR B 546 -21.81 -7.59 22.57
CA THR B 546 -20.93 -6.83 23.45
C THR B 546 -20.72 -5.45 22.85
N PHE B 547 -20.96 -4.41 23.66
CA PHE B 547 -20.88 -3.03 23.20
C PHE B 547 -19.69 -2.34 23.87
N LYS B 548 -18.89 -1.66 23.07
CA LYS B 548 -17.71 -0.93 23.54
C LYS B 548 -18.04 0.55 23.48
N PHE B 549 -18.15 1.18 24.65
CA PHE B 549 -18.52 2.58 24.74
C PHE B 549 -17.28 3.44 24.88
N PHE B 550 -17.24 4.53 24.13
CA PHE B 550 -16.07 5.38 24.00
C PHE B 550 -16.53 6.74 23.47
N ASP B 551 -15.58 7.56 23.04
CA ASP B 551 -15.87 8.82 22.37
C ASP B 551 -15.17 8.84 21.02
N ASP B 552 -15.91 9.17 19.96
CA ASP B 552 -15.33 9.31 18.64
C ASP B 552 -14.66 10.67 18.54
N ARG B 553 -13.37 10.69 18.20
CA ARG B 553 -12.55 11.88 18.36
C ARG B 553 -12.02 12.43 17.04
N ARG B 554 -11.63 11.58 16.10
CA ARG B 554 -10.99 12.06 14.89
C ARG B 554 -11.88 13.08 14.18
N ILE B 555 -11.27 14.19 13.78
CA ILE B 555 -11.94 15.24 13.02
C ILE B 555 -11.42 15.19 11.59
N ALA B 556 -12.32 15.09 10.63
CA ALA B 556 -11.98 14.86 9.23
C ALA B 556 -11.99 16.20 8.48
N THR B 557 -10.81 16.75 8.24
CA THR B 557 -10.64 17.84 7.29
C THR B 557 -9.91 17.25 6.09
N PRO B 558 -10.64 16.61 5.15
CA PRO B 558 -9.99 15.77 4.14
C PRO B 558 -8.73 16.38 3.55
N LEU B 559 -7.73 15.55 3.28
CA LEU B 559 -6.46 16.02 2.78
C LEU B 559 -6.68 16.78 1.47
N PRO B 560 -6.24 18.02 1.35
CA PRO B 560 -6.58 18.83 0.18
C PRO B 560 -5.72 18.46 -1.02
N LEU B 561 -6.16 18.93 -2.18
CA LEU B 561 -5.46 18.71 -3.45
C LEU B 561 -5.08 17.24 -3.60
N SER B 562 -6.10 16.40 -3.63
CA SER B 562 -5.90 14.97 -3.77
C SER B 562 -5.29 14.64 -5.13
N SER C 2 -15.95 12.70 -5.18
CA SER C 2 -16.32 12.65 -3.74
C SER C 2 -15.58 11.54 -3.01
N TYR C 3 -14.61 10.92 -3.68
CA TYR C 3 -13.91 9.78 -3.11
C TYR C 3 -13.15 10.18 -1.85
N ASN C 4 -12.36 11.25 -1.93
CA ASN C 4 -11.45 11.58 -0.84
C ASN C 4 -12.21 11.85 0.45
N ILE C 5 -13.38 12.48 0.37
CA ILE C 5 -14.14 12.81 1.56
C ILE C 5 -14.55 11.52 2.29
N ILE C 6 -15.03 10.53 1.55
CA ILE C 6 -15.39 9.26 2.18
C ILE C 6 -14.16 8.53 2.68
N GLU C 7 -13.06 8.60 1.91
CA GLU C 7 -11.87 7.85 2.25
C GLU C 7 -11.24 8.36 3.55
N THR C 8 -11.23 9.67 3.77
CA THR C 8 -10.59 10.27 4.92
C THR C 8 -11.50 10.34 6.14
N SER C 9 -12.73 9.83 6.05
CA SER C 9 -13.66 9.86 7.15
C SER C 9 -13.21 8.91 8.26
N ASN C 10 -13.57 9.24 9.50
CA ASN C 10 -13.20 8.40 10.62
C ASN C 10 -14.21 7.28 10.84
N ASP C 11 -15.50 7.55 10.64
CA ASP C 11 -16.57 6.59 10.90
C ASP C 11 -17.42 6.40 9.66
N ASN C 12 -16.81 6.42 8.49
CA ASN C 12 -17.52 6.19 7.25
C ASN C 12 -16.55 5.60 6.24
N GLY C 13 -17.01 4.60 5.50
CA GLY C 13 -16.17 3.94 4.52
C GLY C 13 -16.85 2.72 3.94
N ARG C 14 -16.24 2.21 2.88
CA ARG C 14 -16.75 1.05 2.16
C ARG C 14 -15.57 0.28 1.60
N PRO C 15 -15.60 -1.06 1.66
CA PRO C 15 -14.46 -1.83 1.16
C PRO C 15 -14.56 -2.21 -0.32
N VAL C 16 -13.57 -1.79 -1.12
CA VAL C 16 -13.39 -2.32 -2.46
C VAL C 16 -11.93 -2.18 -2.86
N PHE C 17 -11.38 -3.22 -3.47
CA PHE C 17 -10.06 -3.19 -4.09
C PHE C 17 -10.14 -4.04 -5.35
N MET C 18 -10.22 -3.38 -6.51
CA MET C 18 -10.43 -4.05 -7.78
C MET C 18 -9.10 -4.16 -8.51
N TYR C 19 -8.97 -5.20 -9.33
CA TYR C 19 -7.72 -5.48 -10.01
C TYR C 19 -8.00 -5.66 -11.50
N GLU C 20 -7.23 -4.97 -12.33
CA GLU C 20 -7.32 -5.08 -13.78
C GLU C 20 -6.05 -5.72 -14.30
N PHE C 21 -6.17 -6.93 -14.85
CA PHE C 21 -5.07 -7.61 -15.50
C PHE C 21 -5.17 -7.37 -16.99
N ARG C 22 -4.14 -6.75 -17.57
CA ARG C 22 -4.20 -6.22 -18.93
C ARG C 22 -3.06 -6.79 -19.75
N LEU C 23 -3.37 -7.18 -20.99
CA LEU C 23 -2.38 -7.71 -21.92
C LEU C 23 -2.85 -7.32 -23.32
N LEU C 24 -2.22 -6.28 -23.88
CA LEU C 24 -2.65 -5.64 -25.12
C LEU C 24 -4.17 -5.63 -25.23
N ASP C 25 -4.83 -5.11 -24.20
CA ASP C 25 -6.28 -4.94 -24.13
C ASP C 25 -7.03 -6.26 -23.95
N LYS C 26 -6.34 -7.36 -23.69
CA LYS C 26 -7.00 -8.58 -23.24
C LYS C 26 -7.18 -8.48 -21.73
N TYR C 27 -8.43 -8.39 -21.28
CA TYR C 27 -8.75 -7.84 -19.97
C TYR C 27 -9.32 -8.88 -19.03
N TRP C 28 -8.97 -8.75 -17.75
CA TRP C 28 -9.64 -9.43 -16.65
C TRP C 28 -9.88 -8.40 -15.55
N ARG C 29 -11.13 -8.26 -15.15
CA ARG C 29 -11.54 -7.23 -14.18
C ARG C 29 -11.94 -7.96 -12.90
N TYR C 30 -11.13 -7.83 -11.86
CA TYR C 30 -11.32 -8.57 -10.62
C TYR C 30 -11.71 -7.65 -9.48
N THR C 31 -12.33 -8.25 -8.47
CA THR C 31 -12.71 -7.55 -7.25
C THR C 31 -12.31 -8.42 -6.05
N SER C 32 -11.59 -7.83 -5.11
CA SER C 32 -11.24 -8.54 -3.89
C SER C 32 -12.43 -8.68 -2.94
N ALA C 33 -13.43 -7.82 -3.09
CA ALA C 33 -14.63 -7.93 -2.27
C ALA C 33 -15.43 -9.16 -2.68
N ASP C 34 -16.56 -9.36 -2.02
CA ASP C 34 -17.36 -10.57 -2.17
C ASP C 34 -18.52 -10.41 -3.14
N ALA C 35 -18.65 -9.27 -3.80
CA ALA C 35 -19.84 -8.95 -4.58
C ALA C 35 -19.49 -8.72 -6.05
N LYS C 36 -20.55 -8.67 -6.87
CA LYS C 36 -20.43 -8.39 -8.29
C LYS C 36 -20.35 -6.86 -8.46
N VAL C 37 -19.14 -6.34 -8.26
CA VAL C 37 -18.93 -4.90 -8.38
C VAL C 37 -18.85 -4.52 -9.86
N SER C 38 -19.58 -3.47 -10.23
CA SER C 38 -19.63 -2.99 -11.60
C SER C 38 -19.37 -1.49 -11.60
N ALA C 39 -18.24 -1.08 -12.16
CA ALA C 39 -17.88 0.32 -12.25
C ALA C 39 -16.95 0.53 -13.43
N LEU C 40 -16.83 1.80 -13.84
CA LEU C 40 -15.99 2.17 -14.98
C LEU C 40 -16.41 1.42 -16.25
N GLY C 41 -17.70 1.17 -16.39
CA GLY C 41 -18.20 0.50 -17.59
C GLY C 41 -17.79 -0.95 -17.72
N SER C 42 -17.42 -1.61 -16.62
CA SER C 42 -17.03 -3.00 -16.66
C SER C 42 -17.38 -3.66 -15.33
N ILE C 43 -17.66 -4.95 -15.38
CA ILE C 43 -17.98 -5.73 -14.19
C ILE C 43 -16.69 -6.31 -13.63
N TRP C 44 -16.43 -6.03 -12.36
CA TRP C 44 -15.25 -6.52 -11.65
C TRP C 44 -15.67 -7.68 -10.76
N GLU C 45 -15.47 -8.90 -11.24
CA GLU C 45 -16.00 -10.07 -10.55
C GLU C 45 -15.31 -10.24 -9.19
N PRO C 46 -16.04 -10.77 -8.19
CA PRO C 46 -15.43 -11.03 -6.88
C PRO C 46 -14.61 -12.32 -6.92
N MET C 47 -13.29 -12.17 -6.86
CA MET C 47 -12.39 -13.31 -6.92
C MET C 47 -11.46 -13.27 -5.72
N GLY C 48 -10.81 -14.41 -5.45
CA GLY C 48 -10.03 -14.59 -4.25
C GLY C 48 -8.70 -13.87 -4.22
N VAL C 49 -8.57 -12.79 -5.01
CA VAL C 49 -7.35 -11.99 -5.01
C VAL C 49 -7.26 -11.22 -3.70
N SER C 50 -6.03 -11.01 -3.24
CA SER C 50 -5.80 -10.30 -1.99
C SER C 50 -4.42 -9.66 -2.04
N ASP C 51 -4.37 -8.35 -1.80
CA ASP C 51 -3.10 -7.62 -1.81
C ASP C 51 -2.31 -7.91 -0.54
N ASP C 52 -1.01 -7.69 -0.62
CA ASP C 52 -0.12 -7.76 0.53
C ASP C 52 0.47 -6.42 0.91
N GLY C 53 0.07 -5.34 0.23
CA GLY C 53 0.54 -4.00 0.56
C GLY C 53 1.29 -3.37 -0.60
N ILE C 54 0.82 -2.23 -1.08
CA ILE C 54 1.50 -1.52 -2.15
C ILE C 54 2.62 -0.71 -1.53
N LYS C 55 3.78 -1.34 -1.36
CA LYS C 55 4.92 -0.70 -0.71
C LYS C 55 5.67 0.16 -1.72
N GLN C 56 6.13 1.33 -1.26
CA GLN C 56 6.91 2.25 -2.08
C GLN C 56 8.07 2.74 -1.23
N THR C 57 9.23 2.07 -1.37
CA THR C 57 10.41 2.39 -0.59
C THR C 57 11.57 2.88 -1.46
N GLY C 58 11.48 2.77 -2.77
CA GLY C 58 12.60 3.05 -3.63
C GLY C 58 13.65 1.96 -3.66
N GLU C 59 13.37 0.81 -3.06
CA GLU C 59 14.30 -0.32 -3.01
C GLU C 59 13.69 -1.49 -3.76
N ALA C 60 14.47 -2.08 -4.65
CA ALA C 60 13.98 -3.19 -5.45
C ALA C 60 13.93 -4.47 -4.63
N LYS C 61 13.03 -5.37 -5.02
CA LYS C 61 12.82 -6.63 -4.28
C LYS C 61 11.83 -6.41 -3.13
N THR C 62 12.15 -5.49 -2.22
CA THR C 62 11.26 -5.25 -1.08
C THR C 62 9.90 -4.74 -1.50
N ASP C 63 9.85 -3.93 -2.55
CA ASP C 63 8.59 -3.34 -2.99
C ASP C 63 7.81 -4.29 -3.87
N ALA C 64 8.33 -5.48 -4.09
CA ALA C 64 7.67 -6.42 -4.99
C ALA C 64 6.28 -6.75 -4.46
N LEU C 65 5.25 -6.24 -5.13
CA LEU C 65 3.88 -6.50 -4.71
C LEU C 65 3.57 -7.99 -4.89
N ASN C 66 3.26 -8.65 -3.77
CA ASN C 66 3.00 -10.09 -3.76
C ASN C 66 1.49 -10.29 -3.68
N LEU C 67 0.90 -10.72 -4.79
CA LEU C 67 -0.53 -10.99 -4.86
C LEU C 67 -0.80 -12.48 -4.67
N THR C 68 -1.83 -12.79 -3.90
CA THR C 68 -2.33 -14.16 -3.74
C THR C 68 -3.46 -14.34 -4.74
N LEU C 69 -3.15 -14.98 -5.87
CA LEU C 69 -4.06 -15.07 -7.00
C LEU C 69 -4.53 -16.51 -7.17
N PRO C 70 -5.83 -16.81 -7.16
CA PRO C 70 -6.26 -18.20 -7.34
C PRO C 70 -5.74 -18.78 -8.64
N ASN C 71 -5.28 -20.03 -8.57
CA ASN C 71 -4.62 -20.65 -9.72
C ASN C 71 -5.60 -20.88 -10.87
N SER C 72 -6.85 -21.18 -10.54
CA SER C 72 -7.82 -21.52 -11.59
C SER C 72 -8.04 -20.38 -12.56
N ASN C 73 -7.68 -19.15 -12.19
CA ASN C 73 -7.88 -18.02 -13.08
C ASN C 73 -7.03 -18.18 -14.34
N PRO C 74 -7.51 -17.70 -15.48
CA PRO C 74 -6.66 -17.67 -16.68
C PRO C 74 -5.43 -16.80 -16.51
N VAL C 75 -5.47 -15.83 -15.60
CA VAL C 75 -4.31 -14.97 -15.36
C VAL C 75 -3.11 -15.83 -14.96
N VAL C 76 -3.30 -16.72 -13.99
CA VAL C 76 -2.25 -17.68 -13.67
C VAL C 76 -2.09 -18.68 -14.80
N GLY C 77 -3.19 -19.05 -15.46
CA GLY C 77 -3.10 -19.99 -16.56
C GLY C 77 -2.15 -19.53 -17.65
N LEU C 78 -2.02 -18.22 -17.83
CA LEU C 78 -1.08 -17.70 -18.82
C LEU C 78 0.36 -18.06 -18.48
N PHE C 79 0.65 -18.39 -17.22
CA PHE C 79 2.00 -18.65 -16.78
C PHE C 79 2.28 -20.12 -16.52
N ILE C 80 1.36 -21.02 -16.85
CA ILE C 80 1.60 -22.44 -16.66
C ILE C 80 2.56 -22.92 -17.73
N GLY C 81 3.76 -23.33 -17.32
CA GLY C 81 4.75 -23.82 -18.26
C GLY C 81 5.49 -22.71 -18.98
N THR C 82 4.79 -22.01 -19.88
CA THR C 82 5.39 -20.95 -20.68
C THR C 82 4.68 -19.63 -20.41
N PRO C 83 5.31 -18.68 -19.74
CA PRO C 83 4.65 -17.39 -19.49
C PRO C 83 4.59 -16.56 -20.76
N PRO C 84 3.78 -15.49 -20.77
CA PRO C 84 3.62 -14.70 -22.00
C PRO C 84 4.94 -14.09 -22.44
N GLY C 85 5.12 -14.01 -23.77
CA GLY C 85 6.27 -13.30 -24.32
C GLY C 85 6.17 -11.81 -24.22
N SER C 86 4.97 -11.28 -24.00
CA SER C 86 4.75 -9.85 -23.84
C SER C 86 4.34 -9.55 -22.40
N PRO C 87 4.87 -8.47 -21.80
CA PRO C 87 4.55 -8.21 -20.38
C PRO C 87 3.07 -7.99 -20.16
N VAL C 88 2.60 -8.39 -18.98
CA VAL C 88 1.23 -8.18 -18.54
C VAL C 88 1.24 -7.13 -17.45
N THR C 89 0.33 -6.17 -17.56
CA THR C 89 0.25 -5.04 -16.64
C THR C 89 -0.93 -5.23 -15.69
N LEU C 90 -0.71 -4.87 -14.42
CA LEU C 90 -1.73 -4.97 -13.39
C LEU C 90 -2.07 -3.56 -12.90
N THR C 91 -3.36 -3.24 -12.87
CA THR C 91 -3.84 -1.96 -12.38
C THR C 91 -4.83 -2.21 -11.24
N ILE C 92 -4.60 -1.52 -10.11
CA ILE C 92 -5.45 -1.62 -8.94
C ILE C 92 -6.20 -0.31 -8.78
N ARG C 93 -7.47 -0.40 -8.39
CA ARG C 93 -8.32 0.77 -8.21
C ARG C 93 -9.05 0.65 -6.87
N ARG C 94 -9.43 1.81 -6.32
CA ARG C 94 -9.73 1.94 -4.90
C ARG C 94 -11.03 2.71 -4.66
N MET C 95 -12.10 2.37 -5.37
CA MET C 95 -13.35 3.07 -5.12
C MET C 95 -14.04 2.57 -3.85
N HIS C 96 -15.01 3.33 -3.39
CA HIS C 96 -15.96 2.90 -2.38
C HIS C 96 -17.23 2.41 -3.08
N LEU C 97 -18.29 2.16 -2.30
CA LEU C 97 -19.61 1.95 -2.86
C LEU C 97 -20.41 3.24 -2.78
N ASP C 98 -21.31 3.42 -3.74
CA ASP C 98 -22.05 4.67 -3.94
C ASP C 98 -21.10 5.71 -4.56
N ASP C 99 -19.85 5.33 -4.75
CA ASP C 99 -18.86 6.17 -5.41
C ASP C 99 -18.59 5.62 -6.80
N ASN C 100 -18.04 6.48 -7.68
CA ASN C 100 -17.77 6.07 -9.04
C ASN C 100 -16.47 6.62 -9.62
N ASP C 101 -15.51 7.04 -8.79
CA ASP C 101 -14.19 7.43 -9.27
C ASP C 101 -13.14 6.55 -8.59
N PRO C 102 -12.84 5.38 -9.14
CA PRO C 102 -11.83 4.51 -8.51
C PRO C 102 -10.41 5.01 -8.76
N VAL C 103 -9.94 5.92 -7.91
CA VAL C 103 -8.61 6.48 -8.06
C VAL C 103 -7.60 5.34 -8.14
N VAL C 104 -6.91 5.24 -9.29
CA VAL C 104 -5.93 4.17 -9.49
C VAL C 104 -4.81 4.33 -8.48
N CYS C 105 -4.32 3.21 -7.95
CA CYS C 105 -3.31 3.23 -6.90
C CYS C 105 -2.04 2.45 -7.25
N TYR C 106 -2.03 1.64 -8.30
CA TYR C 106 -0.85 0.85 -8.62
C TYR C 106 -0.93 0.40 -10.07
N VAL C 107 0.18 0.53 -10.79
CA VAL C 107 0.22 0.24 -12.22
C VAL C 107 1.36 -0.72 -12.52
N GLY C 108 1.72 -1.57 -11.56
CA GLY C 108 2.81 -2.49 -11.75
C GLY C 108 2.50 -3.55 -12.80
N THR C 109 3.55 -4.31 -13.15
CA THR C 109 3.46 -5.35 -14.15
C THR C 109 3.70 -6.71 -13.50
N VAL C 110 3.26 -7.77 -14.18
CA VAL C 110 3.39 -9.13 -13.69
C VAL C 110 4.78 -9.61 -14.10
N ASP C 111 5.68 -9.72 -13.12
CA ASP C 111 7.06 -10.11 -13.39
C ASP C 111 7.27 -11.62 -13.31
N SER C 112 6.82 -12.24 -12.22
CA SER C 112 7.03 -13.67 -12.02
C SER C 112 5.87 -14.25 -11.21
N ILE C 113 5.66 -15.55 -11.38
CA ILE C 113 4.64 -16.29 -10.66
C ILE C 113 5.21 -17.65 -10.29
N ASN C 114 4.89 -18.10 -9.07
CA ASN C 114 5.29 -19.43 -8.63
C ASN C 114 4.23 -19.97 -7.68
N GLN C 115 3.66 -21.13 -8.03
CA GLN C 115 2.74 -21.80 -7.14
C GLN C 115 3.51 -22.40 -5.96
N GLY C 116 2.78 -23.01 -5.04
CA GLY C 116 3.44 -23.61 -3.88
C GLY C 116 2.52 -24.20 -2.84
N GLU C 117 2.87 -23.99 -1.57
CA GLU C 117 2.18 -24.66 -0.47
C GLU C 117 0.69 -24.33 -0.43
N ASN C 118 0.28 -23.20 -0.99
CA ASN C 118 -1.12 -22.81 -0.96
C ASN C 118 -1.71 -22.99 -2.35
N PRO C 119 -2.12 -24.20 -2.73
CA PRO C 119 -2.54 -24.44 -4.11
C PRO C 119 -3.74 -23.63 -4.54
N THR C 120 -4.56 -23.13 -3.62
CA THR C 120 -5.75 -22.37 -4.00
C THR C 120 -5.43 -20.97 -4.46
N VAL C 121 -4.20 -20.48 -4.24
CA VAL C 121 -3.78 -19.16 -4.70
C VAL C 121 -2.27 -19.18 -4.91
N ALA C 122 -1.83 -18.63 -6.03
CA ALA C 122 -0.41 -18.49 -6.33
C ALA C 122 0.10 -17.13 -5.89
N THR C 123 1.42 -17.00 -5.86
CA THR C 123 2.08 -15.74 -5.52
C THR C 123 2.49 -15.05 -6.80
N VAL C 124 2.01 -13.83 -7.00
CA VAL C 124 2.30 -13.03 -8.18
C VAL C 124 3.11 -11.82 -7.73
N THR C 125 4.30 -11.66 -8.31
CA THR C 125 5.20 -10.57 -7.96
C THR C 125 5.09 -9.48 -9.02
N CYS C 126 4.83 -8.25 -8.57
CA CYS C 126 4.63 -7.12 -9.48
C CYS C 126 5.38 -5.91 -8.92
N SER C 127 6.54 -5.62 -9.51
CA SER C 127 7.29 -4.42 -9.19
C SER C 127 6.80 -3.29 -10.09
N THR C 128 7.52 -2.17 -10.10
CA THR C 128 7.20 -1.05 -10.95
C THR C 128 8.46 -0.59 -11.69
N LEU C 129 8.27 0.37 -12.59
CA LEU C 129 9.34 0.77 -13.51
C LEU C 129 10.59 1.23 -12.76
N SER C 130 10.42 1.81 -11.58
CA SER C 130 11.55 2.37 -10.86
C SER C 130 12.59 1.31 -10.51
N ALA C 131 12.16 0.07 -10.27
CA ALA C 131 13.04 -0.97 -9.75
C ALA C 131 13.55 -1.93 -10.81
N THR C 132 13.24 -1.71 -12.09
CA THR C 132 13.61 -2.60 -13.17
C THR C 132 14.79 -2.06 -13.98
N MET C 133 15.76 -1.42 -13.33
CA MET C 133 16.78 -0.66 -14.03
C MET C 133 18.17 -1.25 -13.81
N ASP C 134 18.25 -2.58 -13.76
CA ASP C 134 19.50 -3.31 -13.60
C ASP C 134 20.18 -3.59 -14.93
N ARG C 135 19.65 -3.04 -16.02
CA ARG C 135 20.17 -3.32 -17.36
C ARG C 135 21.68 -3.15 -17.42
N ASN C 136 22.33 -3.83 -18.37
CA ASN C 136 23.78 -3.74 -18.48
C ASN C 136 24.23 -2.31 -18.71
N GLY C 137 23.55 -1.59 -19.60
CA GLY C 137 23.99 -0.26 -20.01
C GLY C 137 25.03 -0.33 -21.10
N LEU C 138 25.86 -1.36 -21.04
CA LEU C 138 26.92 -1.57 -22.02
C LEU C 138 26.32 -1.85 -23.40
N ARG C 139 26.38 -0.87 -24.30
CA ARG C 139 25.77 -1.04 -25.61
C ARG C 139 26.76 -0.97 -26.76
N LEU C 140 27.52 0.12 -26.86
CA LEU C 140 28.19 0.41 -28.13
C LEU C 140 29.42 -0.47 -28.33
N SER C 141 30.43 -0.32 -27.48
CA SER C 141 31.49 -1.30 -27.36
C SER C 141 32.06 -1.69 -28.74
N TRP C 142 32.79 -0.76 -29.34
CA TRP C 142 33.41 -1.01 -30.64
C TRP C 142 33.90 -2.44 -30.76
N SER C 143 33.62 -3.09 -31.89
CA SER C 143 34.01 -4.48 -32.08
C SER C 143 34.05 -4.77 -33.56
N ARG C 144 34.59 -5.96 -33.89
CA ARG C 144 34.63 -6.41 -35.28
C ARG C 144 33.24 -6.70 -35.84
N GLY C 145 32.21 -6.75 -34.99
CA GLY C 145 30.85 -6.91 -35.44
C GLY C 145 29.92 -5.95 -34.73
N CYS C 146 28.91 -5.45 -35.45
CA CYS C 146 28.02 -4.46 -34.85
C CYS C 146 27.22 -5.09 -33.71
N PRO C 147 27.02 -4.36 -32.61
CA PRO C 147 26.18 -4.88 -31.53
C PRO C 147 24.68 -4.69 -31.77
N HIS C 148 24.31 -4.07 -32.88
CA HIS C 148 22.90 -3.78 -33.14
C HIS C 148 22.09 -5.07 -33.14
N ALA C 149 20.92 -5.02 -32.50
CA ALA C 149 19.95 -6.09 -32.62
C ALA C 149 19.25 -5.98 -33.97
N LEU C 150 19.13 -7.09 -34.67
CA LEU C 150 18.55 -7.06 -36.01
C LEU C 150 17.14 -6.47 -35.95
N TYR C 151 16.83 -5.61 -36.92
CA TYR C 151 15.56 -4.90 -37.04
C TYR C 151 15.38 -3.83 -35.97
N ASP C 152 16.44 -3.45 -35.27
CA ASP C 152 16.33 -2.43 -34.24
C ASP C 152 16.31 -1.04 -34.87
N GLY C 153 16.25 -0.02 -34.01
CA GLY C 153 16.17 1.36 -34.48
C GLY C 153 17.42 1.88 -35.15
N GLN C 154 18.54 1.19 -35.00
CA GLN C 154 19.80 1.61 -35.60
C GLN C 154 20.23 0.75 -36.77
N CYS C 155 20.10 -0.57 -36.67
CA CYS C 155 20.33 -1.41 -37.85
C CYS C 155 19.34 -1.05 -38.95
N ARG C 156 18.07 -0.84 -38.58
CA ARG C 156 17.08 -0.21 -39.44
C ARG C 156 16.77 -1.04 -40.68
N VAL C 157 17.07 -2.34 -40.65
CA VAL C 157 16.67 -3.20 -41.75
C VAL C 157 15.14 -3.28 -41.79
N ASN C 158 14.58 -3.15 -42.98
CA ASN C 158 13.13 -3.08 -43.11
C ASN C 158 12.47 -4.32 -42.53
N LYS C 159 11.36 -4.10 -41.82
CA LYS C 159 10.67 -5.21 -41.17
C LYS C 159 9.93 -6.07 -42.18
N GLU C 160 9.55 -5.49 -43.32
CA GLU C 160 8.75 -6.16 -44.34
C GLU C 160 9.58 -6.78 -45.45
N ALA C 161 10.76 -6.23 -45.77
CA ALA C 161 11.52 -6.72 -46.91
C ALA C 161 11.96 -8.16 -46.74
N PHE C 162 12.06 -8.65 -45.50
CA PHE C 162 12.56 -9.99 -45.23
C PHE C 162 11.52 -10.85 -44.53
N ARG C 163 10.25 -10.71 -44.93
CA ARG C 163 9.19 -11.53 -44.35
C ARG C 163 9.35 -12.99 -44.78
N VAL C 164 9.06 -13.89 -43.85
CA VAL C 164 8.86 -15.30 -44.15
C VAL C 164 7.76 -15.81 -43.23
N ASP C 165 6.84 -16.60 -43.80
CA ASP C 165 5.71 -17.10 -43.02
C ASP C 165 5.20 -18.38 -43.65
N ALA C 166 4.67 -19.26 -42.81
CA ALA C 166 4.10 -20.52 -43.26
C ALA C 166 3.44 -21.21 -42.07
N THR C 167 2.38 -21.95 -42.36
CA THR C 167 1.72 -22.75 -41.34
C THR C 167 2.57 -23.97 -41.00
N ILE C 168 2.49 -24.41 -39.75
CA ILE C 168 3.33 -25.50 -39.28
C ILE C 168 2.93 -26.78 -40.01
N LEU C 169 3.92 -27.44 -40.63
CA LEU C 169 3.65 -28.75 -41.20
C LEU C 169 3.57 -29.80 -40.11
N THR C 170 4.41 -29.70 -39.09
CA THR C 170 4.41 -30.67 -37.98
C THR C 170 5.15 -30.07 -36.81
N VAL C 171 4.48 -29.96 -35.66
CA VAL C 171 5.14 -29.53 -34.44
C VAL C 171 5.92 -30.71 -33.85
N GLY C 172 6.95 -30.39 -33.06
CA GLY C 172 7.77 -31.40 -32.47
C GLY C 172 8.39 -30.95 -31.17
N ALA C 173 9.23 -31.80 -30.62
CA ALA C 173 9.90 -31.52 -29.35
C ALA C 173 10.95 -30.43 -29.58
N GLY C 174 10.63 -29.21 -29.18
CA GLY C 174 11.56 -28.11 -29.34
C GLY C 174 11.96 -27.83 -30.77
N THR C 175 11.16 -28.27 -31.74
CA THR C 175 11.47 -28.05 -33.15
C THR C 175 10.17 -27.93 -33.92
N VAL C 176 10.26 -27.23 -35.06
CA VAL C 176 9.11 -27.00 -35.92
C VAL C 176 9.54 -27.27 -37.36
N THR C 177 8.57 -27.66 -38.19
CA THR C 177 8.82 -27.94 -39.59
C THR C 177 7.77 -27.26 -40.44
N ALA C 178 8.21 -26.68 -41.56
CA ALA C 178 7.30 -25.98 -42.47
C ALA C 178 7.87 -26.04 -43.87
N ALA C 179 6.97 -25.87 -44.85
CA ALA C 179 7.38 -25.93 -46.25
C ALA C 179 8.26 -24.74 -46.63
N ALA C 180 7.93 -23.55 -46.12
CA ALA C 180 8.69 -22.36 -46.51
C ALA C 180 10.14 -22.47 -46.09
N TYR C 181 10.40 -23.02 -44.90
CA TYR C 181 11.78 -23.14 -44.43
C TYR C 181 12.63 -23.95 -45.38
N ALA C 182 12.04 -24.92 -46.07
CA ALA C 182 12.81 -25.74 -47.01
C ALA C 182 13.35 -24.90 -48.16
N THR C 183 12.65 -23.83 -48.53
CA THR C 183 13.08 -23.00 -49.66
C THR C 183 14.31 -22.16 -49.33
N ARG C 184 14.75 -22.13 -48.07
CA ARG C 184 15.82 -21.27 -47.63
C ARG C 184 17.10 -22.05 -47.37
N PRO C 185 18.25 -21.40 -47.43
CA PRO C 185 19.50 -22.09 -47.12
C PRO C 185 19.67 -22.31 -45.63
N ASP C 186 20.58 -23.22 -45.28
CA ASP C 186 20.81 -23.56 -43.89
C ASP C 186 21.26 -22.34 -43.10
N GLY C 187 20.83 -22.27 -41.84
CA GLY C 187 21.18 -21.16 -40.99
C GLY C 187 20.55 -19.84 -41.38
N TYR C 188 19.57 -19.85 -42.30
CA TYR C 188 18.96 -18.61 -42.74
C TYR C 188 18.24 -17.91 -41.59
N PHE C 189 17.75 -18.68 -40.61
CA PHE C 189 16.97 -18.13 -39.51
C PHE C 189 17.74 -18.16 -38.19
N ALA C 190 19.03 -18.48 -38.22
CA ALA C 190 19.82 -18.50 -37.00
C ALA C 190 19.74 -17.17 -36.28
N GLY C 191 19.20 -17.18 -35.07
CA GLY C 191 18.93 -15.96 -34.35
C GLY C 191 17.62 -15.29 -34.72
N GLY C 192 16.80 -15.92 -35.54
CA GLY C 192 15.51 -15.39 -35.90
C GLY C 192 14.46 -15.65 -34.84
N PHE C 193 13.22 -15.38 -35.20
CA PHE C 193 12.10 -15.60 -34.28
C PHE C 193 10.83 -15.85 -35.07
N ILE C 194 9.91 -16.57 -34.44
CA ILE C 194 8.63 -16.93 -35.04
C ILE C 194 7.53 -16.09 -34.41
N GLU C 195 6.50 -15.80 -35.20
CA GLU C 195 5.42 -14.92 -34.78
C GLU C 195 4.08 -15.47 -35.25
N TRP C 196 3.07 -15.35 -34.39
CA TRP C 196 1.70 -15.74 -34.71
C TRP C 196 0.79 -15.08 -33.68
N ILE C 197 -0.50 -15.37 -33.75
CA ILE C 197 -1.50 -14.82 -32.84
C ILE C 197 -2.13 -15.94 -32.04
N ASP C 198 -2.09 -15.82 -30.71
CA ASP C 198 -2.71 -16.70 -29.73
C ASP C 198 -4.09 -16.17 -29.37
N PRO C 199 -5.14 -17.01 -29.34
CA PRO C 199 -6.48 -16.51 -29.02
C PRO C 199 -6.57 -15.64 -27.77
N VAL C 200 -5.57 -15.66 -26.89
CA VAL C 200 -5.58 -14.84 -25.68
C VAL C 200 -4.36 -13.92 -25.61
N TYR C 201 -3.16 -14.48 -25.82
CA TYR C 201 -1.96 -13.66 -25.76
C TYR C 201 -1.94 -12.60 -26.86
N GLY C 202 -2.76 -12.73 -27.89
CA GLY C 202 -2.62 -11.88 -29.05
C GLY C 202 -1.29 -12.13 -29.73
N VAL C 203 -0.48 -11.09 -29.86
CA VAL C 203 0.82 -11.23 -30.52
C VAL C 203 1.75 -12.03 -29.63
N GLU C 204 2.44 -13.00 -30.23
CA GLU C 204 3.46 -13.80 -29.55
C GLU C 204 4.69 -13.91 -30.43
N ARG C 205 5.83 -13.57 -29.85
CA ARG C 205 7.10 -13.54 -30.57
C ARG C 205 8.17 -14.22 -29.73
N ARG C 206 8.82 -15.23 -30.30
CA ARG C 206 9.89 -15.94 -29.60
C ARG C 206 10.91 -16.44 -30.61
N GLY C 207 12.14 -16.62 -30.13
CA GLY C 207 13.28 -16.72 -31.02
C GLY C 207 13.48 -18.09 -31.65
N ILE C 208 14.36 -18.11 -32.63
CA ILE C 208 14.81 -19.32 -33.31
C ILE C 208 16.32 -19.45 -33.11
N GLU C 209 16.77 -20.65 -32.76
CA GLU C 209 18.19 -20.88 -32.51
C GLU C 209 18.91 -21.60 -33.65
N THR C 210 18.18 -22.25 -34.55
CA THR C 210 18.84 -22.99 -35.63
C THR C 210 17.82 -23.30 -36.71
N HIS C 211 18.31 -23.39 -37.94
CA HIS C 211 17.47 -23.75 -39.09
C HIS C 211 18.23 -24.72 -39.98
N THR C 212 17.48 -25.64 -40.60
CA THR C 212 18.07 -26.58 -41.55
C THR C 212 16.94 -27.16 -42.39
N GLY C 213 17.04 -27.01 -43.70
CA GLY C 213 16.00 -27.53 -44.57
C GLY C 213 14.64 -27.01 -44.17
N ASN C 214 13.71 -27.93 -43.97
CA ASN C 214 12.37 -27.58 -43.49
C ASN C 214 12.31 -27.50 -41.96
N THR C 215 13.40 -27.80 -41.27
CA THR C 215 13.41 -27.91 -39.82
C THR C 215 14.11 -26.71 -39.19
N ILE C 216 13.62 -26.31 -38.02
CA ILE C 216 14.23 -25.23 -37.24
C ILE C 216 14.21 -25.64 -35.77
N THR C 217 15.02 -24.94 -34.98
CA THR C 217 15.07 -25.13 -33.54
C THR C 217 14.96 -23.76 -32.87
N ILE C 218 14.29 -23.73 -31.72
CA ILE C 218 13.98 -22.49 -31.02
C ILE C 218 14.81 -22.42 -29.75
N PHE C 219 15.29 -21.21 -29.44
CA PHE C 219 16.01 -20.99 -28.19
C PHE C 219 15.12 -21.29 -27.00
N GLY C 220 13.88 -20.80 -27.02
CA GLY C 220 12.95 -21.00 -25.94
C GLY C 220 12.18 -22.30 -26.09
N THR C 221 11.18 -22.46 -25.22
CA THR C 221 10.33 -23.65 -25.24
C THR C 221 9.23 -23.49 -26.27
N VAL C 222 8.38 -24.51 -26.38
CA VAL C 222 7.18 -24.47 -27.21
C VAL C 222 5.98 -24.43 -26.29
N ASP C 223 5.17 -23.38 -26.42
CA ASP C 223 3.95 -23.24 -25.64
C ASP C 223 2.77 -23.95 -26.26
N GLY C 224 3.03 -24.93 -27.13
CA GLY C 224 1.97 -25.57 -27.87
C GLY C 224 1.72 -24.84 -29.17
N LEU C 225 1.75 -25.58 -30.29
CA LEU C 225 1.56 -25.00 -31.60
C LEU C 225 0.65 -25.89 -32.41
N ALA C 226 -0.07 -25.29 -33.36
CA ALA C 226 -1.03 -25.99 -34.19
C ALA C 226 -0.79 -25.63 -35.64
N GLY C 227 -0.99 -26.62 -36.52
CA GLY C 227 -0.79 -26.41 -37.94
C GLY C 227 -1.91 -25.61 -38.59
N GLY C 228 -2.29 -24.51 -37.96
CA GLY C 228 -3.29 -23.61 -38.48
C GLY C 228 -2.68 -22.28 -38.86
N TYR C 229 -2.78 -21.31 -37.95
CA TYR C 229 -2.17 -19.99 -38.13
C TYR C 229 -0.76 -20.12 -38.70
N ILE C 230 -0.41 -19.17 -39.57
CA ILE C 230 0.94 -19.13 -40.12
C ILE C 230 1.90 -18.60 -39.06
N LEU C 231 3.10 -19.17 -39.04
CA LEU C 231 4.19 -18.69 -38.17
C LEU C 231 4.97 -17.64 -38.94
N LYS C 232 4.70 -16.38 -38.66
CA LYS C 232 5.45 -15.29 -39.28
C LYS C 232 6.88 -15.38 -38.75
N THR C 233 7.79 -15.85 -39.60
CA THR C 233 9.14 -16.20 -39.19
C THR C 233 10.12 -15.20 -39.81
N TYR C 234 11.03 -14.68 -39.00
CA TYR C 234 11.96 -13.67 -39.46
C TYR C 234 13.39 -14.22 -39.45
N PRO C 235 14.18 -13.96 -40.49
CA PRO C 235 15.58 -14.42 -40.47
C PRO C 235 16.42 -13.63 -39.47
N GLY C 236 17.45 -14.28 -38.97
CA GLY C 236 18.43 -13.65 -38.11
C GLY C 236 19.57 -13.05 -38.89
N CYS C 237 20.77 -13.09 -38.31
CA CYS C 237 21.94 -12.59 -39.01
C CYS C 237 23.21 -13.02 -38.28
N PRO C 238 24.27 -13.41 -39.00
CA PRO C 238 25.56 -13.62 -38.34
C PRO C 238 26.10 -12.36 -37.68
N ARG C 239 25.59 -11.18 -38.03
CA ARG C 239 26.00 -9.90 -37.48
C ARG C 239 27.38 -9.47 -37.92
N THR C 240 27.97 -10.16 -38.90
CA THR C 240 29.25 -9.76 -39.45
C THR C 240 29.04 -8.70 -40.53
N SER C 241 30.11 -7.94 -40.80
CA SER C 241 30.03 -6.93 -41.85
C SER C 241 29.65 -7.55 -43.18
N ALA C 242 30.29 -8.66 -43.53
CA ALA C 242 29.93 -9.38 -44.75
C ALA C 242 28.49 -9.87 -44.69
N ALA C 243 28.04 -10.31 -43.51
CA ALA C 243 26.66 -10.76 -43.38
C ALA C 243 25.68 -9.62 -43.61
N CYS C 244 25.90 -8.48 -42.96
CA CYS C 244 24.99 -7.36 -43.13
C CYS C 244 25.04 -6.81 -44.55
N ASP C 245 26.17 -6.96 -45.23
CA ASP C 245 26.29 -6.49 -46.60
C ASP C 245 25.55 -7.41 -47.57
N THR C 246 25.94 -8.68 -47.61
CA THR C 246 25.39 -9.60 -48.59
C THR C 246 23.91 -9.83 -48.37
N ILE C 247 23.54 -10.37 -47.21
CA ILE C 247 22.16 -10.79 -46.98
C ILE C 247 21.23 -9.57 -47.00
N PHE C 248 21.56 -8.54 -46.23
CA PHE C 248 20.63 -7.45 -45.97
C PHE C 248 20.79 -6.26 -46.90
N ASN C 249 21.94 -6.11 -47.55
CA ASN C 249 22.24 -4.90 -48.32
C ASN C 249 22.15 -3.66 -47.43
N ASN C 250 22.51 -3.83 -46.15
CA ASN C 250 22.42 -2.77 -45.16
C ASN C 250 23.79 -2.33 -44.68
N LEU C 251 24.84 -2.56 -45.47
CA LEU C 251 26.19 -2.18 -45.06
C LEU C 251 26.28 -0.69 -44.77
N ALA C 252 25.55 0.13 -45.53
CA ALA C 252 25.57 1.56 -45.30
C ALA C 252 24.99 1.95 -43.95
N ASN C 253 24.29 1.03 -43.28
CA ASN C 253 23.72 1.30 -41.97
C ASN C 253 24.25 0.29 -40.96
N PHE C 254 25.56 0.06 -40.99
CA PHE C 254 26.22 -0.93 -40.15
C PHE C 254 27.00 -0.23 -39.05
N GLY C 255 26.98 -0.84 -37.86
CA GLY C 255 27.59 -0.24 -36.69
C GLY C 255 28.87 -0.93 -36.24
N GLY C 256 29.25 -2.00 -36.92
CA GLY C 256 30.47 -2.73 -36.59
C GLY C 256 31.65 -2.20 -37.40
N ILE C 257 32.81 -2.17 -36.76
CA ILE C 257 34.03 -1.62 -37.35
C ILE C 257 34.93 -2.79 -37.72
N PRO C 258 35.06 -3.13 -39.01
CA PRO C 258 36.02 -4.20 -39.38
C PRO C 258 37.46 -3.81 -39.10
N SER C 259 37.85 -2.60 -39.49
CA SER C 259 39.24 -2.14 -39.33
C SER C 259 39.48 -1.53 -37.96
N LEU C 260 39.11 -2.23 -36.91
CA LEU C 260 39.57 -1.85 -35.59
C LEU C 260 41.07 -2.12 -35.56
N PRO C 261 41.92 -1.10 -35.56
CA PRO C 261 43.32 -1.32 -35.98
C PRO C 261 44.12 -2.20 -35.02
N ASP C 262 43.60 -3.38 -34.69
CA ASP C 262 44.28 -4.30 -33.79
C ASP C 262 44.80 -3.59 -32.55
N ARG C 263 44.17 -2.48 -32.20
CA ARG C 263 44.65 -1.58 -31.15
C ARG C 263 46.14 -1.31 -31.31
N SER C 264 46.51 -0.93 -32.53
CA SER C 264 47.87 -0.48 -32.79
C SER C 264 48.17 0.68 -31.87
N PRO C 265 49.01 0.51 -30.85
CA PRO C 265 49.17 1.55 -29.84
C PRO C 265 50.03 2.70 -30.34
N PHE C 266 50.15 3.72 -29.50
CA PHE C 266 51.09 4.82 -29.69
C PHE C 266 52.02 4.92 -28.49
N ASP C 267 52.34 3.77 -27.90
CA ASP C 267 53.17 3.71 -26.70
C ASP C 267 53.81 2.33 -26.65
N GLY C 268 54.84 2.22 -25.80
CA GLY C 268 55.43 0.94 -25.49
C GLY C 268 56.47 0.44 -26.48
N ASN C 269 56.11 0.38 -27.75
CA ASN C 269 56.97 -0.19 -28.77
C ASN C 269 57.01 0.74 -29.98
N PRO C 270 58.04 0.64 -30.82
CA PRO C 270 58.13 1.51 -31.98
C PRO C 270 57.05 1.19 -33.00
N ILE C 271 56.38 2.23 -33.48
CA ILE C 271 55.34 2.09 -34.50
C ILE C 271 55.18 3.46 -35.15
N PHE C 272 54.72 3.46 -36.40
CA PHE C 272 54.72 4.68 -37.21
C PHE C 272 56.11 5.26 -37.26
N MET D 1 -23.37 -28.99 96.03
CA MET D 1 -23.82 -28.18 94.86
C MET D 1 -24.60 -29.06 93.88
N ASN D 2 -24.11 -30.27 93.64
CA ASN D 2 -24.84 -31.22 92.83
C ASN D 2 -25.75 -32.07 93.70
N ASP D 3 -26.78 -32.63 93.08
CA ASP D 3 -27.85 -33.43 93.67
C ASP D 3 -28.83 -32.56 94.46
N ASN D 4 -28.58 -31.26 94.61
CA ASN D 4 -29.51 -30.34 95.24
C ASN D 4 -29.81 -29.15 94.34
N TYR D 5 -29.35 -29.17 93.10
CA TYR D 5 -29.58 -28.08 92.16
C TYR D 5 -30.99 -28.16 91.59
N GLN D 6 -31.46 -27.02 91.08
CA GLN D 6 -32.76 -26.94 90.43
C GLN D 6 -32.60 -26.27 89.07
N ASN D 7 -33.20 -26.88 88.04
CA ASN D 7 -33.09 -26.37 86.70
C ASN D 7 -34.03 -25.21 86.48
N ASN D 8 -33.54 -24.16 85.82
CA ASN D 8 -34.37 -23.00 85.47
C ASN D 8 -35.09 -23.29 84.16
N TYR D 9 -36.14 -24.10 84.27
CA TYR D 9 -36.87 -24.53 83.09
C TYR D 9 -37.52 -23.34 82.38
N VAL D 10 -38.12 -23.62 81.23
CA VAL D 10 -38.76 -22.59 80.42
C VAL D 10 -39.78 -23.24 79.51
N VAL D 11 -40.88 -22.54 79.28
CA VAL D 11 -41.84 -22.88 78.24
C VAL D 11 -42.22 -21.59 77.52
N GLY D 12 -42.10 -21.60 76.20
CA GLY D 12 -42.22 -20.38 75.43
C GLY D 12 -43.64 -19.87 75.24
N ARG D 13 -43.88 -18.64 75.69
CA ARG D 13 -45.15 -17.95 75.45
C ARG D 13 -44.84 -16.48 75.23
N GLY D 14 -45.88 -15.65 75.21
CA GLY D 14 -45.71 -14.26 74.88
C GLY D 14 -45.98 -13.99 73.41
N THR D 15 -45.41 -12.89 72.91
CA THR D 15 -45.56 -12.52 71.51
C THR D 15 -44.29 -11.83 71.03
N VAL D 16 -44.05 -11.92 69.73
CA VAL D 16 -42.94 -11.24 69.10
C VAL D 16 -43.34 -9.79 68.83
N TYR D 17 -42.34 -8.90 68.80
CA TYR D 17 -42.57 -7.47 68.57
C TYR D 17 -41.57 -6.96 67.53
N PHE D 18 -41.96 -7.05 66.27
CA PHE D 18 -41.23 -6.36 65.22
C PHE D 18 -41.72 -4.92 65.11
N ASP D 19 -40.94 -4.10 64.42
CA ASP D 19 -41.40 -2.76 64.05
C ASP D 19 -40.65 -2.33 62.81
N ARG D 20 -41.30 -1.45 62.04
CA ARG D 20 -40.82 -1.09 60.70
C ARG D 20 -39.86 0.08 60.79
N PHE D 21 -38.62 -0.14 60.34
CA PHE D 21 -37.73 0.98 60.09
C PHE D 21 -38.28 1.83 58.94
N GLN D 22 -38.04 3.13 59.02
CA GLN D 22 -38.53 4.02 57.97
C GLN D 22 -37.92 3.62 56.62
N ASP D 23 -38.72 3.76 55.58
CA ASP D 23 -38.33 3.29 54.25
C ASP D 23 -36.94 3.78 53.85
N GLY D 24 -36.09 2.85 53.45
CA GLY D 24 -34.82 3.20 52.87
C GLY D 24 -33.84 3.87 53.82
N THR D 25 -34.08 3.80 55.12
CA THR D 25 -33.19 4.39 56.09
C THR D 25 -33.04 3.46 57.29
N ASN D 26 -31.89 3.53 57.95
CA ASN D 26 -31.56 2.62 59.05
C ASN D 26 -31.98 3.24 60.39
N ARG D 27 -33.29 3.45 60.54
CA ARG D 27 -33.85 4.05 61.74
C ARG D 27 -35.27 3.57 61.94
N LYS D 28 -35.71 3.55 63.19
CA LYS D 28 -37.05 3.14 63.56
C LYS D 28 -37.90 4.35 63.94
N THR D 29 -39.20 4.24 63.73
CA THR D 29 -40.14 5.26 64.17
C THR D 29 -41.30 4.69 64.97
N GLY D 30 -41.81 3.51 64.62
CA GLY D 30 -43.02 2.99 65.22
C GLY D 30 -42.85 1.66 65.93
N GLU D 31 -43.97 1.07 66.32
CA GLU D 31 -43.99 -0.20 67.02
C GLU D 31 -45.06 -1.09 66.39
N MET D 32 -44.86 -2.40 66.44
CA MET D 32 -45.88 -3.35 66.03
C MET D 32 -46.03 -4.45 67.07
N TYR D 33 -47.25 -4.98 67.17
CA TYR D 33 -47.64 -5.93 68.21
C TYR D 33 -48.25 -7.14 67.52
N PHE D 34 -47.45 -8.17 67.30
CA PHE D 34 -47.98 -9.39 66.71
C PHE D 34 -48.97 -10.05 67.65
N GLY D 35 -49.92 -10.76 67.07
CA GLY D 35 -50.89 -11.52 67.84
C GLY D 35 -50.34 -12.89 68.21
N ASN D 36 -51.16 -13.92 68.06
CA ASN D 36 -50.72 -15.28 68.36
C ASN D 36 -49.67 -15.72 67.34
N THR D 37 -48.54 -16.22 67.84
CA THR D 37 -47.45 -16.70 67.00
C THR D 37 -47.19 -18.17 67.33
N PRO D 38 -47.66 -19.10 66.49
CA PRO D 38 -47.52 -20.52 66.84
C PRO D 38 -46.09 -20.96 67.14
N GLU D 39 -45.10 -20.45 66.42
CA GLU D 39 -43.73 -20.92 66.54
C GLU D 39 -42.78 -19.74 66.51
N PHE D 40 -41.65 -19.91 67.19
CA PHE D 40 -40.62 -18.87 67.27
C PHE D 40 -39.31 -19.54 67.61
N THR D 41 -38.37 -19.58 66.67
CA THR D 41 -37.10 -20.27 66.84
C THR D 41 -35.95 -19.35 66.47
N ILE D 42 -34.78 -19.69 67.00
CA ILE D 42 -33.55 -18.92 66.78
C ILE D 42 -32.43 -19.89 66.43
N ASN D 43 -31.61 -19.51 65.45
CA ASN D 43 -30.50 -20.33 64.98
C ASN D 43 -29.26 -19.46 64.84
N THR D 44 -28.16 -20.08 64.41
CA THR D 44 -26.89 -19.38 64.28
C THR D 44 -26.01 -20.12 63.29
N ASP D 45 -25.22 -19.37 62.52
CA ASP D 45 -24.24 -19.93 61.62
C ASP D 45 -22.90 -20.06 62.32
N SER D 46 -22.12 -21.06 61.91
CA SER D 46 -20.91 -21.48 62.63
C SER D 46 -19.75 -21.67 61.66
N GLU D 47 -19.51 -20.70 60.79
CA GLU D 47 -18.38 -20.77 59.88
C GLU D 47 -17.08 -20.59 60.65
N THR D 48 -16.11 -21.47 60.41
CA THR D 48 -14.80 -21.37 61.03
C THR D 48 -13.81 -22.19 60.21
N LEU D 49 -12.53 -22.04 60.54
CA LEU D 49 -11.46 -22.67 59.78
C LEU D 49 -10.30 -22.99 60.70
N ASP D 50 -9.66 -24.14 60.48
CA ASP D 50 -8.43 -24.45 61.19
C ASP D 50 -7.64 -25.59 60.56
N HIS D 51 -6.40 -25.30 60.14
CA HIS D 51 -5.38 -26.31 59.88
C HIS D 51 -4.06 -25.70 60.33
N TYR D 52 -3.70 -25.93 61.60
CA TYR D 52 -2.52 -25.32 62.17
C TYR D 52 -1.78 -26.25 63.12
N SER D 53 -1.92 -27.56 62.93
CA SER D 53 -1.20 -28.52 63.75
C SER D 53 -1.32 -29.90 63.12
N SER D 54 -0.35 -30.75 63.43
CA SER D 54 -0.31 -32.11 62.91
C SER D 54 0.82 -32.85 63.60
N ASP D 55 0.65 -34.17 63.73
CA ASP D 55 1.64 -35.01 64.40
C ASP D 55 1.45 -36.43 63.88
N HIS D 56 2.01 -37.41 64.60
CA HIS D 56 1.87 -38.81 64.21
C HIS D 56 0.45 -39.12 63.78
N GLY D 57 -0.53 -38.60 64.51
CA GLY D 57 -1.91 -38.61 64.05
C GLY D 57 -2.17 -37.39 63.20
N MET D 58 -2.20 -37.57 61.89
CA MET D 58 -2.22 -36.44 60.97
C MET D 58 -3.46 -35.58 61.18
N ARG D 59 -3.27 -34.27 61.04
CA ARG D 59 -4.38 -33.30 61.01
C ARG D 59 -5.22 -33.36 62.29
N VAL D 60 -4.57 -32.98 63.39
CA VAL D 60 -5.26 -32.78 64.66
C VAL D 60 -5.52 -31.29 64.84
N MET D 61 -6.77 -30.93 65.14
CA MET D 61 -7.14 -29.54 65.30
C MET D 61 -6.42 -28.94 66.50
N ASP D 62 -6.02 -27.67 66.35
CA ASP D 62 -5.39 -26.92 67.44
C ASP D 62 -6.11 -25.62 67.77
N ALA D 63 -6.94 -25.09 66.88
CA ALA D 63 -7.64 -23.84 67.13
C ALA D 63 -8.89 -23.81 66.26
N SER D 64 -9.68 -22.74 66.43
CA SER D 64 -10.82 -22.51 65.56
C SER D 64 -11.29 -21.06 65.71
N VAL D 65 -11.20 -20.28 64.64
CA VAL D 65 -11.55 -18.86 64.67
C VAL D 65 -12.92 -18.68 64.03
N LEU D 66 -13.72 -17.79 64.62
CA LEU D 66 -15.05 -17.47 64.11
C LEU D 66 -14.95 -16.28 63.17
N LEU D 67 -15.37 -16.47 61.93
CA LEU D 67 -15.25 -15.45 60.89
C LEU D 67 -16.55 -14.68 60.66
N GLU D 68 -17.70 -15.34 60.82
CA GLU D 68 -18.99 -14.73 60.52
C GLU D 68 -20.03 -15.35 61.44
N ALA D 69 -20.47 -14.58 62.44
CA ALA D 69 -21.48 -15.04 63.38
C ALA D 69 -22.85 -14.54 62.94
N SER D 70 -23.34 -15.12 61.85
CA SER D 70 -24.64 -14.76 61.29
C SER D 70 -25.72 -15.41 62.14
N GLN D 71 -26.20 -14.66 63.13
CA GLN D 71 -27.29 -15.11 63.98
C GLN D 71 -28.63 -14.76 63.34
N GLY D 72 -29.66 -15.50 63.73
CA GLY D 72 -30.97 -15.29 63.18
C GLY D 72 -31.97 -16.27 63.74
N GLY D 73 -33.18 -16.22 63.21
CA GLY D 73 -34.22 -17.11 63.66
C GLY D 73 -35.40 -17.10 62.73
N THR D 74 -36.44 -17.82 63.13
CA THR D 74 -37.68 -17.92 62.36
C THR D 74 -38.86 -17.89 63.31
N PHE D 75 -39.96 -17.29 62.86
CA PHE D 75 -41.18 -17.25 63.65
C PHE D 75 -42.37 -17.25 62.70
N THR D 76 -43.49 -17.80 63.18
CA THR D 76 -44.73 -17.89 62.42
C THR D 76 -45.79 -17.02 63.07
N CYS D 77 -46.83 -16.71 62.28
CA CYS D 77 -47.92 -15.87 62.74
C CYS D 77 -49.24 -16.54 62.43
N ASP D 78 -50.04 -16.79 63.48
CA ASP D 78 -51.41 -17.24 63.30
C ASP D 78 -52.34 -16.08 63.00
N ASN D 79 -52.15 -14.96 63.70
CA ASN D 79 -52.89 -13.75 63.39
C ASN D 79 -52.60 -13.32 61.96
N ILE D 80 -53.66 -12.98 61.24
CA ILE D 80 -53.54 -12.42 59.89
C ILE D 80 -54.28 -11.10 59.85
N ASN D 81 -53.65 -10.09 59.28
CA ASN D 81 -54.26 -8.78 59.14
C ASN D 81 -53.43 -7.99 58.14
N ALA D 82 -53.82 -6.73 57.94
CA ALA D 82 -53.20 -5.93 56.89
C ALA D 82 -51.70 -5.80 57.08
N ASP D 83 -51.25 -5.63 58.32
CA ASP D 83 -49.83 -5.37 58.58
C ASP D 83 -48.92 -6.54 58.22
N ASN D 84 -49.11 -7.70 58.86
CA ASN D 84 -48.24 -8.83 58.53
C ASN D 84 -48.48 -9.32 57.12
N LEU D 85 -49.66 -9.10 56.56
CA LEU D 85 -49.86 -9.35 55.13
C LEU D 85 -48.95 -8.46 54.28
N ALA D 86 -48.86 -7.18 54.65
CA ALA D 86 -47.97 -6.27 53.94
C ALA D 86 -46.52 -6.70 54.07
N LEU D 87 -46.13 -7.12 55.28
CA LEU D 87 -44.77 -7.61 55.50
C LEU D 87 -44.49 -8.84 54.65
N TRP D 88 -45.46 -9.77 54.59
CA TRP D 88 -45.25 -10.99 53.82
C TRP D 88 -45.21 -10.71 52.32
N PHE D 89 -45.98 -9.72 51.85
CA PHE D 89 -45.99 -9.35 50.45
C PHE D 89 -45.02 -8.22 50.14
N LEU D 90 -44.27 -7.73 51.13
CA LEU D 90 -43.32 -6.65 50.93
C LEU D 90 -44.03 -5.39 50.43
N GLY D 91 -44.95 -4.90 51.25
CA GLY D 91 -45.79 -3.79 50.83
C GLY D 91 -46.28 -2.89 51.94
N GLU D 92 -47.39 -2.21 51.67
CA GLU D 92 -47.99 -1.27 52.61
C GLU D 92 -49.51 -1.42 52.55
N VAL D 93 -50.18 -0.82 53.54
CA VAL D 93 -51.64 -0.90 53.66
C VAL D 93 -52.20 0.36 53.02
N SER D 94 -52.46 0.28 51.71
CA SER D 94 -53.12 1.38 51.03
C SER D 94 -54.60 1.43 51.40
N ASN D 95 -55.10 2.64 51.65
CA ASN D 95 -56.49 2.82 52.05
C ASN D 95 -57.00 4.14 51.50
N THR D 96 -58.14 4.08 50.82
CA THR D 96 -58.75 5.26 50.23
C THR D 96 -60.21 4.97 49.94
N THR D 97 -60.96 6.03 49.63
CA THR D 97 -62.38 5.93 49.31
C THR D 97 -62.58 6.05 47.81
N GLN D 98 -63.42 5.18 47.26
CA GLN D 98 -63.70 5.21 45.83
C GLN D 98 -64.32 6.54 45.43
N THR D 99 -63.83 7.09 44.32
CA THR D 99 -64.43 8.30 43.77
C THR D 99 -65.81 8.00 43.20
N GLN D 100 -66.76 8.91 43.40
CA GLN D 100 -68.12 8.73 42.92
C GLN D 100 -68.19 9.02 41.43
N GLN D 101 -67.87 8.03 40.59
CA GLN D 101 -67.85 8.24 39.16
C GLN D 101 -69.23 8.65 38.64
N THR D 102 -70.25 7.87 39.00
CA THR D 102 -71.68 8.12 38.79
C THR D 102 -72.13 7.86 37.35
N ASP D 103 -71.22 7.72 36.38
CA ASP D 103 -71.64 7.35 35.03
C ASP D 103 -70.60 6.44 34.37
N ALA D 104 -70.02 5.53 35.16
CA ALA D 104 -68.96 4.68 34.63
C ALA D 104 -69.48 3.83 33.49
N LYS D 105 -68.76 3.81 32.37
CA LYS D 105 -69.15 3.03 31.21
C LYS D 105 -67.91 2.61 30.44
N GLU D 106 -67.88 1.35 30.02
CA GLU D 106 -66.84 0.85 29.14
C GLU D 106 -67.34 -0.46 28.52
N VAL D 107 -66.60 -0.94 27.53
CA VAL D 107 -67.00 -2.09 26.74
C VAL D 107 -66.06 -3.26 27.04
N PHE D 108 -66.64 -4.40 27.38
CA PHE D 108 -65.87 -5.64 27.44
C PHE D 108 -65.56 -6.09 26.03
N ASN D 109 -64.28 -6.40 25.76
CA ASN D 109 -63.85 -6.58 24.38
C ASN D 109 -64.39 -7.86 23.77
N PRO D 110 -64.07 -9.05 24.29
CA PRO D 110 -64.60 -10.28 23.69
C PRO D 110 -65.92 -10.74 24.30
N ILE D 111 -66.65 -11.50 23.51
CA ILE D 111 -67.84 -12.19 24.01
C ILE D 111 -67.43 -13.52 24.63
N MET D 112 -68.12 -13.90 25.69
CA MET D 112 -67.99 -15.26 26.21
C MET D 112 -69.07 -15.53 27.25
N ARG D 113 -69.70 -16.69 27.15
CA ARG D 113 -70.76 -17.06 28.08
C ARG D 113 -70.17 -17.73 29.33
N GLY D 114 -70.94 -17.71 30.40
CA GLY D 114 -70.54 -18.42 31.61
C GLY D 114 -69.21 -17.96 32.18
N ARG D 115 -69.01 -16.64 32.25
CA ARG D 115 -67.79 -16.07 32.79
C ARG D 115 -68.13 -14.83 33.59
N TYR D 116 -67.14 -14.35 34.35
CA TYR D 116 -67.30 -13.21 35.24
C TYR D 116 -66.47 -12.05 34.72
N TYR D 117 -67.04 -10.84 34.79
CA TYR D 117 -66.34 -9.62 34.41
C TYR D 117 -66.43 -8.64 35.56
N GLN D 118 -65.33 -7.95 35.85
CA GLN D 118 -65.30 -6.95 36.90
C GLN D 118 -65.74 -5.60 36.35
N LEU D 119 -66.71 -4.97 37.02
CA LEU D 119 -67.18 -3.67 36.57
C LEU D 119 -66.11 -2.62 36.72
N GLY D 120 -65.66 -2.38 37.96
CA GLY D 120 -64.53 -1.49 38.18
C GLY D 120 -63.27 -2.10 37.59
N THR D 121 -62.58 -1.33 36.75
CA THR D 121 -61.39 -1.85 36.08
C THR D 121 -60.21 -0.89 36.15
N THR D 122 -60.48 0.40 36.18
CA THR D 122 -59.41 1.38 36.04
C THR D 122 -58.45 1.32 37.23
N ASP D 123 -57.23 1.80 36.99
CA ASP D 123 -56.20 1.77 38.02
C ASP D 123 -56.54 2.62 39.22
N ASP D 124 -57.60 3.45 39.14
CA ASP D 124 -58.07 4.15 40.33
C ASP D 124 -58.37 3.16 41.45
N ASN D 125 -58.75 1.94 41.10
CA ASN D 125 -58.98 0.88 42.08
C ASN D 125 -58.83 -0.48 41.40
N PRO D 126 -57.64 -1.06 41.37
CA PRO D 126 -57.50 -2.42 40.86
C PRO D 126 -58.45 -3.37 41.55
N THR D 127 -58.62 -4.57 40.99
CA THR D 127 -59.59 -5.57 41.45
C THR D 127 -60.98 -4.97 41.67
N GLY D 128 -61.29 -3.87 40.99
CA GLY D 128 -62.66 -3.41 40.84
C GLY D 128 -63.27 -2.71 42.03
N VAL D 129 -64.45 -2.14 41.81
CA VAL D 129 -65.23 -1.46 42.84
C VAL D 129 -65.86 -2.48 43.77
N ARG D 130 -66.42 -2.01 44.88
CA ARG D 130 -67.14 -2.84 45.82
C ARG D 130 -68.54 -2.27 46.07
N GLY D 131 -69.24 -1.92 45.00
CA GLY D 131 -70.62 -1.50 45.10
C GLY D 131 -71.07 -0.61 43.95
N VAL D 132 -72.26 -0.89 43.41
CA VAL D 132 -72.86 -0.10 42.35
C VAL D 132 -74.37 -0.07 42.57
N THR D 133 -75.02 0.95 42.01
CA THR D 133 -76.46 1.08 42.14
C THR D 133 -77.22 0.32 41.06
N ASN D 134 -76.67 0.26 39.85
CA ASN D 134 -77.32 -0.46 38.75
C ASN D 134 -76.37 -0.45 37.56
N PHE D 135 -76.66 -1.32 36.59
CA PHE D 135 -75.92 -1.34 35.34
C PHE D 135 -76.86 -1.76 34.22
N GLN D 136 -76.66 -1.15 33.06
CA GLN D 136 -77.47 -1.42 31.87
C GLN D 136 -76.57 -1.94 30.77
N MET D 137 -77.06 -2.95 30.05
CA MET D 137 -76.28 -3.61 29.00
C MET D 137 -76.77 -3.20 27.62
N VAL D 138 -75.85 -2.65 26.82
CA VAL D 138 -76.07 -2.37 25.42
C VAL D 138 -74.91 -2.96 24.64
N LYS D 139 -75.21 -3.54 23.48
CA LYS D 139 -74.23 -4.37 22.78
C LYS D 139 -74.22 -4.03 21.29
N ALA D 140 -73.20 -4.52 20.61
CA ALA D 140 -73.12 -4.45 19.16
C ALA D 140 -72.06 -5.44 18.69
N ASP D 141 -71.87 -5.50 17.38
CA ASP D 141 -70.93 -6.45 16.80
C ASP D 141 -69.53 -6.22 17.36
N ALA D 142 -68.84 -7.31 17.68
CA ALA D 142 -67.50 -7.23 18.24
C ALA D 142 -66.43 -6.95 17.19
N SER D 143 -66.73 -7.22 15.91
CA SER D 143 -65.73 -7.13 14.85
C SER D 143 -65.46 -5.70 14.41
N ILE D 144 -65.93 -4.70 15.15
CA ILE D 144 -65.67 -3.30 14.84
C ILE D 144 -65.16 -2.61 16.09
N ALA D 145 -64.24 -1.68 15.90
CA ALA D 145 -63.58 -0.99 17.02
C ALA D 145 -64.58 -0.01 17.64
N ILE D 146 -65.35 -0.52 18.60
CA ILE D 146 -66.37 0.27 19.29
C ILE D 146 -65.72 0.85 20.55
N SER D 147 -65.43 2.15 20.52
CA SER D 147 -64.97 2.85 21.71
C SER D 147 -66.19 3.26 22.54
N VAL D 148 -65.98 4.12 23.54
CA VAL D 148 -67.04 4.59 24.40
C VAL D 148 -66.87 6.09 24.63
N GLY D 149 -67.99 6.75 24.91
CA GLY D 149 -67.98 8.18 25.15
C GLY D 149 -69.07 8.57 26.11
N SER D 150 -69.16 9.88 26.36
CA SER D 150 -70.12 10.40 27.31
C SER D 150 -71.55 10.14 26.84
N GLY D 151 -71.85 10.49 25.59
CA GLY D 151 -73.19 10.34 25.05
C GLY D 151 -73.56 8.93 24.66
N ASP D 152 -72.63 7.98 24.74
CA ASP D 152 -72.89 6.60 24.39
C ASP D 152 -73.66 5.84 25.47
N ILE D 153 -74.17 6.54 26.49
CA ILE D 153 -74.92 5.87 27.54
C ILE D 153 -76.14 5.18 26.97
N THR D 154 -76.80 5.81 25.99
CA THR D 154 -78.03 5.27 25.43
C THR D 154 -77.75 4.19 24.39
N SER D 155 -76.80 4.43 23.50
CA SER D 155 -76.59 3.52 22.38
C SER D 155 -75.16 3.66 21.87
N ILE D 156 -74.77 2.68 21.06
CA ILE D 156 -73.50 2.66 20.37
C ILE D 156 -73.76 2.42 18.89
N VAL D 157 -72.70 2.21 18.11
CA VAL D 157 -72.85 1.97 16.67
C VAL D 157 -73.94 0.95 16.42
N GLY D 158 -74.10 -0.03 17.31
CA GLY D 158 -75.26 -0.90 17.33
C GLY D 158 -76.13 -0.56 18.53
N ALA D 159 -77.37 -0.14 18.24
CA ALA D 159 -78.26 0.41 19.24
C ALA D 159 -79.04 -0.65 20.01
N THR D 160 -78.67 -1.93 19.89
CA THR D 160 -79.40 -2.98 20.57
C THR D 160 -79.22 -2.89 22.08
N VAL D 161 -80.21 -3.39 22.81
CA VAL D 161 -80.23 -3.34 24.27
C VAL D 161 -80.57 -4.74 24.79
N VAL D 162 -80.27 -4.96 26.07
CA VAL D 162 -80.40 -6.27 26.70
C VAL D 162 -81.26 -6.13 27.95
N ASN D 163 -81.87 -7.24 28.35
CA ASN D 163 -82.64 -7.35 29.59
C ASN D 163 -81.82 -8.18 30.58
N PRO D 164 -81.05 -7.55 31.47
CA PRO D 164 -80.21 -8.33 32.40
C PRO D 164 -81.01 -9.24 33.32
N ALA D 165 -82.33 -9.06 33.43
CA ALA D 165 -83.14 -9.96 34.24
C ALA D 165 -82.82 -11.41 33.95
N GLY D 166 -82.49 -11.72 32.69
CA GLY D 166 -81.97 -13.01 32.32
C GLY D 166 -80.65 -12.85 31.60
N ASN D 167 -79.79 -13.86 31.71
CA ASN D 167 -78.47 -13.94 31.09
C ASN D 167 -77.42 -13.14 31.86
N TYR D 168 -77.77 -12.50 32.98
CA TYR D 168 -76.83 -11.61 33.66
C TYR D 168 -77.03 -11.70 35.17
N GLU D 169 -76.09 -12.36 35.85
CA GLU D 169 -76.03 -12.36 37.30
C GLU D 169 -75.01 -11.33 37.78
N ILE D 170 -75.37 -10.58 38.81
CA ILE D 170 -74.53 -9.53 39.35
C ILE D 170 -74.44 -9.67 40.86
N ASP D 171 -73.21 -9.78 41.38
CA ASP D 171 -72.93 -9.53 42.79
C ASP D 171 -72.80 -8.02 42.93
N LEU D 172 -73.95 -7.36 43.02
CA LEU D 172 -73.97 -5.90 42.92
C LEU D 172 -73.08 -5.24 43.96
N GLU D 173 -72.84 -5.90 45.09
CA GLU D 173 -71.89 -5.38 46.07
C GLU D 173 -70.46 -5.67 45.65
N ALA D 174 -70.20 -6.87 45.12
CA ALA D 174 -68.85 -7.24 44.72
C ALA D 174 -68.44 -6.65 43.38
N GLY D 175 -69.38 -6.09 42.61
CA GLY D 175 -69.04 -5.50 41.34
C GLY D 175 -68.54 -6.49 40.30
N ARG D 176 -69.17 -7.66 40.21
CA ARG D 176 -68.79 -8.67 39.23
C ARG D 176 -70.04 -9.16 38.52
N ILE D 177 -70.20 -8.78 37.26
CA ILE D 177 -71.24 -9.39 36.44
C ILE D 177 -70.85 -10.83 36.12
N TYR D 178 -71.86 -11.66 35.88
CA TYR D 178 -71.62 -13.03 35.43
C TYR D 178 -72.54 -13.34 34.28
N ILE D 179 -71.96 -13.70 33.13
CA ILE D 179 -72.75 -14.13 31.99
C ILE D 179 -73.26 -15.54 32.24
N GLU D 180 -74.53 -15.77 31.92
CA GLU D 180 -75.07 -17.12 32.00
C GLU D 180 -74.34 -18.02 31.01
N PRO D 181 -74.03 -19.27 31.37
CA PRO D 181 -73.34 -20.14 30.41
C PRO D 181 -74.12 -20.32 29.11
N ASP D 182 -75.44 -20.30 29.19
CA ASP D 182 -76.30 -20.26 28.01
C ASP D 182 -77.17 -19.00 28.08
N SER D 183 -77.36 -18.37 26.93
CA SER D 183 -78.15 -17.15 26.87
C SER D 183 -78.83 -17.06 25.51
N THR D 184 -79.92 -16.30 25.47
CA THR D 184 -80.70 -16.12 24.25
C THR D 184 -80.03 -15.11 23.33
N ASP D 185 -79.72 -13.92 23.87
CA ASP D 185 -79.27 -12.79 23.06
C ASP D 185 -77.76 -12.72 22.90
N LEU D 186 -76.99 -13.33 23.80
CA LEU D 186 -75.54 -13.34 23.71
C LEU D 186 -75.05 -14.46 22.79
N SER D 187 -75.45 -14.38 21.53
CA SER D 187 -74.95 -15.28 20.49
C SER D 187 -74.43 -14.44 19.33
N GLY D 188 -73.30 -14.86 18.79
CA GLY D 188 -72.58 -14.06 17.81
C GLY D 188 -71.62 -13.12 18.51
N ASN D 189 -70.46 -12.87 17.92
CA ASN D 189 -69.42 -12.12 18.60
C ASN D 189 -69.85 -10.66 18.76
N VAL D 190 -70.11 -10.25 20.00
CA VAL D 190 -70.50 -8.89 20.33
C VAL D 190 -69.68 -8.43 21.54
N GLN D 191 -69.14 -7.21 21.44
CA GLN D 191 -68.40 -6.62 22.56
C GLN D 191 -69.40 -5.94 23.48
N ILE D 192 -69.91 -6.73 24.43
CA ILE D 192 -70.93 -6.24 25.35
C ILE D 192 -70.38 -5.06 26.12
N ALA D 193 -71.21 -4.02 26.25
CA ALA D 193 -70.82 -2.77 26.91
C ALA D 193 -71.76 -2.48 28.08
N VAL D 194 -71.20 -2.02 29.18
CA VAL D 194 -71.92 -1.83 30.44
C VAL D 194 -71.86 -0.37 30.85
N GLN D 195 -73.04 0.23 31.06
CA GLN D 195 -73.14 1.45 31.83
C GLN D 195 -73.34 1.09 33.30
N TYR D 196 -72.72 1.88 34.18
CA TYR D 196 -72.79 1.58 35.62
C TYR D 196 -72.28 2.79 36.38
N ASP D 197 -72.39 2.72 37.70
CA ASP D 197 -71.90 3.75 38.60
C ASP D 197 -71.24 3.04 39.78
N VAL D 198 -70.98 3.78 40.85
CA VAL D 198 -70.26 3.24 42.00
C VAL D 198 -70.99 3.58 43.29
N ASP D 199 -70.75 2.76 44.32
CA ASP D 199 -71.13 3.09 45.68
C ASP D 199 -69.87 3.55 46.40
N ALA D 200 -69.54 4.83 46.20
CA ALA D 200 -68.31 5.40 46.75
C ALA D 200 -68.19 5.04 48.23
N GLN D 201 -67.14 4.27 48.55
CA GLN D 201 -66.98 3.72 49.88
C GLN D 201 -65.50 3.58 50.18
N LYS D 202 -65.18 3.51 51.47
CA LYS D 202 -63.80 3.32 51.90
C LYS D 202 -63.28 1.97 51.40
N ARG D 203 -62.01 1.96 51.00
CA ARG D 203 -61.36 0.75 50.52
C ARG D 203 -59.96 0.66 51.09
N THR D 204 -59.45 -0.56 51.16
CA THR D 204 -58.11 -0.80 51.69
C THR D 204 -57.52 -2.01 50.98
N LEU D 205 -56.28 -1.88 50.54
CA LEU D 205 -55.61 -2.96 49.83
C LEU D 205 -54.14 -3.03 50.23
N VAL D 206 -53.63 -4.25 50.35
CA VAL D 206 -52.21 -4.47 50.54
C VAL D 206 -51.56 -4.61 49.16
N ILE D 207 -50.55 -3.80 48.90
CA ILE D 207 -49.90 -3.75 47.59
C ILE D 207 -48.58 -4.52 47.68
N GLY D 208 -48.49 -5.63 46.96
CA GLY D 208 -47.33 -6.48 47.04
C GLY D 208 -46.14 -5.91 46.30
N LYS D 209 -45.57 -4.82 46.83
CA LYS D 209 -44.42 -4.19 46.20
C LYS D 209 -43.16 -5.00 46.45
N SER D 210 -42.03 -4.51 45.93
CA SER D 210 -40.76 -5.19 46.03
C SER D 210 -39.83 -4.56 47.08
N ASN D 211 -40.32 -3.59 47.84
CA ASN D 211 -39.47 -2.93 48.83
C ASN D 211 -39.04 -3.94 49.89
N MET D 212 -37.83 -3.74 50.40
CA MET D 212 -37.30 -4.65 51.42
C MET D 212 -38.05 -4.49 52.73
N VAL D 213 -38.13 -5.58 53.48
CA VAL D 213 -38.72 -5.62 54.80
C VAL D 213 -37.59 -5.57 55.82
N TYR D 214 -37.70 -4.66 56.79
CA TYR D 214 -36.53 -4.17 57.48
C TYR D 214 -36.95 -3.53 58.79
N GLY D 215 -36.29 -3.91 59.88
CA GLY D 215 -36.59 -3.29 61.16
C GLY D 215 -35.93 -4.03 62.32
N ALA D 216 -36.50 -3.82 63.51
CA ALA D 216 -36.00 -4.38 64.76
C ALA D 216 -37.06 -5.30 65.36
N LEU D 217 -36.63 -6.14 66.29
CA LEU D 217 -37.48 -7.21 66.82
C LEU D 217 -37.30 -7.32 68.33
N ARG D 218 -38.42 -7.41 69.04
CA ARG D 218 -38.44 -7.70 70.49
C ARG D 218 -39.33 -8.90 70.77
N MET D 219 -39.12 -9.47 71.96
CA MET D 219 -40.00 -10.51 72.50
C MET D 219 -40.01 -10.34 74.00
N ILE D 220 -41.21 -10.16 74.58
CA ILE D 220 -41.34 -9.64 75.94
C ILE D 220 -41.76 -10.73 76.92
N SER D 221 -41.94 -11.97 76.45
CA SER D 221 -41.95 -13.14 77.33
C SER D 221 -43.13 -13.06 78.30
N ASP D 222 -42.91 -13.06 79.62
CA ASP D 222 -43.94 -13.30 80.62
C ASP D 222 -44.51 -14.71 80.46
N ASN D 223 -43.61 -15.69 80.52
CA ASN D 223 -43.99 -17.08 80.35
C ASN D 223 -44.82 -17.52 81.56
N PRO D 224 -45.92 -18.24 81.37
CA PRO D 224 -46.74 -18.67 82.50
C PRO D 224 -46.29 -19.98 83.14
N VAL D 225 -45.15 -20.55 82.73
CA VAL D 225 -44.72 -21.85 83.22
C VAL D 225 -43.29 -21.84 83.74
N GLY D 226 -42.55 -20.77 83.56
CA GLY D 226 -41.18 -20.73 84.02
C GLY D 226 -40.66 -19.31 84.10
N LEU D 227 -39.34 -19.20 84.14
CA LEU D 227 -38.72 -17.88 84.16
C LEU D 227 -39.09 -17.09 82.91
N ASN D 228 -39.25 -15.79 83.08
CA ASN D 228 -39.54 -14.87 81.98
C ASN D 228 -38.27 -14.12 81.61
N LYS D 229 -38.08 -13.92 80.31
CA LYS D 229 -36.85 -13.33 79.79
C LYS D 229 -37.09 -12.83 78.38
N ASN D 230 -36.61 -11.63 78.09
CA ASN D 230 -36.89 -10.94 76.84
C ASN D 230 -35.68 -11.01 75.92
N TYR D 231 -35.94 -11.26 74.64
CA TYR D 231 -34.92 -11.25 73.60
C TYR D 231 -35.14 -10.04 72.70
N TYR D 232 -34.06 -9.32 72.41
CA TYR D 232 -34.13 -8.12 71.58
C TYR D 232 -33.10 -8.18 70.46
N PHE D 233 -33.49 -7.70 69.29
CA PHE D 233 -32.61 -7.62 68.12
C PHE D 233 -32.72 -6.22 67.54
N PRO D 234 -31.71 -5.37 67.74
CA PRO D 234 -31.79 -4.01 67.21
C PRO D 234 -31.99 -3.95 65.70
N LYS D 235 -31.52 -4.95 64.96
CA LYS D 235 -31.57 -4.92 63.50
C LYS D 235 -31.92 -6.30 62.98
N VAL D 236 -32.91 -6.37 62.10
CA VAL D 236 -33.34 -7.63 61.50
C VAL D 236 -33.94 -7.35 60.13
N SER D 237 -33.86 -8.33 59.25
CA SER D 237 -34.53 -8.31 57.96
C SER D 237 -35.41 -9.54 57.89
N ILE D 238 -36.72 -9.35 58.06
CA ILE D 238 -37.66 -10.44 58.23
C ILE D 238 -38.23 -10.76 56.85
N ALA D 239 -37.52 -11.60 56.10
CA ALA D 239 -38.02 -12.04 54.82
C ALA D 239 -39.02 -13.17 55.01
N PRO D 240 -40.00 -13.29 54.12
CA PRO D 240 -40.93 -14.42 54.21
C PRO D 240 -40.24 -15.72 53.81
N ASP D 241 -40.74 -16.82 54.38
CA ASP D 241 -40.20 -18.14 54.10
C ASP D 241 -41.34 -19.15 54.01
N GLY D 242 -41.08 -20.25 53.33
CA GLY D 242 -42.07 -21.29 53.16
C GLY D 242 -43.17 -20.91 52.19
N ASP D 243 -44.38 -20.72 52.69
CA ASP D 243 -45.53 -20.36 51.86
C ASP D 243 -46.65 -19.89 52.76
N TYR D 244 -47.77 -19.52 52.15
CA TYR D 244 -48.97 -19.08 52.86
C TYR D 244 -50.15 -19.81 52.25
N ALA D 245 -50.72 -20.75 52.99
CA ALA D 245 -51.82 -21.56 52.48
C ALA D 245 -53.11 -20.76 52.53
N LEU D 246 -53.75 -20.59 51.38
CA LEU D 246 -55.06 -19.95 51.28
C LEU D 246 -56.18 -20.97 51.20
N LYS D 247 -55.93 -22.19 51.67
CA LYS D 247 -56.88 -23.29 51.63
C LYS D 247 -56.63 -24.17 52.84
N GLY D 248 -57.17 -25.39 52.81
CA GLY D 248 -56.96 -26.32 53.90
C GLY D 248 -57.88 -26.07 55.08
N ASP D 249 -58.23 -27.12 55.79
CA ASP D 249 -59.10 -26.99 56.95
C ASP D 249 -58.39 -26.39 58.16
N ASP D 250 -57.06 -26.24 58.10
CA ASP D 250 -56.30 -25.70 59.21
C ASP D 250 -56.38 -24.18 59.22
N TRP D 251 -56.12 -23.61 60.39
CA TRP D 251 -56.09 -22.15 60.52
C TRP D 251 -54.95 -21.58 59.69
N GLN D 252 -55.22 -20.46 59.03
CA GLN D 252 -54.21 -19.84 58.18
C GLN D 252 -53.03 -19.37 59.00
N VAL D 253 -51.82 -19.58 58.47
CA VAL D 253 -50.59 -19.11 59.08
C VAL D 253 -49.69 -18.56 57.98
N MET D 254 -48.87 -17.58 58.35
CA MET D 254 -47.83 -17.05 57.48
C MET D 254 -46.50 -17.14 58.21
N SER D 255 -45.50 -17.71 57.56
CA SER D 255 -44.20 -17.94 58.17
C SER D 255 -43.23 -16.82 57.79
N PHE D 256 -42.26 -16.57 58.68
CA PHE D 256 -41.26 -15.54 58.46
C PHE D 256 -39.90 -16.05 58.89
N THR D 257 -38.89 -15.80 58.06
CA THR D 257 -37.50 -16.05 58.41
C THR D 257 -36.78 -14.71 58.53
N PHE D 258 -36.02 -14.54 59.60
CA PHE D 258 -35.36 -13.26 59.87
C PHE D 258 -33.90 -13.50 60.22
N LYS D 259 -33.02 -12.70 59.64
CA LYS D 259 -31.60 -12.72 59.94
C LYS D 259 -31.24 -11.46 60.73
N ALA D 260 -30.58 -11.65 61.86
CA ALA D 260 -30.22 -10.54 62.73
C ALA D 260 -28.93 -9.88 62.25
N MET D 261 -28.91 -8.55 62.30
CA MET D 261 -27.79 -7.76 61.83
C MET D 261 -27.26 -6.88 62.97
N GLN D 262 -26.04 -6.40 62.79
CA GLN D 262 -25.44 -5.45 63.72
C GLN D 262 -25.84 -4.05 63.31
N LEU D 263 -26.54 -3.34 64.20
CA LEU D 263 -27.00 -2.00 63.88
C LEU D 263 -25.84 -1.02 63.82
N ASN D 264 -24.89 -1.12 64.75
CA ASN D 264 -23.70 -0.30 64.74
C ASN D 264 -22.56 -1.07 65.40
N ASN D 265 -21.34 -0.56 65.24
CA ASN D 265 -20.23 -1.09 66.00
C ASN D 265 -20.45 -1.00 67.50
N ILE D 266 -21.45 -0.21 67.94
CA ILE D 266 -21.73 -0.07 69.36
C ILE D 266 -22.59 -1.22 69.87
N THR D 267 -23.50 -1.73 69.06
CA THR D 267 -24.47 -2.72 69.50
C THR D 267 -23.90 -4.13 69.40
N GLN D 268 -24.66 -5.10 69.90
CA GLN D 268 -24.32 -6.51 69.82
C GLN D 268 -25.13 -7.18 68.70
N ARG D 269 -24.76 -8.43 68.42
CA ARG D 269 -25.52 -9.22 67.46
C ARG D 269 -26.95 -9.42 67.96
N VAL D 270 -27.11 -9.69 69.26
CA VAL D 270 -28.42 -9.91 69.86
C VAL D 270 -28.34 -9.50 71.32
N TYR D 271 -29.46 -9.05 71.86
CA TYR D 271 -29.58 -8.70 73.28
C TYR D 271 -30.55 -9.67 73.93
N ILE D 272 -30.06 -10.38 74.94
CA ILE D 272 -30.89 -11.26 75.75
C ILE D 272 -31.09 -10.58 77.09
N ASP D 273 -32.33 -10.22 77.40
CA ASP D 273 -32.67 -9.46 78.59
C ASP D 273 -33.35 -10.38 79.59
N ILE D 274 -32.86 -10.38 80.83
CA ILE D 274 -33.42 -11.16 81.92
C ILE D 274 -34.09 -10.21 82.89
N VAL D 275 -35.30 -10.57 83.32
CA VAL D 275 -36.08 -9.73 84.23
C VAL D 275 -35.49 -9.85 85.63
N GLU D 276 -35.01 -8.74 86.17
CA GLU D 276 -34.41 -8.73 87.50
C GLU D 276 -35.50 -8.83 88.57
N ASN E 2 -53.03 -1.85 75.81
CA ASN E 2 -52.47 -2.63 74.67
C ASN E 2 -52.01 -4.01 75.14
N ASP E 3 -52.51 -4.45 76.29
CA ASP E 3 -52.12 -5.75 76.82
C ASP E 3 -52.50 -6.87 75.85
N ASN E 4 -53.74 -6.87 75.38
CA ASN E 4 -54.22 -7.91 74.50
C ASN E 4 -55.31 -7.35 73.60
N TYR E 5 -55.42 -7.90 72.40
CA TYR E 5 -56.48 -7.55 71.47
C TYR E 5 -56.92 -8.81 70.73
N GLN E 6 -58.17 -8.81 70.30
CA GLN E 6 -58.77 -9.98 69.66
C GLN E 6 -58.24 -10.09 68.23
N ASN E 7 -57.04 -10.68 68.12
CA ASN E 7 -56.41 -10.90 66.83
C ASN E 7 -57.33 -11.70 65.92
N ASN E 8 -57.05 -11.69 64.62
CA ASN E 8 -57.94 -12.23 63.61
C ASN E 8 -57.42 -13.57 63.10
N TYR E 9 -58.29 -14.58 63.12
CA TYR E 9 -58.02 -15.88 62.50
C TYR E 9 -59.08 -16.15 61.45
N VAL E 10 -58.69 -16.93 60.43
CA VAL E 10 -59.61 -17.37 59.38
C VAL E 10 -59.37 -18.84 59.09
N VAL E 11 -60.33 -19.44 58.39
CA VAL E 11 -60.18 -20.76 57.81
C VAL E 11 -60.37 -20.61 56.30
N GLY E 12 -59.53 -21.28 55.52
CA GLY E 12 -59.45 -21.00 54.11
C GLY E 12 -60.55 -21.68 53.30
N ARG E 13 -61.58 -20.91 52.96
CA ARG E 13 -62.67 -21.36 52.10
C ARG E 13 -62.97 -20.22 51.13
N GLY E 14 -62.58 -20.40 49.87
CA GLY E 14 -62.74 -19.35 48.89
C GLY E 14 -62.87 -19.90 47.49
N THR E 15 -63.47 -19.10 46.61
CA THR E 15 -63.62 -19.44 45.21
C THR E 15 -62.52 -18.76 44.40
N VAL E 16 -61.99 -19.48 43.42
CA VAL E 16 -60.90 -19.00 42.58
C VAL E 16 -61.45 -18.74 41.18
N TYR E 17 -61.11 -17.58 40.63
CA TYR E 17 -61.46 -17.21 39.27
C TYR E 17 -60.20 -17.10 38.43
N PHE E 18 -60.31 -17.42 37.13
CA PHE E 18 -59.20 -17.28 36.21
C PHE E 18 -59.73 -16.88 34.84
N ASP E 19 -59.02 -15.99 34.17
CA ASP E 19 -59.37 -15.55 32.82
C ASP E 19 -58.24 -15.93 31.87
N ARG E 20 -58.63 -16.36 30.67
CA ARG E 20 -57.68 -16.79 29.65
C ARG E 20 -57.40 -15.62 28.72
N PHE E 21 -56.27 -14.94 28.94
CA PHE E 21 -55.86 -13.89 28.03
C PHE E 21 -55.53 -14.48 26.67
N GLN E 22 -55.76 -13.70 25.62
CA GLN E 22 -55.17 -14.00 24.33
C GLN E 22 -53.72 -13.54 24.34
N ASP E 23 -53.06 -13.62 23.19
CA ASP E 23 -51.69 -13.12 23.10
C ASP E 23 -51.65 -11.64 23.49
N GLY E 24 -50.47 -11.19 23.88
CA GLY E 24 -50.30 -9.83 24.37
C GLY E 24 -50.36 -9.76 25.88
N THR E 25 -50.20 -8.53 26.38
CA THR E 25 -50.16 -8.33 27.82
C THR E 25 -51.43 -8.86 28.48
N ASN E 26 -52.59 -8.57 27.90
CA ASN E 26 -53.84 -9.15 28.38
C ASN E 26 -54.96 -8.82 27.40
N ARG E 27 -55.84 -9.79 27.18
CA ARG E 27 -57.08 -9.59 26.43
C ARG E 27 -58.15 -10.36 27.20
N LYS E 28 -58.81 -9.66 28.12
CA LYS E 28 -59.66 -10.32 29.11
C LYS E 28 -60.82 -11.01 28.44
N THR E 29 -60.79 -12.35 28.44
CA THR E 29 -61.91 -13.16 27.97
C THR E 29 -63.03 -13.23 29.00
N GLY E 30 -62.83 -12.69 30.19
CA GLY E 30 -63.74 -12.89 31.30
C GLY E 30 -63.20 -13.95 32.25
N GLU E 31 -63.65 -13.85 33.50
CA GLU E 31 -63.13 -14.69 34.57
C GLU E 31 -63.90 -16.00 34.62
N MET E 32 -63.17 -17.11 34.57
CA MET E 32 -63.75 -18.44 34.66
C MET E 32 -63.59 -18.99 36.07
N TYR E 33 -64.59 -19.76 36.50
CA TYR E 33 -64.65 -20.31 37.85
C TYR E 33 -64.19 -21.76 37.81
N PHE E 34 -63.02 -22.04 38.40
CA PHE E 34 -62.51 -23.41 38.41
C PHE E 34 -63.48 -24.37 39.07
N GLY E 35 -64.22 -23.90 40.08
CA GLY E 35 -64.93 -24.76 40.99
C GLY E 35 -64.21 -24.88 42.30
N ASN E 36 -64.54 -25.94 43.04
CA ASN E 36 -63.87 -26.18 44.31
C ASN E 36 -62.38 -26.41 44.09
N THR E 37 -61.57 -25.75 44.90
CA THR E 37 -60.11 -25.91 44.87
C THR E 37 -59.67 -26.44 46.22
N PRO E 38 -59.39 -27.74 46.36
CA PRO E 38 -59.00 -28.27 47.67
C PRO E 38 -57.72 -27.68 48.23
N GLU E 39 -56.85 -27.12 47.40
CA GLU E 39 -55.57 -26.60 47.88
C GLU E 39 -55.21 -25.33 47.14
N PHE E 40 -54.61 -24.38 47.85
CA PHE E 40 -54.16 -23.12 47.24
C PHE E 40 -53.05 -22.56 48.13
N THR E 41 -51.81 -22.73 47.70
CA THR E 41 -50.64 -22.24 48.43
C THR E 41 -49.95 -21.14 47.65
N ILE E 42 -49.56 -20.08 48.36
CA ILE E 42 -48.86 -18.94 47.78
C ILE E 42 -47.41 -19.03 48.23
N ASN E 43 -46.54 -19.47 47.34
CA ASN E 43 -45.12 -19.60 47.64
C ASN E 43 -44.42 -18.25 47.52
N THR E 44 -43.23 -18.17 48.11
CA THR E 44 -42.43 -16.95 48.04
C THR E 44 -40.96 -17.33 48.18
N ASP E 45 -40.15 -16.92 47.19
CA ASP E 45 -38.71 -17.09 47.24
C ASP E 45 -38.05 -15.80 46.79
N SER E 46 -36.81 -15.60 47.20
CA SER E 46 -36.12 -14.35 46.93
C SER E 46 -34.62 -14.59 46.83
N GLU E 47 -34.07 -14.35 45.64
CA GLU E 47 -32.63 -14.36 45.47
C GLU E 47 -32.04 -13.08 46.06
N THR E 48 -31.03 -13.23 46.91
CA THR E 48 -30.49 -12.08 47.62
C THR E 48 -29.06 -12.36 48.04
N LEU E 49 -28.28 -11.29 48.17
CA LEU E 49 -26.89 -11.35 48.62
C LEU E 49 -26.73 -10.43 49.83
N ASP E 50 -25.60 -10.57 50.51
CA ASP E 50 -25.28 -9.77 51.69
C ASP E 50 -23.93 -9.11 51.52
N HIS E 51 -23.86 -7.81 51.81
CA HIS E 51 -22.64 -7.04 51.78
C HIS E 51 -22.05 -6.98 53.19
N TYR E 52 -20.72 -6.93 53.27
CA TYR E 52 -20.02 -7.21 54.51
C TYR E 52 -19.12 -6.05 54.93
N SER E 53 -18.83 -6.03 56.23
CA SER E 53 -17.75 -5.24 56.83
C SER E 53 -17.23 -6.03 58.02
N SER E 54 -16.40 -5.40 58.85
CA SER E 54 -15.87 -6.12 59.99
C SER E 54 -15.39 -5.14 61.05
N ASP E 55 -15.57 -5.53 62.31
CA ASP E 55 -14.97 -4.86 63.45
C ASP E 55 -13.57 -5.43 63.65
N HIS E 56 -12.95 -5.16 64.79
CA HIS E 56 -11.67 -5.81 65.09
C HIS E 56 -11.81 -7.31 65.16
N GLY E 57 -13.04 -7.83 65.18
CA GLY E 57 -13.29 -9.24 64.95
C GLY E 57 -13.26 -9.51 63.45
N MET E 58 -14.29 -10.16 62.93
CA MET E 58 -14.34 -10.48 61.50
C MET E 58 -15.76 -10.24 60.99
N ARG E 59 -16.05 -10.79 59.81
CA ARG E 59 -17.16 -10.35 58.97
C ARG E 59 -18.45 -10.11 59.76
N VAL E 60 -19.04 -8.95 59.52
CA VAL E 60 -20.39 -8.63 59.97
C VAL E 60 -21.13 -8.02 58.78
N MET E 61 -22.33 -8.51 58.51
CA MET E 61 -23.08 -8.07 57.34
C MET E 61 -23.55 -6.64 57.53
N ASP E 62 -23.27 -5.79 56.56
CA ASP E 62 -23.64 -4.38 56.62
C ASP E 62 -24.93 -4.09 55.87
N ALA E 63 -25.10 -4.68 54.69
CA ALA E 63 -26.30 -4.46 53.90
C ALA E 63 -26.66 -5.75 53.17
N SER E 64 -27.95 -5.91 52.92
CA SER E 64 -28.48 -7.03 52.16
C SER E 64 -29.16 -6.48 50.91
N VAL E 65 -29.05 -7.22 49.81
CA VAL E 65 -29.59 -6.80 48.52
C VAL E 65 -30.63 -7.81 48.08
N LEU E 66 -31.85 -7.33 47.83
CA LEU E 66 -32.91 -8.17 47.27
C LEU E 66 -32.76 -8.15 45.75
N LEU E 67 -32.13 -9.19 45.21
CA LEU E 67 -31.83 -9.22 43.78
C LEU E 67 -33.10 -9.05 42.96
N GLU E 68 -34.04 -9.99 43.10
CA GLU E 68 -35.33 -9.88 42.43
C GLU E 68 -36.32 -10.80 43.14
N ALA E 69 -37.50 -10.26 43.43
CA ALA E 69 -38.52 -11.01 44.16
C ALA E 69 -39.09 -12.11 43.28
N SER E 70 -39.26 -13.30 43.85
CA SER E 70 -39.80 -14.46 43.15
C SER E 70 -40.99 -14.98 43.95
N GLN E 71 -42.19 -14.55 43.56
CA GLN E 71 -43.43 -14.96 44.20
C GLN E 71 -44.17 -15.94 43.31
N GLY E 72 -44.89 -16.87 43.94
CA GLY E 72 -45.62 -17.87 43.20
C GLY E 72 -46.37 -18.79 44.13
N GLY E 73 -46.86 -19.89 43.56
CA GLY E 73 -47.60 -20.85 44.36
C GLY E 73 -48.18 -21.95 43.51
N THR E 74 -49.16 -22.66 44.08
CA THR E 74 -49.80 -23.78 43.42
C THR E 74 -51.19 -23.96 43.99
N PHE E 75 -52.09 -24.53 43.19
CA PHE E 75 -53.43 -24.85 43.65
C PHE E 75 -53.89 -26.13 42.97
N THR E 76 -54.91 -26.75 43.56
CA THR E 76 -55.51 -27.96 43.04
C THR E 76 -57.01 -27.75 42.84
N CYS E 77 -57.59 -28.55 41.96
CA CYS E 77 -59.01 -28.47 41.64
C CYS E 77 -59.68 -29.80 41.96
N ASP E 78 -60.91 -29.72 42.47
CA ASP E 78 -61.67 -30.89 42.87
C ASP E 78 -62.51 -31.45 41.72
N ASN E 79 -62.62 -30.73 40.60
CA ASN E 79 -63.52 -31.10 39.52
C ASN E 79 -62.75 -31.20 38.21
N ILE E 80 -63.27 -32.04 37.31
CA ILE E 80 -62.69 -32.24 35.99
C ILE E 80 -63.73 -31.83 34.96
N ASN E 81 -63.34 -30.94 34.05
CA ASN E 81 -64.24 -30.46 33.01
C ASN E 81 -63.39 -29.90 31.88
N ALA E 82 -64.07 -29.39 30.84
CA ALA E 82 -63.36 -28.98 29.63
C ALA E 82 -62.40 -27.84 29.90
N ASP E 83 -62.82 -26.84 30.67
CA ASP E 83 -61.99 -25.66 30.89
C ASP E 83 -60.74 -26.01 31.69
N ASN E 84 -60.90 -26.79 32.77
CA ASN E 84 -59.75 -27.19 33.57
C ASN E 84 -58.80 -28.05 32.76
N LEU E 85 -59.34 -28.97 31.95
CA LEU E 85 -58.49 -29.79 31.10
C LEU E 85 -57.72 -28.93 30.11
N ALA E 86 -58.39 -27.94 29.50
CA ALA E 86 -57.73 -27.06 28.55
C ALA E 86 -56.60 -26.28 29.22
N LEU E 87 -56.83 -25.82 30.46
CA LEU E 87 -55.78 -25.10 31.17
C LEU E 87 -54.65 -26.03 31.61
N TRP E 88 -54.95 -27.30 31.85
CA TRP E 88 -53.92 -28.23 32.30
C TRP E 88 -53.13 -28.82 31.14
N PHE E 89 -53.79 -29.08 30.02
CA PHE E 89 -53.18 -29.79 28.90
C PHE E 89 -52.53 -28.85 27.89
N LEU E 90 -52.55 -27.54 28.12
CA LEU E 90 -51.95 -26.58 27.21
C LEU E 90 -52.56 -26.69 25.82
N GLY E 91 -53.86 -26.37 25.74
CA GLY E 91 -54.54 -26.34 24.46
C GLY E 91 -55.89 -25.66 24.52
N GLU E 92 -56.83 -26.14 23.72
CA GLU E 92 -58.15 -25.53 23.62
C GLU E 92 -59.19 -26.62 23.41
N VAL E 93 -60.45 -26.23 23.51
CA VAL E 93 -61.58 -27.16 23.43
C VAL E 93 -62.10 -27.15 22.00
N SER E 94 -62.07 -28.31 21.36
CA SER E 94 -62.49 -28.47 19.96
C SER E 94 -63.85 -29.16 19.94
N ASN E 95 -64.91 -28.36 19.96
CA ASN E 95 -66.27 -28.85 19.79
C ASN E 95 -66.63 -28.83 18.31
N THR E 96 -67.12 -29.95 17.81
CA THR E 96 -67.35 -30.10 16.38
C THR E 96 -68.48 -31.11 16.16
N THR E 97 -68.65 -31.53 14.91
CA THR E 97 -69.70 -32.47 14.53
C THR E 97 -69.05 -33.68 13.88
N GLN E 98 -69.79 -34.80 13.87
CA GLN E 98 -69.26 -36.07 13.42
C GLN E 98 -69.15 -36.20 11.90
N THR E 99 -69.61 -35.20 11.14
CA THR E 99 -69.54 -35.24 9.68
C THR E 99 -70.30 -36.44 9.13
N GLN E 100 -71.62 -36.37 9.34
CA GLN E 100 -72.50 -37.47 8.96
C GLN E 100 -72.31 -37.86 7.49
N GLN E 101 -72.25 -39.16 7.25
CA GLN E 101 -72.19 -39.71 5.90
C GLN E 101 -72.51 -41.20 5.99
N THR E 102 -72.65 -41.82 4.83
CA THR E 102 -73.03 -43.22 4.73
C THR E 102 -71.97 -44.02 3.98
N ASP E 103 -71.92 -45.31 4.28
CA ASP E 103 -71.05 -46.25 3.59
C ASP E 103 -69.58 -45.81 3.66
N ALA E 104 -69.19 -45.24 4.80
CA ALA E 104 -67.77 -44.99 5.05
C ALA E 104 -67.04 -46.31 5.20
N LYS E 105 -65.85 -46.40 4.61
CA LYS E 105 -65.16 -47.66 4.45
C LYS E 105 -63.75 -47.57 5.02
N GLU E 106 -63.25 -48.72 5.47
CA GLU E 106 -61.88 -48.82 5.98
C GLU E 106 -61.38 -50.24 5.72
N VAL E 107 -60.06 -50.36 5.68
CA VAL E 107 -59.38 -51.66 5.59
C VAL E 107 -58.36 -51.74 6.71
N PHE E 108 -58.30 -52.88 7.37
CA PHE E 108 -57.36 -53.12 8.47
C PHE E 108 -56.56 -54.37 8.08
N ASN E 109 -55.45 -54.16 7.36
CA ASN E 109 -54.70 -55.30 6.83
C ASN E 109 -54.11 -56.15 7.96
N PRO E 110 -53.20 -55.63 8.81
CA PRO E 110 -52.70 -56.45 9.92
C PRO E 110 -53.63 -56.40 11.12
N ILE E 111 -54.25 -57.54 11.43
CA ILE E 111 -55.05 -57.70 12.63
C ILE E 111 -54.98 -59.17 13.04
N MET E 112 -54.63 -59.41 14.30
CA MET E 112 -54.19 -60.74 14.74
C MET E 112 -55.12 -61.31 15.82
N ARG E 113 -56.14 -62.06 15.36
CA ARG E 113 -56.79 -63.10 16.13
C ARG E 113 -56.99 -62.68 17.59
N GLY E 114 -57.74 -61.60 17.77
CA GLY E 114 -58.08 -61.13 19.10
C GLY E 114 -57.39 -59.84 19.48
N ARG E 115 -58.12 -58.73 19.38
CA ARG E 115 -57.58 -57.41 19.69
C ARG E 115 -58.70 -56.39 19.54
N TYR E 116 -58.51 -55.23 20.19
CA TYR E 116 -59.39 -54.09 20.03
C TYR E 116 -58.80 -53.16 18.97
N TYR E 117 -59.55 -52.91 17.92
CA TYR E 117 -59.16 -51.96 16.89
C TYR E 117 -60.26 -50.92 16.69
N GLN E 118 -59.87 -49.65 16.75
CA GLN E 118 -60.79 -48.54 16.54
C GLN E 118 -61.13 -48.39 15.06
N LEU E 119 -62.29 -47.81 14.80
CA LEU E 119 -62.73 -47.50 13.45
C LEU E 119 -63.00 -46.01 13.32
N GLY E 120 -62.95 -45.52 12.08
CA GLY E 120 -63.23 -44.13 11.81
C GLY E 120 -62.19 -43.16 12.36
N THR E 121 -60.91 -43.52 12.27
CA THR E 121 -59.85 -42.65 12.74
C THR E 121 -59.41 -41.71 11.62
N THR E 122 -60.36 -40.98 11.04
CA THR E 122 -60.07 -40.09 9.94
C THR E 122 -59.46 -38.78 10.46
N ASP E 123 -59.21 -37.85 9.53
CA ASP E 123 -58.57 -36.58 9.90
C ASP E 123 -59.44 -35.79 10.87
N ASP E 124 -60.74 -35.75 10.63
CA ASP E 124 -61.66 -35.07 11.53
C ASP E 124 -62.04 -35.93 12.73
N ASN E 125 -61.47 -37.13 12.85
CA ASN E 125 -61.73 -38.04 13.96
C ASN E 125 -60.41 -38.53 14.53
N PRO E 126 -59.63 -37.65 15.15
CA PRO E 126 -58.40 -38.12 15.83
C PRO E 126 -58.70 -39.19 16.88
N THR E 127 -59.83 -39.06 17.57
CA THR E 127 -60.25 -40.03 18.57
C THR E 127 -61.10 -41.15 17.98
N GLY E 128 -61.33 -41.13 16.67
CA GLY E 128 -62.26 -42.05 16.04
C GLY E 128 -63.66 -41.50 15.98
N VAL E 129 -64.50 -42.17 15.19
CA VAL E 129 -65.87 -41.76 15.00
C VAL E 129 -66.76 -42.56 15.95
N ARG E 130 -67.99 -42.09 16.14
CA ARG E 130 -68.91 -42.68 17.10
C ARG E 130 -70.26 -42.92 16.42
N GLY E 131 -71.09 -43.70 17.11
CA GLY E 131 -72.46 -43.90 16.64
C GLY E 131 -72.59 -44.64 15.34
N VAL E 132 -71.75 -45.66 15.12
CA VAL E 132 -71.91 -46.51 13.95
C VAL E 132 -73.19 -47.33 14.09
N THR E 133 -73.98 -47.39 13.01
CA THR E 133 -75.27 -48.06 13.04
C THR E 133 -75.35 -49.24 12.10
N ASN E 134 -75.00 -49.07 10.82
CA ASN E 134 -75.13 -50.11 9.81
C ASN E 134 -73.83 -50.88 9.58
N PHE E 135 -73.04 -51.08 10.62
CA PHE E 135 -71.73 -51.70 10.50
C PHE E 135 -71.75 -52.92 9.58
N GLN E 136 -70.93 -52.87 8.55
CA GLN E 136 -70.71 -54.00 7.64
C GLN E 136 -69.26 -54.43 7.74
N MET E 137 -68.90 -55.47 6.98
CA MET E 137 -67.58 -56.05 7.12
C MET E 137 -67.36 -57.09 6.05
N VAL E 138 -66.12 -57.15 5.55
CA VAL E 138 -65.65 -58.21 4.66
C VAL E 138 -64.16 -58.41 4.92
N LYS E 139 -63.61 -59.46 4.34
CA LYS E 139 -62.18 -59.75 4.49
C LYS E 139 -61.66 -60.37 3.20
N ALA E 140 -60.33 -60.37 3.09
CA ALA E 140 -59.64 -60.99 1.96
C ALA E 140 -58.24 -61.36 2.43
N ASP E 141 -57.46 -61.93 1.53
CA ASP E 141 -56.09 -62.31 1.85
C ASP E 141 -55.25 -61.07 2.17
N ALA E 142 -54.28 -61.24 3.07
CA ALA E 142 -53.44 -60.14 3.50
C ALA E 142 -52.31 -59.89 2.50
N SER E 143 -52.66 -59.69 1.24
CA SER E 143 -51.68 -59.47 0.18
C SER E 143 -51.97 -58.26 -0.67
N ILE E 144 -53.23 -57.95 -0.93
CA ILE E 144 -53.62 -56.91 -1.88
C ILE E 144 -54.36 -55.83 -1.12
N ALA E 145 -53.73 -54.66 -0.97
CA ALA E 145 -54.33 -53.55 -0.24
C ALA E 145 -55.36 -52.84 -1.10
N ILE E 146 -56.36 -53.58 -1.56
CA ILE E 146 -57.42 -53.02 -2.40
C ILE E 146 -58.47 -52.36 -1.52
N SER E 147 -59.12 -51.34 -2.09
CA SER E 147 -60.15 -50.60 -1.38
C SER E 147 -61.37 -51.49 -1.13
N VAL E 148 -62.12 -51.15 -0.09
CA VAL E 148 -63.38 -51.83 0.16
C VAL E 148 -64.34 -51.53 -0.99
N GLY E 149 -65.24 -52.46 -1.24
CA GLY E 149 -66.16 -52.32 -2.35
C GLY E 149 -66.97 -51.06 -2.29
N SER E 150 -66.80 -50.18 -3.28
CA SER E 150 -67.59 -48.96 -3.35
C SER E 150 -69.07 -49.30 -3.30
N GLY E 151 -69.74 -48.86 -2.24
CA GLY E 151 -71.11 -49.28 -1.99
C GLY E 151 -71.13 -50.70 -1.47
N ASP E 152 -71.58 -51.64 -2.30
CA ASP E 152 -71.53 -53.05 -1.94
C ASP E 152 -70.09 -53.45 -1.67
N ILE E 153 -69.79 -53.80 -0.41
CA ILE E 153 -68.42 -54.09 -0.01
C ILE E 153 -67.98 -55.50 -0.37
N THR E 154 -68.86 -56.34 -0.89
CA THR E 154 -68.61 -57.76 -1.03
C THR E 154 -68.22 -58.18 -2.45
N SER E 155 -67.78 -57.22 -3.29
CA SER E 155 -67.41 -57.51 -4.67
C SER E 155 -65.96 -57.08 -4.89
N ILE E 156 -65.03 -57.96 -4.48
CA ILE E 156 -63.60 -57.71 -4.66
C ILE E 156 -62.93 -59.08 -4.64
N VAL E 157 -61.70 -59.15 -5.16
CA VAL E 157 -60.92 -60.36 -5.05
C VAL E 157 -60.87 -60.80 -3.60
N GLY E 158 -61.23 -62.06 -3.35
CA GLY E 158 -61.26 -62.58 -2.00
C GLY E 158 -62.26 -61.93 -1.08
N ALA E 159 -63.22 -61.17 -1.63
CA ALA E 159 -64.21 -60.51 -0.80
C ALA E 159 -65.09 -61.54 -0.11
N THR E 160 -65.08 -61.53 1.22
CA THR E 160 -65.86 -62.47 2.00
C THR E 160 -66.35 -61.78 3.26
N VAL E 161 -67.64 -61.98 3.57
CA VAL E 161 -68.24 -61.33 4.73
C VAL E 161 -67.75 -61.99 6.01
N VAL E 162 -67.50 -61.17 7.02
CA VAL E 162 -67.14 -61.65 8.35
C VAL E 162 -68.43 -61.71 9.15
N ASN E 163 -68.93 -62.93 9.39
CA ASN E 163 -70.21 -63.10 10.03
C ASN E 163 -70.14 -62.68 11.50
N PRO E 164 -71.29 -62.38 12.11
CA PRO E 164 -71.28 -61.68 13.41
C PRO E 164 -71.09 -62.59 14.60
N ALA E 165 -70.64 -63.83 14.40
CA ALA E 165 -70.44 -64.75 15.50
C ALA E 165 -69.12 -65.49 15.32
N GLY E 166 -68.44 -65.73 16.44
CA GLY E 166 -67.22 -66.52 16.44
C GLY E 166 -66.01 -65.78 15.91
N ASN E 167 -66.20 -64.52 15.54
CA ASN E 167 -65.10 -63.74 14.97
C ASN E 167 -64.90 -62.40 15.65
N TYR E 168 -65.98 -61.73 16.08
CA TYR E 168 -65.85 -60.39 16.62
C TYR E 168 -67.09 -60.05 17.44
N GLU E 169 -66.96 -59.00 18.24
CA GLU E 169 -68.09 -58.31 18.84
C GLU E 169 -67.87 -56.81 18.65
N ILE E 170 -68.96 -56.08 18.48
CA ILE E 170 -68.90 -54.66 18.13
C ILE E 170 -69.80 -53.87 19.07
N ASP E 171 -69.30 -52.71 19.51
CA ASP E 171 -70.08 -51.74 20.28
C ASP E 171 -70.47 -50.62 19.34
N LEU E 172 -71.71 -50.66 18.87
CA LEU E 172 -72.15 -49.73 17.83
C LEU E 172 -72.04 -48.28 18.28
N GLU E 173 -72.42 -48.01 19.54
CA GLU E 173 -72.46 -46.63 20.02
C GLU E 173 -71.09 -46.00 20.06
N ALA E 174 -70.06 -46.75 20.46
CA ALA E 174 -68.71 -46.23 20.60
C ALA E 174 -67.85 -46.42 19.36
N GLY E 175 -67.95 -47.57 18.70
CA GLY E 175 -67.18 -47.80 17.49
C GLY E 175 -65.84 -48.46 17.76
N ARG E 176 -65.86 -49.58 18.48
CA ARG E 176 -64.66 -50.37 18.76
C ARG E 176 -64.90 -51.79 18.29
N ILE E 177 -64.23 -52.19 17.21
CA ILE E 177 -64.30 -53.57 16.76
C ILE E 177 -63.39 -54.42 17.64
N TYR E 178 -63.96 -55.44 18.28
CA TYR E 178 -63.19 -56.40 19.06
C TYR E 178 -63.18 -57.74 18.34
N ILE E 179 -62.00 -58.24 18.06
CA ILE E 179 -61.85 -59.58 17.52
C ILE E 179 -61.80 -60.55 18.68
N GLU E 180 -62.48 -61.68 18.52
CA GLU E 180 -62.59 -62.67 19.58
C GLU E 180 -61.39 -63.59 19.58
N PRO E 181 -61.09 -64.24 20.72
CA PRO E 181 -59.90 -65.07 20.78
C PRO E 181 -60.00 -66.35 19.96
N ASP E 182 -61.21 -66.81 19.65
CA ASP E 182 -61.36 -67.98 18.80
C ASP E 182 -61.11 -67.64 17.34
N SER E 183 -61.82 -66.64 16.81
CA SER E 183 -61.68 -66.21 15.43
C SER E 183 -61.74 -67.41 14.49
N THR E 184 -62.89 -68.08 14.52
CA THR E 184 -63.07 -69.30 13.74
C THR E 184 -62.79 -69.07 12.26
N ASP E 185 -63.21 -67.90 11.75
CA ASP E 185 -63.04 -67.58 10.33
C ASP E 185 -62.04 -66.45 10.10
N LEU E 186 -61.64 -65.75 11.15
CA LEU E 186 -60.68 -64.64 11.04
C LEU E 186 -59.25 -65.06 11.36
N SER E 187 -59.04 -66.24 11.95
CA SER E 187 -57.72 -66.65 12.41
C SER E 187 -56.84 -67.00 11.21
N GLY E 188 -56.13 -66.00 10.72
CA GLY E 188 -55.22 -66.23 9.61
C GLY E 188 -54.63 -64.93 9.11
N ASN E 189 -53.82 -65.05 8.07
CA ASN E 189 -53.21 -63.89 7.42
C ASN E 189 -54.19 -63.26 6.42
N VAL E 190 -55.34 -62.85 6.97
CA VAL E 190 -56.48 -62.41 6.17
C VAL E 190 -56.65 -60.91 6.31
N GLN E 191 -56.73 -60.23 5.17
CA GLN E 191 -57.04 -58.81 5.13
C GLN E 191 -58.47 -58.56 5.60
N ILE E 192 -58.64 -57.85 6.70
CA ILE E 192 -59.96 -57.51 7.21
C ILE E 192 -60.37 -56.15 6.65
N ALA E 193 -61.61 -56.06 6.19
CA ALA E 193 -62.15 -54.84 5.62
C ALA E 193 -63.42 -54.45 6.37
N VAL E 194 -63.69 -53.15 6.40
CA VAL E 194 -64.76 -52.60 7.24
C VAL E 194 -65.52 -51.52 6.48
N GLN E 195 -66.81 -51.44 6.76
CA GLN E 195 -67.64 -50.32 6.30
C GLN E 195 -68.67 -50.03 7.38
N TYR E 196 -69.11 -48.78 7.43
CA TYR E 196 -70.04 -48.34 8.47
C TYR E 196 -70.69 -47.04 8.02
N ASP E 197 -71.71 -46.64 8.76
CA ASP E 197 -72.37 -45.35 8.57
C ASP E 197 -72.51 -44.66 9.92
N VAL E 198 -72.45 -43.34 9.90
CA VAL E 198 -72.46 -42.53 11.13
C VAL E 198 -73.58 -41.52 11.04
N ASP E 199 -74.05 -41.09 12.22
CA ASP E 199 -75.09 -40.09 12.35
C ASP E 199 -74.47 -38.72 12.65
N ALA E 200 -75.31 -37.73 12.93
CA ALA E 200 -74.94 -36.32 12.87
C ALA E 200 -74.98 -35.64 14.24
N GLN E 201 -74.44 -36.27 15.26
CA GLN E 201 -74.41 -35.69 16.59
C GLN E 201 -73.14 -34.85 16.77
N LYS E 202 -73.06 -34.17 17.91
CA LYS E 202 -71.94 -33.30 18.23
C LYS E 202 -70.90 -34.03 19.06
N ARG E 203 -69.75 -33.39 19.22
CA ARG E 203 -68.66 -33.95 20.00
C ARG E 203 -67.77 -32.81 20.49
N THR E 204 -67.05 -33.08 21.58
CA THR E 204 -66.10 -32.13 22.16
C THR E 204 -64.80 -32.85 22.44
N LEU E 205 -63.70 -32.30 21.95
CA LEU E 205 -62.37 -32.87 22.15
C LEU E 205 -61.43 -31.80 22.67
N VAL E 206 -60.73 -32.11 23.76
CA VAL E 206 -59.74 -31.21 24.33
C VAL E 206 -58.37 -31.64 23.85
N ILE E 207 -57.60 -30.69 23.33
CA ILE E 207 -56.27 -30.95 22.78
C ILE E 207 -55.25 -30.24 23.65
N GLY E 208 -54.01 -30.72 23.60
CA GLY E 208 -52.91 -30.04 24.25
C GLY E 208 -51.82 -29.69 23.25
N LYS E 209 -51.63 -28.38 23.02
CA LYS E 209 -50.69 -27.92 21.99
C LYS E 209 -49.78 -26.84 22.57
N SER E 210 -49.27 -27.05 23.79
CA SER E 210 -48.17 -26.29 24.35
C SER E 210 -48.42 -24.78 24.34
N ASN E 211 -49.67 -24.33 24.26
CA ASN E 211 -49.96 -22.90 24.22
C ASN E 211 -49.77 -22.32 25.62
N MET E 212 -48.63 -21.67 25.85
CA MET E 212 -48.36 -21.09 27.15
C MET E 212 -49.48 -20.13 27.52
N VAL E 213 -50.01 -20.27 28.73
CA VAL E 213 -51.20 -19.57 29.15
C VAL E 213 -50.80 -18.47 30.14
N TYR E 214 -51.02 -17.22 29.73
CA TYR E 214 -50.95 -16.08 30.63
C TYR E 214 -52.36 -15.63 30.96
N GLY E 215 -52.60 -15.30 32.23
CA GLY E 215 -53.95 -14.93 32.62
C GLY E 215 -53.96 -14.26 33.98
N ALA E 216 -55.16 -13.85 34.38
CA ALA E 216 -55.38 -13.22 35.66
C ALA E 216 -56.00 -14.23 36.64
N LEU E 217 -55.70 -14.04 37.92
CA LEU E 217 -56.22 -14.91 38.97
C LEU E 217 -56.77 -14.04 40.08
N ARG E 218 -57.96 -14.40 40.57
CA ARG E 218 -58.62 -13.69 41.66
C ARG E 218 -59.10 -14.70 42.69
N MET E 219 -59.58 -14.18 43.82
CA MET E 219 -60.07 -15.04 44.89
C MET E 219 -61.00 -14.24 45.79
N ILE E 220 -62.04 -14.91 46.28
CA ILE E 220 -62.91 -14.40 47.33
C ILE E 220 -62.87 -15.39 48.47
N SER E 221 -62.61 -14.91 49.69
CA SER E 221 -62.42 -15.75 50.86
C SER E 221 -63.55 -15.49 51.85
N ASP E 222 -64.64 -16.23 51.70
CA ASP E 222 -65.76 -16.18 52.65
C ASP E 222 -65.50 -17.16 53.80
N ASN E 223 -64.47 -16.87 54.57
CA ASN E 223 -64.03 -17.77 55.61
C ASN E 223 -65.14 -17.95 56.64
N PRO E 224 -65.48 -19.19 57.02
CA PRO E 224 -66.62 -19.39 57.93
C PRO E 224 -66.35 -18.92 59.34
N VAL E 225 -65.10 -18.74 59.74
CA VAL E 225 -64.76 -18.38 61.12
C VAL E 225 -63.84 -17.17 61.14
N GLY E 226 -63.77 -16.44 60.03
CA GLY E 226 -62.89 -15.30 59.95
C GLY E 226 -63.36 -14.30 58.91
N LEU E 227 -62.69 -13.14 58.91
CA LEU E 227 -63.07 -12.07 58.01
C LEU E 227 -62.65 -12.39 56.58
N ASN E 228 -63.10 -11.55 55.66
CA ASN E 228 -62.89 -11.73 54.24
C ASN E 228 -61.79 -10.81 53.71
N LYS E 229 -61.07 -11.30 52.70
CA LYS E 229 -60.12 -10.50 51.95
C LYS E 229 -60.07 -11.05 50.52
N ASN E 230 -59.67 -10.19 49.60
CA ASN E 230 -59.69 -10.53 48.17
C ASN E 230 -58.28 -10.52 47.62
N TYR E 231 -57.90 -11.60 46.94
CA TYR E 231 -56.60 -11.71 46.30
C TYR E 231 -56.76 -11.53 44.79
N TYR E 232 -55.80 -10.82 44.19
CA TYR E 232 -55.84 -10.52 42.76
C TYR E 232 -54.42 -10.58 42.22
N PHE E 233 -54.18 -11.50 41.29
CA PHE E 233 -52.89 -11.61 40.60
C PHE E 233 -53.08 -11.14 39.16
N PRO E 234 -52.61 -9.94 38.79
CA PRO E 234 -52.90 -9.43 37.45
C PRO E 234 -52.41 -10.33 36.33
N LYS E 235 -51.25 -10.96 36.47
CA LYS E 235 -50.70 -11.78 35.41
C LYS E 235 -49.99 -12.98 36.02
N VAL E 236 -50.41 -14.18 35.63
CA VAL E 236 -49.81 -15.42 36.12
C VAL E 236 -49.63 -16.37 34.94
N SER E 237 -48.72 -17.33 35.13
CA SER E 237 -48.45 -18.37 34.15
C SER E 237 -48.88 -19.71 34.73
N ILE E 238 -49.78 -20.40 34.03
CA ILE E 238 -50.36 -21.65 34.51
C ILE E 238 -49.78 -22.81 33.72
N ALA E 239 -49.46 -23.89 34.43
CA ALA E 239 -48.88 -25.07 33.80
C ALA E 239 -49.29 -26.29 34.63
N PRO E 240 -49.29 -27.48 34.05
CA PRO E 240 -49.62 -28.68 34.82
C PRO E 240 -48.57 -28.98 35.87
N ASP E 241 -48.99 -29.62 36.94
CA ASP E 241 -48.14 -29.90 38.09
C ASP E 241 -48.15 -31.40 38.38
N GLY E 242 -47.16 -32.10 37.82
CA GLY E 242 -46.91 -33.47 38.23
C GLY E 242 -48.01 -34.44 37.85
N ASP E 243 -48.25 -35.41 38.72
CA ASP E 243 -49.06 -36.59 38.42
C ASP E 243 -50.54 -36.28 38.58
N TYR E 244 -51.14 -35.82 37.48
CA TYR E 244 -52.59 -35.79 37.36
C TYR E 244 -53.09 -37.20 37.07
N ALA E 245 -53.65 -37.86 38.08
CA ALA E 245 -53.98 -39.27 38.01
C ALA E 245 -55.46 -39.44 37.70
N LEU E 246 -55.76 -40.17 36.62
CA LEU E 246 -57.14 -40.48 36.26
C LEU E 246 -57.60 -41.82 36.82
N LYS E 247 -56.69 -42.63 37.34
CA LYS E 247 -57.00 -43.97 37.85
C LYS E 247 -56.91 -43.97 39.36
N GLY E 248 -57.19 -45.14 39.96
CA GLY E 248 -57.28 -45.24 41.39
C GLY E 248 -58.61 -44.71 41.89
N ASP E 249 -59.09 -45.24 43.01
CA ASP E 249 -60.40 -44.87 43.53
C ASP E 249 -60.40 -43.53 44.25
N ASP E 250 -59.32 -42.76 44.16
CA ASP E 250 -59.30 -41.43 44.72
C ASP E 250 -60.02 -40.45 43.79
N TRP E 251 -60.31 -39.27 44.33
CA TRP E 251 -60.95 -38.23 43.53
C TRP E 251 -60.02 -37.77 42.41
N GLN E 252 -60.62 -37.28 41.33
CA GLN E 252 -59.87 -36.85 40.15
C GLN E 252 -59.18 -35.51 40.41
N VAL E 253 -58.26 -35.53 41.38
CA VAL E 253 -57.55 -34.32 41.75
C VAL E 253 -56.55 -33.95 40.66
N MET E 254 -56.43 -32.65 40.40
CA MET E 254 -55.45 -32.13 39.46
C MET E 254 -54.74 -30.95 40.12
N SER E 255 -53.45 -30.82 39.82
CA SER E 255 -52.60 -29.81 40.43
C SER E 255 -52.19 -28.78 39.38
N PHE E 256 -52.34 -27.50 39.72
CA PHE E 256 -52.04 -26.40 38.83
C PHE E 256 -50.95 -25.54 39.46
N THR E 257 -49.80 -25.45 38.78
CA THR E 257 -48.73 -24.57 39.22
C THR E 257 -48.89 -23.20 38.59
N PHE E 258 -48.65 -22.15 39.37
CA PHE E 258 -48.75 -20.79 38.88
C PHE E 258 -47.62 -19.95 39.44
N LYS E 259 -47.13 -19.03 38.62
CA LYS E 259 -46.17 -18.03 39.05
C LYS E 259 -46.61 -16.67 38.53
N ALA E 260 -46.33 -15.63 39.30
CA ALA E 260 -46.84 -14.30 39.02
C ALA E 260 -45.74 -13.38 38.51
N MET E 261 -46.16 -12.42 37.70
CA MET E 261 -45.27 -11.38 37.21
C MET E 261 -46.11 -10.14 36.94
N GLN E 262 -45.45 -8.98 36.92
CA GLN E 262 -46.16 -7.73 36.71
C GLN E 262 -46.76 -7.70 35.32
N LEU E 263 -48.09 -7.50 35.26
CA LEU E 263 -48.76 -7.34 33.97
C LEU E 263 -48.12 -6.21 33.18
N ASN E 264 -47.98 -5.06 33.81
CA ASN E 264 -47.18 -3.95 33.29
C ASN E 264 -46.52 -3.27 34.48
N ASN E 265 -45.42 -2.57 34.21
CA ASN E 265 -44.66 -1.97 35.30
C ASN E 265 -45.47 -0.96 36.10
N ILE E 266 -46.65 -0.57 35.64
CA ILE E 266 -47.53 0.25 36.47
C ILE E 266 -48.23 -0.62 37.50
N THR E 267 -48.85 -1.71 37.04
CA THR E 267 -49.50 -2.63 37.96
C THR E 267 -48.46 -3.37 38.79
N GLN E 268 -48.71 -3.46 40.10
CA GLN E 268 -47.78 -4.14 40.99
C GLN E 268 -47.94 -5.65 40.85
N ARG E 269 -47.05 -6.38 41.53
CA ARG E 269 -46.98 -7.82 41.34
C ARG E 269 -48.29 -8.50 41.76
N VAL E 270 -48.85 -8.11 42.90
CA VAL E 270 -50.05 -8.76 43.43
C VAL E 270 -50.82 -7.74 44.26
N TYR E 271 -52.14 -7.91 44.30
CA TYR E 271 -53.03 -7.08 45.09
C TYR E 271 -53.84 -7.96 46.03
N ILE E 272 -53.96 -7.53 47.28
CA ILE E 272 -54.75 -8.21 48.29
C ILE E 272 -55.62 -7.17 48.97
N ASP E 273 -56.89 -7.13 48.62
CA ASP E 273 -57.79 -6.11 49.15
C ASP E 273 -58.26 -6.46 50.55
N ILE E 274 -58.24 -5.47 51.43
CA ILE E 274 -58.77 -5.60 52.78
C ILE E 274 -60.10 -4.86 52.81
N VAL E 275 -61.19 -5.60 53.09
CA VAL E 275 -62.54 -5.05 53.06
C VAL E 275 -63.29 -5.48 54.31
N GLU E 276 -64.31 -4.71 54.64
CA GLU E 276 -65.13 -4.98 55.82
C GLU E 276 -66.42 -5.70 55.43
N SER F 1400 2.96 -24.51 16.21
CA SER F 1400 3.38 -24.84 14.81
C SER F 1400 3.34 -23.60 13.93
N LYS F 1401 2.36 -22.74 14.15
CA LYS F 1401 2.16 -21.54 13.34
C LYS F 1401 2.90 -20.34 13.89
N VAL F 1402 3.84 -20.53 14.81
CA VAL F 1402 4.56 -19.42 15.43
C VAL F 1402 5.16 -18.51 14.37
N PRO F 1403 5.72 -19.04 13.28
CA PRO F 1403 6.33 -18.15 12.28
C PRO F 1403 5.41 -17.06 11.75
N GLU F 1404 4.13 -17.36 11.51
CA GLU F 1404 3.24 -16.33 10.97
C GLU F 1404 2.94 -15.27 12.01
N ALA F 1405 2.81 -15.67 13.28
CA ALA F 1405 2.64 -14.68 14.35
C ALA F 1405 3.82 -13.73 14.44
N MET F 1406 5.00 -14.14 13.96
CA MET F 1406 6.16 -13.27 13.92
C MET F 1406 6.11 -12.29 12.75
N ASN F 1407 5.21 -12.51 11.80
CA ASN F 1407 5.08 -11.66 10.62
C ASN F 1407 4.23 -10.42 10.88
N THR F 1408 3.72 -10.25 12.09
CA THR F 1408 2.93 -9.08 12.44
C THR F 1408 3.85 -7.85 12.48
N PRO F 1409 3.28 -6.65 12.62
CA PRO F 1409 4.11 -5.44 12.57
C PRO F 1409 5.25 -5.43 13.56
N GLU F 1410 5.09 -6.03 14.74
CA GLU F 1410 6.20 -6.11 15.68
C GLU F 1410 7.34 -6.95 15.11
N GLY F 1411 7.08 -7.72 14.07
CA GLY F 1411 8.17 -8.44 13.41
C GLY F 1411 9.24 -7.51 12.87
N GLU F 1412 8.85 -6.33 12.40
CA GLU F 1412 9.83 -5.35 11.95
C GLU F 1412 10.76 -4.97 13.10
N LYS F 1413 10.21 -4.59 14.24
CA LYS F 1413 11.04 -4.31 15.40
C LYS F 1413 11.80 -5.55 15.83
N ALA F 1414 11.13 -6.71 15.81
CA ALA F 1414 11.79 -7.95 16.22
C ALA F 1414 13.03 -8.21 15.37
N VAL F 1415 12.87 -8.21 14.05
CA VAL F 1415 13.99 -8.51 13.17
C VAL F 1415 15.07 -7.45 13.33
N MET F 1416 14.68 -6.17 13.31
CA MET F 1416 15.67 -5.10 13.37
C MET F 1416 16.49 -5.21 14.65
N GLN F 1417 15.83 -5.31 15.80
CA GLN F 1417 16.55 -5.34 17.06
C GLN F 1417 17.37 -6.63 17.20
N ILE F 1418 16.80 -7.78 16.82
CA ILE F 1418 17.50 -9.04 17.00
C ILE F 1418 18.78 -9.06 16.16
N LEU F 1419 18.68 -8.67 14.89
CA LEU F 1419 19.84 -8.75 14.02
C LEU F 1419 20.77 -7.55 14.16
N GLN F 1420 20.31 -6.46 14.79
CA GLN F 1420 21.20 -5.34 15.07
C GLN F 1420 22.07 -5.58 16.29
N ARG F 1421 21.66 -6.48 17.19
CA ARG F 1421 22.51 -6.86 18.31
C ARG F 1421 23.61 -7.82 17.88
N ASN F 1422 23.59 -8.32 16.65
CA ASN F 1422 24.57 -9.27 16.14
C ASN F 1422 25.10 -8.81 14.79
N VAL F 1423 25.45 -7.52 14.70
CA VAL F 1423 26.08 -7.01 13.48
C VAL F 1423 27.34 -7.80 13.12
N PRO F 1424 28.26 -8.11 14.05
CA PRO F 1424 29.42 -8.91 13.65
C PRO F 1424 29.06 -10.25 13.04
N THR F 1425 28.00 -10.91 13.55
CA THR F 1425 27.56 -12.15 12.94
C THR F 1425 27.08 -11.92 11.51
N LEU F 1426 26.33 -10.85 11.28
CA LEU F 1426 25.89 -10.51 9.93
C LEU F 1426 27.08 -10.34 9.01
N LYS F 1427 28.09 -9.59 9.46
CA LYS F 1427 29.27 -9.37 8.63
C LYS F 1427 30.00 -10.70 8.37
N ASN F 1428 30.08 -11.56 9.38
CA ASN F 1428 30.78 -12.82 9.22
C ASN F 1428 30.09 -13.72 8.21
N LEU F 1429 28.76 -13.78 8.25
CA LEU F 1429 28.04 -14.73 7.39
C LEU F 1429 27.91 -14.21 5.96
N VAL F 1430 27.43 -12.99 5.79
CA VAL F 1430 27.18 -12.47 4.45
C VAL F 1430 28.50 -12.09 3.79
N GLY F 1431 29.58 -12.11 4.56
CA GLY F 1431 30.89 -11.79 4.03
C GLY F 1431 31.33 -12.73 2.92
N MET G 1 22.12 14.91 -2.48
CA MET G 1 21.55 14.64 -1.13
C MET G 1 20.66 13.40 -1.11
N TRP G 2 20.29 12.89 -2.29
CA TRP G 2 19.52 11.66 -2.33
C TRP G 2 20.28 10.52 -1.67
N TRP G 3 21.61 10.62 -1.56
CA TRP G 3 22.35 9.72 -0.68
C TRP G 3 21.92 9.92 0.76
N ALA G 4 21.73 11.18 1.18
CA ALA G 4 21.29 11.45 2.54
C ALA G 4 19.92 10.81 2.81
N LEU G 5 19.01 10.90 1.84
CA LEU G 5 17.73 10.21 1.99
C LEU G 5 17.88 8.70 1.87
N ALA G 6 18.87 8.24 1.09
CA ALA G 6 19.13 6.81 1.00
C ALA G 6 19.57 6.25 2.35
N MET G 7 20.38 7.00 3.08
CA MET G 7 20.80 6.61 4.42
C MET G 7 19.73 6.88 5.48
N LEU G 8 18.49 7.11 5.06
CA LEU G 8 17.38 7.23 6.01
C LEU G 8 17.18 5.95 6.81
N VAL G 9 17.73 4.82 6.33
CA VAL G 9 17.64 3.55 7.06
C VAL G 9 18.69 3.41 8.14
N ALA G 10 19.59 4.38 8.29
CA ALA G 10 20.73 4.24 9.17
C ALA G 10 20.29 4.07 10.62
N SER G 11 21.26 3.76 11.48
CA SER G 11 21.04 3.60 12.90
C SER G 11 21.28 4.89 13.68
N VAL G 12 21.37 6.02 12.99
CA VAL G 12 21.58 7.31 13.64
C VAL G 12 20.52 8.29 13.15
N GLU G 50 28.63 9.25 9.02
CA GLU G 50 28.64 9.21 7.57
C GLU G 50 30.05 9.01 7.02
N VAL G 51 31.00 8.74 7.92
CA VAL G 51 32.37 8.47 7.49
C VAL G 51 32.40 7.21 6.65
N TRP G 52 33.30 7.18 5.67
CA TRP G 52 33.41 6.05 4.76
C TRP G 52 34.88 5.78 4.44
N THR G 53 35.14 4.55 4.04
CA THR G 53 36.50 4.13 3.65
C THR G 53 36.34 3.01 2.63
N ALA G 54 36.58 3.30 1.36
CA ALA G 54 36.37 2.31 0.32
C ALA G 54 37.09 2.71 -0.95
N ASP G 55 37.26 1.75 -1.84
CA ASP G 55 37.72 1.98 -3.20
C ASP G 55 36.51 2.00 -4.13
N TRP G 56 36.76 2.31 -5.40
CA TRP G 56 35.70 2.65 -6.33
C TRP G 56 35.46 1.53 -7.34
N GLN G 57 34.20 1.42 -7.76
CA GLN G 57 33.82 0.63 -8.92
C GLN G 57 33.84 1.56 -10.12
N VAL G 58 34.57 1.17 -11.16
CA VAL G 58 34.95 2.11 -12.22
C VAL G 58 33.73 2.85 -12.74
N LEU G 59 33.91 4.16 -12.95
CA LEU G 59 32.90 5.00 -13.59
C LEU G 59 33.55 5.74 -14.76
N GLY G 60 32.82 6.67 -15.37
CA GLY G 60 33.33 7.36 -16.54
C GLY G 60 34.20 8.55 -16.22
N PHE G 61 35.32 8.32 -15.54
CA PHE G 61 36.23 9.41 -15.18
C PHE G 61 37.49 9.38 -16.05
N GLY G 62 38.13 8.22 -16.18
CA GLY G 62 39.36 8.10 -16.96
C GLY G 62 39.24 8.83 -18.28
N ASN G 63 40.08 9.83 -18.47
CA ASN G 63 39.87 10.83 -19.51
C ASN G 63 40.76 10.58 -20.72
N PHE G 64 40.14 10.64 -21.90
CA PHE G 64 40.87 10.79 -23.14
C PHE G 64 40.16 11.71 -24.12
N ARG G 65 39.01 12.26 -23.76
CA ARG G 65 38.28 13.19 -24.61
C ARG G 65 37.49 14.13 -23.70
N THR G 66 37.83 15.42 -23.71
CA THR G 66 37.09 16.39 -22.91
C THR G 66 35.64 16.44 -23.37
N LYS G 67 34.73 16.60 -22.41
CA LYS G 67 33.30 16.67 -22.69
C LYS G 67 32.70 17.82 -21.90
N ALA G 68 32.57 18.99 -22.54
CA ALA G 68 31.85 20.09 -21.93
C ALA G 68 30.37 19.78 -21.75
N VAL G 69 29.87 18.72 -22.39
CA VAL G 69 28.51 18.24 -22.18
C VAL G 69 28.54 16.75 -22.42
N LYS G 70 27.60 16.03 -21.78
CA LYS G 70 27.56 14.58 -21.91
C LYS G 70 27.04 14.22 -23.29
N ALA G 71 27.91 13.66 -24.13
CA ALA G 71 27.53 12.95 -25.33
C ALA G 71 27.60 11.44 -25.13
N LYS G 72 27.62 10.99 -23.88
CA LYS G 72 27.85 9.60 -23.57
C LYS G 72 29.18 9.17 -24.16
N GLN G 73 29.39 7.88 -24.36
CA GLN G 73 30.63 7.42 -24.96
C GLN G 73 30.49 5.95 -25.30
N ALA G 74 31.41 5.47 -26.14
CA ALA G 74 31.52 4.05 -26.40
C ALA G 74 32.12 3.35 -25.18
N LYS G 75 32.44 2.07 -25.34
CA LYS G 75 33.09 1.30 -24.30
C LYS G 75 34.27 0.48 -24.81
N LYS G 76 34.36 0.23 -26.11
CA LYS G 76 35.40 -0.62 -26.67
C LYS G 76 35.25 -2.06 -26.17
FE FE H . 22.39 -5.44 -39.80
#